data_9EOO
# 
_entry.id   9EOO 
# 
_audit_conform.dict_name       mmcif_pdbx.dic 
_audit_conform.dict_version    5.404 
_audit_conform.dict_location   http://mmcif.pdb.org/dictionaries/ascii/mmcif_pdbx.dic 
# 
loop_
_database_2.database_id 
_database_2.database_code 
_database_2.pdbx_database_accession 
_database_2.pdbx_DOI 
PDB   9EOO         pdb_00009eoo 10.2210/pdb9eoo/pdb 
WWPDB D_1292137338 ?            ?                   
EMDB  EMD-19865    ?            ?                   
# 
loop_
_pdbx_audit_revision_history.ordinal 
_pdbx_audit_revision_history.data_content_type 
_pdbx_audit_revision_history.major_revision 
_pdbx_audit_revision_history.minor_revision 
_pdbx_audit_revision_history.revision_date 
_pdbx_audit_revision_history.part_number 
1  'Structure model' 1 0 2024-10-16 ? 
2  'EM metadata'     1 0 2024-10-16 ? 
3  FSC               1 0 2024-10-16 ? 
4  'Half map'        1 0 2024-10-16 1 
5  'Half map'        1 0 2024-10-16 2 
6  Image             1 0 2024-10-16 ? 
7  'Primary map'     1 0 2024-10-16 ? 
8  'Structure model' 1 1 2024-10-23 ? 
9  FSC               1 0 2024-10-16 ? 
10 'Half map'        1 0 2024-10-16 1 
11 'Half map'        1 0 2024-10-16 2 
12 Image             1 0 2024-10-16 ? 
13 'Primary map'     1 0 2024-10-16 ? 
14 'Structure model' 1 2 2025-03-26 ? 
15 FSC               1 0 2024-10-16 ? 
16 'Half map'        1 0 2024-10-16 1 
17 'Half map'        1 0 2024-10-16 2 
18 Image             1 0 2024-10-16 ? 
19 'Primary map'     1 0 2024-10-16 ? 
20 'Structure model' 1 3 2025-07-02 ? 
21 'EM metadata'     1 1 2025-07-02 ? 
# 
loop_
_pdbx_audit_revision_details.ordinal 
_pdbx_audit_revision_details.revision_ordinal 
_pdbx_audit_revision_details.data_content_type 
_pdbx_audit_revision_details.provider 
_pdbx_audit_revision_details.type 
_pdbx_audit_revision_details.description 
_pdbx_audit_revision_details.details 
1  1  'Structure model' repository 'Initial release' ? ? 
2  2  'EM metadata'     repository 'Initial release' ? ? 
3  3  FSC               repository 'Initial release' ? ? 
4  4  'Half map'        repository 'Initial release' ? ? 
5  5  'Half map'        repository 'Initial release' ? ? 
6  6  Image             repository 'Initial release' ? ? 
7  7  'Primary map'     repository 'Initial release' ? ? 
8  9  FSC               repository 'Initial release' ? ? 
9  10 'Half map'        repository 'Initial release' ? ? 
10 11 'Half map'        repository 'Initial release' ? ? 
11 12 Image             repository 'Initial release' ? ? 
12 13 'Primary map'     repository 'Initial release' ? ? 
13 15 FSC               repository 'Initial release' ? ? 
14 16 'Half map'        repository 'Initial release' ? ? 
15 17 'Half map'        repository 'Initial release' ? ? 
16 18 Image             repository 'Initial release' ? ? 
17 19 'Primary map'     repository 'Initial release' ? ? 
# 
loop_
_pdbx_audit_revision_group.ordinal 
_pdbx_audit_revision_group.revision_ordinal 
_pdbx_audit_revision_group.data_content_type 
_pdbx_audit_revision_group.group 
1 8  'Structure model' 'Data collection'      
2 8  'Structure model' 'Database references'  
3 14 'Structure model' 'Data collection'      
4 14 'Structure model' 'Database references'  
5 20 'Structure model' 'Data collection'      
6 21 'EM metadata'     'Data processing'      
7 21 'EM metadata'     'Experimental summary' 
# 
loop_
_pdbx_audit_revision_category.ordinal 
_pdbx_audit_revision_category.revision_ordinal 
_pdbx_audit_revision_category.data_content_type 
_pdbx_audit_revision_category.category 
1 8  'Structure model' citation        
2 8  'Structure model' em_admin        
3 14 'Structure model' citation        
4 14 'Structure model' citation_author 
5 14 'Structure model' em_admin        
6 20 'Structure model' em_admin        
7 20 'Structure model' em_software     
8 21 'EM metadata'     em_admin        
9 21 'EM metadata'     em_software     
# 
loop_
_pdbx_audit_revision_item.ordinal 
_pdbx_audit_revision_item.revision_ordinal 
_pdbx_audit_revision_item.data_content_type 
_pdbx_audit_revision_item.item 
1  8  'Structure model' '_citation.pdbx_database_id_PubMed' 
2  8  'Structure model' '_citation.title'                   
3  8  'Structure model' '_em_admin.last_update'             
4  14 'Structure model' '_citation.journal_volume'          
5  14 'Structure model' '_citation.page_first'              
6  14 'Structure model' '_citation.page_last'               
7  14 'Structure model' '_citation.year'                    
8  14 'Structure model' '_citation_author.identifier_ORCID' 
9  14 'Structure model' '_em_admin.last_update'             
10 20 'Structure model' '_em_admin.last_update'             
11 20 'Structure model' '_em_software.name'                 
12 21 'EM metadata'     '_em_admin.last_update'             
13 21 'EM metadata'     '_em_software.name'                 
# 
_pdbx_database_status.status_code                     REL 
_pdbx_database_status.status_code_sf                  ? 
_pdbx_database_status.status_code_mr                  ? 
_pdbx_database_status.entry_id                        9EOO 
_pdbx_database_status.recvd_initial_deposition_date   2024-03-15 
_pdbx_database_status.SG_entry                        N 
_pdbx_database_status.deposit_site                    PDBE 
_pdbx_database_status.process_site                    PDBE 
_pdbx_database_status.status_code_cs                  ? 
_pdbx_database_status.status_code_nmr_data            ? 
_pdbx_database_status.methods_development_category    ? 
_pdbx_database_status.pdb_format_compatible           Y 
# 
_pdbx_database_related.db_name        EMDB 
_pdbx_database_related.details        '260A Vipp1 dL10Ala helical tubes in the presence of EPL' 
_pdbx_database_related.db_id          EMD-19865 
_pdbx_database_related.content_type   'associated EM volume' 
# 
_pdbx_contact_author.id                 2 
_pdbx_contact_author.email              c.sachse@fz-juelich.de 
_pdbx_contact_author.name_first         Carsten 
_pdbx_contact_author.name_last          Sachse 
_pdbx_contact_author.name_mi            ? 
_pdbx_contact_author.role               'principal investigator/group leader' 
_pdbx_contact_author.identifier_ORCID   0000-0002-1168-5143 
# 
loop_
_audit_author.name 
_audit_author.pdbx_ordinal 
_audit_author.identifier_ORCID 
'Junglas, B.' 1 0000-0001-9348-3379 
'Sachse, C.'  2 0000-0002-1168-5143 
# 
loop_
_citation.abstract 
_citation.abstract_id_CAS 
_citation.book_id_ISBN 
_citation.book_publisher 
_citation.book_publisher_city 
_citation.book_title 
_citation.coordinate_linkage 
_citation.country 
_citation.database_id_Medline 
_citation.details 
_citation.id 
_citation.journal_abbrev 
_citation.journal_id_ASTM 
_citation.journal_id_CSD 
_citation.journal_id_ISSN 
_citation.journal_full 
_citation.journal_issue 
_citation.journal_volume 
_citation.language 
_citation.page_first 
_citation.page_last 
_citation.title 
_citation.year 
_citation.database_id_CSD 
_citation.pdbx_database_id_DOI 
_citation.pdbx_database_id_PubMed 
_citation.pdbx_database_id_patent 
_citation.unpublished_flag 
? ? ? ? ? ? ? US ? ? primary Nat.Struct.Mol.Biol. ? ? 1545-9985 ? ? 32 ? 555 570 
'Structural basis for Vipp1 membrane binding: from loose coats and carpets to ring and rod assemblies.' 2025 ? 
10.1038/s41594-024-01399-z 39379528 ? ? 
? ? ? ? ? ? ? US ? ? 1       Biorxiv              ? ? 2692-8205 ? ? ?  ? ?   ?   
'Structural basis for Vipp1 membrane binding: From loose coats and carpets to ring and rod assemblies'  2024 ? 
10.1101/2024.07.08.602470  ?        ? ? 
# 
loop_
_citation_author.citation_id 
_citation_author.name 
_citation_author.ordinal 
_citation_author.identifier_ORCID 
primary 'Junglas, B.'   1  0000-0001-9348-3379 
primary 'Kartte, D.'    2  ?                   
primary 'Kutzner, M.'   3  ?                   
primary 'Hellmann, N.'  4  0000-0002-6591-8926 
primary 'Ritter, I.'    5  ?                   
primary 'Schneider, D.' 6  0000-0003-4517-6387 
primary 'Sachse, C.'    7  0000-0002-1168-5143 
1       'Junglas, B.'   8  ?                   
1       'Kartte, D.'    9  ?                   
1       'Kutzner, M.'   10 ?                   
1       'Hellmann, N.'  11 ?                   
1       'Ritter, I.'    12 ?                   
1       'Schneider, D.' 13 ?                   
1       'Sachse, C.'    14 ?                   
# 
_entity.id                         1 
_entity.type                       polymer 
_entity.src_method                 man 
_entity.pdbx_description           'Membrane-associated protein Vipp1' 
_entity.formula_weight             29857.445 
_entity.pdbx_number_of_molecules   1 
_entity.pdbx_ec                    ? 
_entity.pdbx_mutation              'Mutation of aa 157-167 to Ala' 
_entity.pdbx_fragment              ? 
_entity.details                    ? 
# 
_entity_name_com.entity_id   1 
_entity_name_com.name        'Vesicle-inducing protein in plastids 1,Vipp1' 
# 
_entity_poly.entity_id                      1 
_entity_poly.type                           'polypeptide(L)' 
_entity_poly.nstd_linkage                   no 
_entity_poly.nstd_monomer                   no 
_entity_poly.pdbx_seq_one_letter_code       
;MGLFDRLGRVVRANLNDLVSKAEDPEKVLEQAVIDMQEDLVQLRQAVARTIAEEKRTEQRLNQDTQEAKKWEDRAKLALT
NGEENLAREALARKKSLTDTAAAYQTQLAQQRTMSENLRRNLAALEAKISEAKTKKNMLQARAKAAKANAELQQTLAAAA
AAAAAAAFERMENKVLDMEATSQAAGELAGFGIENQFAQLEASSGVEDELAALKASMAGGALPGTSAATPQLEAAPVDSS
VPANNASQDDAVIDQELDDLRRRLNNLAALEVLFQGP
;
_entity_poly.pdbx_seq_one_letter_code_can   
;MGLFDRLGRVVRANLNDLVSKAEDPEKVLEQAVIDMQEDLVQLRQAVARTIAEEKRTEQRLNQDTQEAKKWEDRAKLALT
NGEENLAREALARKKSLTDTAAAYQTQLAQQRTMSENLRRNLAALEAKISEAKTKKNMLQARAKAAKANAELQQTLAAAA
AAAAAAAFERMENKVLDMEATSQAAGELAGFGIENQFAQLEASSGVEDELAALKASMAGGALPGTSAATPQLEAAPVDSS
VPANNASQDDAVIDQELDDLRRRLNNLAALEVLFQGP
;
_entity_poly.pdbx_strand_id                 A 
_entity_poly.pdbx_target_identifier         ? 
# 
loop_
_entity_poly_seq.entity_id 
_entity_poly_seq.num 
_entity_poly_seq.mon_id 
_entity_poly_seq.hetero 
1 1   MET n 
1 2   GLY n 
1 3   LEU n 
1 4   PHE n 
1 5   ASP n 
1 6   ARG n 
1 7   LEU n 
1 8   GLY n 
1 9   ARG n 
1 10  VAL n 
1 11  VAL n 
1 12  ARG n 
1 13  ALA n 
1 14  ASN n 
1 15  LEU n 
1 16  ASN n 
1 17  ASP n 
1 18  LEU n 
1 19  VAL n 
1 20  SER n 
1 21  LYS n 
1 22  ALA n 
1 23  GLU n 
1 24  ASP n 
1 25  PRO n 
1 26  GLU n 
1 27  LYS n 
1 28  VAL n 
1 29  LEU n 
1 30  GLU n 
1 31  GLN n 
1 32  ALA n 
1 33  VAL n 
1 34  ILE n 
1 35  ASP n 
1 36  MET n 
1 37  GLN n 
1 38  GLU n 
1 39  ASP n 
1 40  LEU n 
1 41  VAL n 
1 42  GLN n 
1 43  LEU n 
1 44  ARG n 
1 45  GLN n 
1 46  ALA n 
1 47  VAL n 
1 48  ALA n 
1 49  ARG n 
1 50  THR n 
1 51  ILE n 
1 52  ALA n 
1 53  GLU n 
1 54  GLU n 
1 55  LYS n 
1 56  ARG n 
1 57  THR n 
1 58  GLU n 
1 59  GLN n 
1 60  ARG n 
1 61  LEU n 
1 62  ASN n 
1 63  GLN n 
1 64  ASP n 
1 65  THR n 
1 66  GLN n 
1 67  GLU n 
1 68  ALA n 
1 69  LYS n 
1 70  LYS n 
1 71  TRP n 
1 72  GLU n 
1 73  ASP n 
1 74  ARG n 
1 75  ALA n 
1 76  LYS n 
1 77  LEU n 
1 78  ALA n 
1 79  LEU n 
1 80  THR n 
1 81  ASN n 
1 82  GLY n 
1 83  GLU n 
1 84  GLU n 
1 85  ASN n 
1 86  LEU n 
1 87  ALA n 
1 88  ARG n 
1 89  GLU n 
1 90  ALA n 
1 91  LEU n 
1 92  ALA n 
1 93  ARG n 
1 94  LYS n 
1 95  LYS n 
1 96  SER n 
1 97  LEU n 
1 98  THR n 
1 99  ASP n 
1 100 THR n 
1 101 ALA n 
1 102 ALA n 
1 103 ALA n 
1 104 TYR n 
1 105 GLN n 
1 106 THR n 
1 107 GLN n 
1 108 LEU n 
1 109 ALA n 
1 110 GLN n 
1 111 GLN n 
1 112 ARG n 
1 113 THR n 
1 114 MET n 
1 115 SER n 
1 116 GLU n 
1 117 ASN n 
1 118 LEU n 
1 119 ARG n 
1 120 ARG n 
1 121 ASN n 
1 122 LEU n 
1 123 ALA n 
1 124 ALA n 
1 125 LEU n 
1 126 GLU n 
1 127 ALA n 
1 128 LYS n 
1 129 ILE n 
1 130 SER n 
1 131 GLU n 
1 132 ALA n 
1 133 LYS n 
1 134 THR n 
1 135 LYS n 
1 136 LYS n 
1 137 ASN n 
1 138 MET n 
1 139 LEU n 
1 140 GLN n 
1 141 ALA n 
1 142 ARG n 
1 143 ALA n 
1 144 LYS n 
1 145 ALA n 
1 146 ALA n 
1 147 LYS n 
1 148 ALA n 
1 149 ASN n 
1 150 ALA n 
1 151 GLU n 
1 152 LEU n 
1 153 GLN n 
1 154 GLN n 
1 155 THR n 
1 156 LEU n 
1 157 ALA n 
1 158 ALA n 
1 159 ALA n 
1 160 ALA n 
1 161 ALA n 
1 162 ALA n 
1 163 ALA n 
1 164 ALA n 
1 165 ALA n 
1 166 ALA n 
1 167 ALA n 
1 168 PHE n 
1 169 GLU n 
1 170 ARG n 
1 171 MET n 
1 172 GLU n 
1 173 ASN n 
1 174 LYS n 
1 175 VAL n 
1 176 LEU n 
1 177 ASP n 
1 178 MET n 
1 179 GLU n 
1 180 ALA n 
1 181 THR n 
1 182 SER n 
1 183 GLN n 
1 184 ALA n 
1 185 ALA n 
1 186 GLY n 
1 187 GLU n 
1 188 LEU n 
1 189 ALA n 
1 190 GLY n 
1 191 PHE n 
1 192 GLY n 
1 193 ILE n 
1 194 GLU n 
1 195 ASN n 
1 196 GLN n 
1 197 PHE n 
1 198 ALA n 
1 199 GLN n 
1 200 LEU n 
1 201 GLU n 
1 202 ALA n 
1 203 SER n 
1 204 SER n 
1 205 GLY n 
1 206 VAL n 
1 207 GLU n 
1 208 ASP n 
1 209 GLU n 
1 210 LEU n 
1 211 ALA n 
1 212 ALA n 
1 213 LEU n 
1 214 LYS n 
1 215 ALA n 
1 216 SER n 
1 217 MET n 
1 218 ALA n 
1 219 GLY n 
1 220 GLY n 
1 221 ALA n 
1 222 LEU n 
1 223 PRO n 
1 224 GLY n 
1 225 THR n 
1 226 SER n 
1 227 ALA n 
1 228 ALA n 
1 229 THR n 
1 230 PRO n 
1 231 GLN n 
1 232 LEU n 
1 233 GLU n 
1 234 ALA n 
1 235 ALA n 
1 236 PRO n 
1 237 VAL n 
1 238 ASP n 
1 239 SER n 
1 240 SER n 
1 241 VAL n 
1 242 PRO n 
1 243 ALA n 
1 244 ASN n 
1 245 ASN n 
1 246 ALA n 
1 247 SER n 
1 248 GLN n 
1 249 ASP n 
1 250 ASP n 
1 251 ALA n 
1 252 VAL n 
1 253 ILE n 
1 254 ASP n 
1 255 GLN n 
1 256 GLU n 
1 257 LEU n 
1 258 ASP n 
1 259 ASP n 
1 260 LEU n 
1 261 ARG n 
1 262 ARG n 
1 263 ARG n 
1 264 LEU n 
1 265 ASN n 
1 266 ASN n 
1 267 LEU n 
1 268 ALA n 
1 269 ALA n 
1 270 LEU n 
1 271 GLU n 
1 272 VAL n 
1 273 LEU n 
1 274 PHE n 
1 275 GLN n 
1 276 GLY n 
1 277 PRO n 
# 
_entity_src_gen.entity_id                          1 
_entity_src_gen.pdbx_src_id                        1 
_entity_src_gen.pdbx_alt_source_flag               sample 
_entity_src_gen.pdbx_seq_type                      'Biological sequence' 
_entity_src_gen.pdbx_beg_seq_num                   1 
_entity_src_gen.pdbx_end_seq_num                   277 
_entity_src_gen.gene_src_common_name               ? 
_entity_src_gen.gene_src_genus                     ? 
_entity_src_gen.pdbx_gene_src_gene                 'vipp1, sll0617' 
_entity_src_gen.gene_src_species                   ? 
_entity_src_gen.gene_src_strain                    ? 
_entity_src_gen.gene_src_tissue                    ? 
_entity_src_gen.gene_src_tissue_fraction           ? 
_entity_src_gen.gene_src_details                   ? 
_entity_src_gen.pdbx_gene_src_fragment             ? 
_entity_src_gen.pdbx_gene_src_scientific_name      'Synechocystis sp. PCC 6803' 
_entity_src_gen.pdbx_gene_src_ncbi_taxonomy_id     1148 
_entity_src_gen.pdbx_gene_src_variant              ? 
_entity_src_gen.pdbx_gene_src_cell_line            ? 
_entity_src_gen.pdbx_gene_src_atcc                 ? 
_entity_src_gen.pdbx_gene_src_organ                ? 
_entity_src_gen.pdbx_gene_src_organelle            ? 
_entity_src_gen.pdbx_gene_src_cell                 ? 
_entity_src_gen.pdbx_gene_src_cellular_location    ? 
_entity_src_gen.host_org_common_name               ? 
_entity_src_gen.pdbx_host_org_scientific_name      'Escherichia coli' 
_entity_src_gen.pdbx_host_org_ncbi_taxonomy_id     562 
_entity_src_gen.host_org_genus                     ? 
_entity_src_gen.pdbx_host_org_gene                 ? 
_entity_src_gen.pdbx_host_org_organ                ? 
_entity_src_gen.host_org_species                   ? 
_entity_src_gen.pdbx_host_org_tissue               ? 
_entity_src_gen.pdbx_host_org_tissue_fraction      ? 
_entity_src_gen.pdbx_host_org_strain               ? 
_entity_src_gen.pdbx_host_org_variant              ? 
_entity_src_gen.pdbx_host_org_cell_line            ? 
_entity_src_gen.pdbx_host_org_atcc                 ? 
_entity_src_gen.pdbx_host_org_culture_collection   ? 
_entity_src_gen.pdbx_host_org_cell                 ? 
_entity_src_gen.pdbx_host_org_organelle            ? 
_entity_src_gen.pdbx_host_org_cellular_location    ? 
_entity_src_gen.pdbx_host_org_vector_type          ? 
_entity_src_gen.pdbx_host_org_vector               ? 
_entity_src_gen.host_org_details                   ? 
_entity_src_gen.expression_system_id               ? 
_entity_src_gen.plasmid_name                       ? 
_entity_src_gen.plasmid_details                    ? 
_entity_src_gen.pdbx_description                   ? 
# 
loop_
_chem_comp.id 
_chem_comp.type 
_chem_comp.mon_nstd_flag 
_chem_comp.name 
_chem_comp.pdbx_synonyms 
_chem_comp.formula 
_chem_comp.formula_weight 
ALA 'L-peptide linking' y ALANINE         ? 'C3 H7 N O2'     89.093  
ARG 'L-peptide linking' y ARGININE        ? 'C6 H15 N4 O2 1' 175.209 
ASN 'L-peptide linking' y ASPARAGINE      ? 'C4 H8 N2 O3'    132.118 
ASP 'L-peptide linking' y 'ASPARTIC ACID' ? 'C4 H7 N O4'     133.103 
GLN 'L-peptide linking' y GLUTAMINE       ? 'C5 H10 N2 O3'   146.144 
GLU 'L-peptide linking' y 'GLUTAMIC ACID' ? 'C5 H9 N O4'     147.129 
GLY 'peptide linking'   y GLYCINE         ? 'C2 H5 N O2'     75.067  
ILE 'L-peptide linking' y ISOLEUCINE      ? 'C6 H13 N O2'    131.173 
LEU 'L-peptide linking' y LEUCINE         ? 'C6 H13 N O2'    131.173 
LYS 'L-peptide linking' y LYSINE          ? 'C6 H15 N2 O2 1' 147.195 
MET 'L-peptide linking' y METHIONINE      ? 'C5 H11 N O2 S'  149.211 
PHE 'L-peptide linking' y PHENYLALANINE   ? 'C9 H11 N O2'    165.189 
PRO 'L-peptide linking' y PROLINE         ? 'C5 H9 N O2'     115.130 
SER 'L-peptide linking' y SERINE          ? 'C3 H7 N O3'     105.093 
THR 'L-peptide linking' y THREONINE       ? 'C4 H9 N O3'     119.119 
TRP 'L-peptide linking' y TRYPTOPHAN      ? 'C11 H12 N2 O2'  204.225 
TYR 'L-peptide linking' y TYROSINE        ? 'C9 H11 N O3'    181.189 
VAL 'L-peptide linking' y VALINE          ? 'C5 H11 N O2'    117.146 
# 
loop_
_pdbx_poly_seq_scheme.asym_id 
_pdbx_poly_seq_scheme.entity_id 
_pdbx_poly_seq_scheme.seq_id 
_pdbx_poly_seq_scheme.mon_id 
_pdbx_poly_seq_scheme.ndb_seq_num 
_pdbx_poly_seq_scheme.pdb_seq_num 
_pdbx_poly_seq_scheme.auth_seq_num 
_pdbx_poly_seq_scheme.pdb_mon_id 
_pdbx_poly_seq_scheme.auth_mon_id 
_pdbx_poly_seq_scheme.pdb_strand_id 
_pdbx_poly_seq_scheme.pdb_ins_code 
_pdbx_poly_seq_scheme.hetero 
A 1 1   MET 1   1   ?   ?   ?   A . n 
A 1 2   GLY 2   2   2   GLY ALA A . n 
A 1 3   LEU 3   3   3   LEU LEU A . n 
A 1 4   PHE 4   4   4   PHE PHE A . n 
A 1 5   ASP 5   5   5   ASP ASP A . n 
A 1 6   ARG 6   6   6   ARG ARG A . n 
A 1 7   LEU 7   7   7   LEU LEU A . n 
A 1 8   GLY 8   8   8   GLY GLY A . n 
A 1 9   ARG 9   9   9   ARG ARG A . n 
A 1 10  VAL 10  10  10  VAL VAL A . n 
A 1 11  VAL 11  11  11  VAL VAL A . n 
A 1 12  ARG 12  12  12  ARG ARG A . n 
A 1 13  ALA 13  13  13  ALA ALA A . n 
A 1 14  ASN 14  14  14  ASN ASN A . n 
A 1 15  LEU 15  15  15  LEU LEU A . n 
A 1 16  ASN 16  16  16  ASN ASN A . n 
A 1 17  ASP 17  17  17  ASP ASP A . n 
A 1 18  LEU 18  18  18  LEU LEU A . n 
A 1 19  VAL 19  19  19  VAL VAL A . n 
A 1 20  SER 20  20  20  SER SER A . n 
A 1 21  LYS 21  21  21  LYS LYS A . n 
A 1 22  ALA 22  22  22  ALA ALA A . n 
A 1 23  GLU 23  23  23  GLU GLU A . n 
A 1 24  ASP 24  24  24  ASP ASP A . n 
A 1 25  PRO 25  25  25  PRO PRO A . n 
A 1 26  GLU 26  26  26  GLU GLU A . n 
A 1 27  LYS 27  27  27  LYS LYS A . n 
A 1 28  VAL 28  28  28  VAL VAL A . n 
A 1 29  LEU 29  29  29  LEU LEU A . n 
A 1 30  GLU 30  30  30  GLU GLU A . n 
A 1 31  GLN 31  31  31  GLN GLN A . n 
A 1 32  ALA 32  32  32  ALA ALA A . n 
A 1 33  VAL 33  33  33  VAL VAL A . n 
A 1 34  ILE 34  34  34  ILE ILE A . n 
A 1 35  ASP 35  35  35  ASP ASP A . n 
A 1 36  MET 36  36  36  MET MET A . n 
A 1 37  GLN 37  37  37  GLN GLN A . n 
A 1 38  GLU 38  38  38  GLU GLU A . n 
A 1 39  ASP 39  39  39  ASP ASP A . n 
A 1 40  LEU 40  40  40  LEU LEU A . n 
A 1 41  VAL 41  41  41  VAL VAL A . n 
A 1 42  GLN 42  42  42  GLN GLN A . n 
A 1 43  LEU 43  43  43  LEU LEU A . n 
A 1 44  ARG 44  44  44  ARG ARG A . n 
A 1 45  GLN 45  45  45  GLN GLN A . n 
A 1 46  ALA 46  46  46  ALA ALA A . n 
A 1 47  VAL 47  47  47  VAL VAL A . n 
A 1 48  ALA 48  48  48  ALA ALA A . n 
A 1 49  ARG 49  49  49  ARG ARG A . n 
A 1 50  THR 50  50  50  THR THR A . n 
A 1 51  ILE 51  51  51  ILE ILE A . n 
A 1 52  ALA 52  52  52  ALA ALA A . n 
A 1 53  GLU 53  53  53  GLU GLU A . n 
A 1 54  GLU 54  54  54  GLU GLU A . n 
A 1 55  LYS 55  55  55  LYS LYS A . n 
A 1 56  ARG 56  56  56  ARG ARG A . n 
A 1 57  THR 57  57  57  THR THR A . n 
A 1 58  GLU 58  58  58  GLU GLU A . n 
A 1 59  GLN 59  59  59  GLN GLN A . n 
A 1 60  ARG 60  60  60  ARG ARG A . n 
A 1 61  LEU 61  61  61  LEU LEU A . n 
A 1 62  ASN 62  62  62  ASN ASN A . n 
A 1 63  GLN 63  63  63  GLN GLN A . n 
A 1 64  ASP 64  64  64  ASP ASP A . n 
A 1 65  THR 65  65  65  THR THR A . n 
A 1 66  GLN 66  66  66  GLN GLN A . n 
A 1 67  GLU 67  67  67  GLU GLU A . n 
A 1 68  ALA 68  68  68  ALA ALA A . n 
A 1 69  LYS 69  69  69  LYS LYS A . n 
A 1 70  LYS 70  70  70  LYS LYS A . n 
A 1 71  TRP 71  71  71  TRP TRP A . n 
A 1 72  GLU 72  72  72  GLU GLU A . n 
A 1 73  ASP 73  73  73  ASP ASP A . n 
A 1 74  ARG 74  74  74  ARG ARG A . n 
A 1 75  ALA 75  75  75  ALA ALA A . n 
A 1 76  LYS 76  76  76  LYS LYS A . n 
A 1 77  LEU 77  77  77  LEU LEU A . n 
A 1 78  ALA 78  78  78  ALA ALA A . n 
A 1 79  LEU 79  79  79  LEU LEU A . n 
A 1 80  THR 80  80  80  THR THR A . n 
A 1 81  ASN 81  81  81  ASN ASN A . n 
A 1 82  GLY 82  82  82  GLY GLY A . n 
A 1 83  GLU 83  83  83  GLU GLU A . n 
A 1 84  GLU 84  84  84  GLU GLU A . n 
A 1 85  ASN 85  85  85  ASN ASN A . n 
A 1 86  LEU 86  86  86  LEU LEU A . n 
A 1 87  ALA 87  87  87  ALA ALA A . n 
A 1 88  ARG 88  88  88  ARG ARG A . n 
A 1 89  GLU 89  89  89  GLU GLU A . n 
A 1 90  ALA 90  90  90  ALA ALA A . n 
A 1 91  LEU 91  91  91  LEU LEU A . n 
A 1 92  ALA 92  92  92  ALA ALA A . n 
A 1 93  ARG 93  93  93  ARG ARG A . n 
A 1 94  LYS 94  94  94  LYS LYS A . n 
A 1 95  LYS 95  95  95  LYS LYS A . n 
A 1 96  SER 96  96  96  SER SER A . n 
A 1 97  LEU 97  97  97  LEU LEU A . n 
A 1 98  THR 98  98  98  THR THR A . n 
A 1 99  ASP 99  99  99  ASP ASP A . n 
A 1 100 THR 100 100 100 THR THR A . n 
A 1 101 ALA 101 101 101 ALA ALA A . n 
A 1 102 ALA 102 102 102 ALA ALA A . n 
A 1 103 ALA 103 103 103 ALA ALA A . n 
A 1 104 TYR 104 104 104 TYR TYR A . n 
A 1 105 GLN 105 105 105 GLN GLN A . n 
A 1 106 THR 106 106 106 THR THR A . n 
A 1 107 GLN 107 107 107 GLN GLN A . n 
A 1 108 LEU 108 108 108 LEU LEU A . n 
A 1 109 ALA 109 109 109 ALA ALA A . n 
A 1 110 GLN 110 110 110 GLN GLN A . n 
A 1 111 GLN 111 111 111 GLN GLN A . n 
A 1 112 ARG 112 112 112 ARG ARG A . n 
A 1 113 THR 113 113 113 THR THR A . n 
A 1 114 MET 114 114 114 MET MET A . n 
A 1 115 SER 115 115 115 SER SER A . n 
A 1 116 GLU 116 116 116 GLU GLU A . n 
A 1 117 ASN 117 117 117 ASN ASN A . n 
A 1 118 LEU 118 118 118 LEU LEU A . n 
A 1 119 ARG 119 119 119 ARG ARG A . n 
A 1 120 ARG 120 120 120 ARG ARG A . n 
A 1 121 ASN 121 121 121 ASN ASN A . n 
A 1 122 LEU 122 122 122 LEU LEU A . n 
A 1 123 ALA 123 123 123 ALA ALA A . n 
A 1 124 ALA 124 124 124 ALA ALA A . n 
A 1 125 LEU 125 125 125 LEU LEU A . n 
A 1 126 GLU 126 126 126 GLU GLU A . n 
A 1 127 ALA 127 127 127 ALA ALA A . n 
A 1 128 LYS 128 128 128 LYS LYS A . n 
A 1 129 ILE 129 129 129 ILE ILE A . n 
A 1 130 SER 130 130 130 SER SER A . n 
A 1 131 GLU 131 131 131 GLU GLU A . n 
A 1 132 ALA 132 132 132 ALA ALA A . n 
A 1 133 LYS 133 133 133 LYS LYS A . n 
A 1 134 THR 134 134 134 THR THR A . n 
A 1 135 LYS 135 135 135 LYS LYS A . n 
A 1 136 LYS 136 136 136 LYS LYS A . n 
A 1 137 ASN 137 137 137 ASN ASN A . n 
A 1 138 MET 138 138 138 MET MET A . n 
A 1 139 LEU 139 139 139 LEU LEU A . n 
A 1 140 GLN 140 140 140 GLN GLN A . n 
A 1 141 ALA 141 141 141 ALA ALA A . n 
A 1 142 ARG 142 142 142 ARG ARG A . n 
A 1 143 ALA 143 143 143 ALA ALA A . n 
A 1 144 LYS 144 144 144 LYS LYS A . n 
A 1 145 ALA 145 145 145 ALA ALA A . n 
A 1 146 ALA 146 146 146 ALA ALA A . n 
A 1 147 LYS 147 147 147 LYS LYS A . n 
A 1 148 ALA 148 148 148 ALA ALA A . n 
A 1 149 ASN 149 149 149 ASN ASN A . n 
A 1 150 ALA 150 150 150 ALA ALA A . n 
A 1 151 GLU 151 151 151 GLU GLU A . n 
A 1 152 LEU 152 152 152 LEU LEU A . n 
A 1 153 GLN 153 153 153 GLN GLN A . n 
A 1 154 GLN 154 154 154 GLN GLN A . n 
A 1 155 THR 155 155 155 THR THR A . n 
A 1 156 LEU 156 156 156 LEU LEU A . n 
A 1 157 ALA 157 157 157 ALA ALA A . n 
A 1 158 ALA 158 158 158 ALA ALA A . n 
A 1 159 ALA 159 159 159 ALA ALA A . n 
A 1 160 ALA 160 160 160 ALA ALA A . n 
A 1 161 ALA 161 161 161 ALA ALA A . n 
A 1 162 ALA 162 162 162 ALA ALA A . n 
A 1 163 ALA 163 163 163 ALA ALA A . n 
A 1 164 ALA 164 164 164 ALA ALA A . n 
A 1 165 ALA 165 165 165 ALA ALA A . n 
A 1 166 ALA 166 166 166 ALA ALA A . n 
A 1 167 ALA 167 167 167 ALA ALA A . n 
A 1 168 PHE 168 168 168 PHE PHE A . n 
A 1 169 GLU 169 169 169 GLU GLU A . n 
A 1 170 ARG 170 170 170 ARG ARG A . n 
A 1 171 MET 171 171 171 MET MET A . n 
A 1 172 GLU 172 172 172 GLU GLU A . n 
A 1 173 ASN 173 173 173 ASN ASN A . n 
A 1 174 LYS 174 174 174 LYS LYS A . n 
A 1 175 VAL 175 175 175 VAL VAL A . n 
A 1 176 LEU 176 176 176 LEU LEU A . n 
A 1 177 ASP 177 177 177 ASP ASP A . n 
A 1 178 MET 178 178 178 MET MET A . n 
A 1 179 GLU 179 179 179 GLU GLU A . n 
A 1 180 ALA 180 180 180 ALA ALA A . n 
A 1 181 THR 181 181 181 THR THR A . n 
A 1 182 SER 182 182 182 SER SER A . n 
A 1 183 GLN 183 183 183 GLN GLN A . n 
A 1 184 ALA 184 184 184 ALA ALA A . n 
A 1 185 ALA 185 185 185 ALA ALA A . n 
A 1 186 GLY 186 186 186 GLY GLY A . n 
A 1 187 GLU 187 187 187 GLU GLU A . n 
A 1 188 LEU 188 188 188 LEU LEU A . n 
A 1 189 ALA 189 189 189 ALA ALA A . n 
A 1 190 GLY 190 190 190 GLY GLY A . n 
A 1 191 PHE 191 191 191 PHE PHE A . n 
A 1 192 GLY 192 192 192 GLY GLY A . n 
A 1 193 ILE 193 193 193 ILE ILE A . n 
A 1 194 GLU 194 194 194 GLU GLU A . n 
A 1 195 ASN 195 195 195 ASN ASN A . n 
A 1 196 GLN 196 196 196 GLN GLN A . n 
A 1 197 PHE 197 197 197 PHE PHE A . n 
A 1 198 ALA 198 198 198 ALA ALA A . n 
A 1 199 GLN 199 199 199 GLN GLN A . n 
A 1 200 LEU 200 200 200 LEU LEU A . n 
A 1 201 GLU 201 201 201 GLU GLU A . n 
A 1 202 ALA 202 202 202 ALA ALA A . n 
A 1 203 SER 203 203 203 SER SER A . n 
A 1 204 SER 204 204 204 SER SER A . n 
A 1 205 GLY 205 205 205 GLY GLY A . n 
A 1 206 VAL 206 206 206 VAL VAL A . n 
A 1 207 GLU 207 207 207 GLU GLU A . n 
A 1 208 ASP 208 208 208 ASP ASP A . n 
A 1 209 GLU 209 209 209 GLU GLU A . n 
A 1 210 LEU 210 210 210 LEU LEU A . n 
A 1 211 ALA 211 211 211 ALA ALA A . n 
A 1 212 ALA 212 212 212 ALA ALA A . n 
A 1 213 LEU 213 213 213 LEU LEU A . n 
A 1 214 LYS 214 214 214 LYS LYS A . n 
A 1 215 ALA 215 215 215 ALA ALA A . n 
A 1 216 SER 216 216 216 SER SER A . n 
A 1 217 MET 217 217 ?   ?   ?   A . n 
A 1 218 ALA 218 218 ?   ?   ?   A . n 
A 1 219 GLY 219 219 ?   ?   ?   A . n 
A 1 220 GLY 220 220 ?   ?   ?   A . n 
A 1 221 ALA 221 221 ?   ?   ?   A . n 
A 1 222 LEU 222 222 ?   ?   ?   A . n 
A 1 223 PRO 223 223 ?   ?   ?   A . n 
A 1 224 GLY 224 224 ?   ?   ?   A . n 
A 1 225 THR 225 225 ?   ?   ?   A . n 
A 1 226 SER 226 226 ?   ?   ?   A . n 
A 1 227 ALA 227 227 ?   ?   ?   A . n 
A 1 228 ALA 228 228 ?   ?   ?   A . n 
A 1 229 THR 229 229 ?   ?   ?   A . n 
A 1 230 PRO 230 230 ?   ?   ?   A . n 
A 1 231 GLN 231 231 ?   ?   ?   A . n 
A 1 232 LEU 232 232 ?   ?   ?   A . n 
A 1 233 GLU 233 233 ?   ?   ?   A . n 
A 1 234 ALA 234 234 ?   ?   ?   A . n 
A 1 235 ALA 235 235 ?   ?   ?   A . n 
A 1 236 PRO 236 236 ?   ?   ?   A . n 
A 1 237 VAL 237 237 ?   ?   ?   A . n 
A 1 238 ASP 238 238 ?   ?   ?   A . n 
A 1 239 SER 239 239 ?   ?   ?   A . n 
A 1 240 SER 240 240 ?   ?   ?   A . n 
A 1 241 VAL 241 241 ?   ?   ?   A . n 
A 1 242 PRO 242 242 ?   ?   ?   A . n 
A 1 243 ALA 243 243 ?   ?   ?   A . n 
A 1 244 ASN 244 244 ?   ?   ?   A . n 
A 1 245 ASN 245 245 ?   ?   ?   A . n 
A 1 246 ALA 246 246 ?   ?   ?   A . n 
A 1 247 SER 247 247 ?   ?   ?   A . n 
A 1 248 GLN 248 248 ?   ?   ?   A . n 
A 1 249 ASP 249 249 ?   ?   ?   A . n 
A 1 250 ASP 250 250 ?   ?   ?   A . n 
A 1 251 ALA 251 251 ?   ?   ?   A . n 
A 1 252 VAL 252 252 ?   ?   ?   A . n 
A 1 253 ILE 253 253 ?   ?   ?   A . n 
A 1 254 ASP 254 254 ?   ?   ?   A . n 
A 1 255 GLN 255 255 ?   ?   ?   A . n 
A 1 256 GLU 256 256 ?   ?   ?   A . n 
A 1 257 LEU 257 257 ?   ?   ?   A . n 
A 1 258 ASP 258 258 ?   ?   ?   A . n 
A 1 259 ASP 259 259 ?   ?   ?   A . n 
A 1 260 LEU 260 260 ?   ?   ?   A . n 
A 1 261 ARG 261 261 ?   ?   ?   A . n 
A 1 262 ARG 262 262 ?   ?   ?   A . n 
A 1 263 ARG 263 263 ?   ?   ?   A . n 
A 1 264 LEU 264 264 ?   ?   ?   A . n 
A 1 265 ASN 265 265 ?   ?   ?   A . n 
A 1 266 ASN 266 266 ?   ?   ?   A . n 
A 1 267 LEU 267 267 ?   ?   ?   A . n 
A 1 268 ALA 268 268 ?   ?   ?   A . n 
A 1 269 ALA 269 269 ?   ?   ?   A . n 
A 1 270 LEU 270 270 ?   ?   ?   A . n 
A 1 271 GLU 271 271 ?   ?   ?   A . n 
A 1 272 VAL 272 272 ?   ?   ?   A . n 
A 1 273 LEU 273 273 ?   ?   ?   A . n 
A 1 274 PHE 274 274 ?   ?   ?   A . n 
A 1 275 GLN 275 275 ?   ?   ?   A . n 
A 1 276 GLY 276 276 ?   ?   ?   A . n 
A 1 277 PRO 277 277 ?   ?   ?   A . n 
# 
_cell.angle_alpha                  90.00 
_cell.angle_alpha_esd              ? 
_cell.angle_beta                   90.00 
_cell.angle_beta_esd               ? 
_cell.angle_gamma                  90.00 
_cell.angle_gamma_esd              ? 
_cell.entry_id                     9EOO 
_cell.details                      ? 
_cell.formula_units_Z              ? 
_cell.length_a                     1.00 
_cell.length_a_esd                 ? 
_cell.length_b                     1.00 
_cell.length_b_esd                 ? 
_cell.length_c                     1.00 
_cell.length_c_esd                 ? 
_cell.volume                       ? 
_cell.volume_esd                   ? 
_cell.Z_PDB                        ? 
_cell.reciprocal_angle_alpha       ? 
_cell.reciprocal_angle_beta        ? 
_cell.reciprocal_angle_gamma       ? 
_cell.reciprocal_angle_alpha_esd   ? 
_cell.reciprocal_angle_beta_esd    ? 
_cell.reciprocal_angle_gamma_esd   ? 
_cell.reciprocal_length_a          ? 
_cell.reciprocal_length_b          ? 
_cell.reciprocal_length_c          ? 
_cell.reciprocal_length_a_esd      ? 
_cell.reciprocal_length_b_esd      ? 
_cell.reciprocal_length_c_esd      ? 
_cell.pdbx_unique_axis             ? 
_cell.pdbx_esd_method              ? 
# 
_symmetry.entry_id                         9EOO 
_symmetry.cell_setting                     ? 
_symmetry.Int_Tables_number                1 
_symmetry.space_group_name_Hall            ? 
_symmetry.space_group_name_H-M             'P 1' 
_symmetry.pdbx_full_space_group_name_H-M   ? 
# 
_exptl.absorpt_coefficient_mu     ? 
_exptl.absorpt_correction_T_max   ? 
_exptl.absorpt_correction_T_min   ? 
_exptl.absorpt_correction_type    ? 
_exptl.absorpt_process_details    ? 
_exptl.entry_id                   9EOO 
_exptl.crystals_number            ? 
_exptl.details                    ? 
_exptl.method                     'ELECTRON MICROSCOPY' 
_exptl.method_details             ? 
# 
_struct.entry_id                     9EOO 
_struct.title                        '260A Vipp1 dL10Ala helical tubes in the presence of EPL' 
_struct.pdbx_model_details           ? 
_struct.pdbx_formula_weight          ? 
_struct.pdbx_formula_weight_method   ? 
_struct.pdbx_model_type_details      ? 
_struct.pdbx_CASP_flag               N 
# 
_struct_keywords.entry_id        9EOO 
_struct_keywords.text            'membrane remodeling, membrane tubulation, LIPID BINDING PROTEIN' 
_struct_keywords.pdbx_keywords   'LIPID BINDING PROTEIN' 
# 
_struct_asym.id                            A 
_struct_asym.pdbx_blank_PDB_chainid_flag   N 
_struct_asym.pdbx_modified                 N 
_struct_asym.entity_id                     1 
_struct_asym.details                       ? 
# 
_struct_ref.id                         1 
_struct_ref.db_name                    UNP 
_struct_ref.db_code                    VIPP1_SYNY3 
_struct_ref.pdbx_db_accession          Q55707 
_struct_ref.pdbx_db_isoform            ? 
_struct_ref.entity_id                  1 
_struct_ref.pdbx_seq_one_letter_code   
;MGLFDRLGRVVRANLNDLVSKAEDPEKVLEQAVIDMQEDLVQLRQAVARTIAEEKRTEQRLNQDTQEAKKWEDRAKLALT
NGEENLAREALARKKSLTDTAAAYQTQLAQQRTMSENLRRNLAALEAKISEAKTKKNMLQARAKAAKANAELQQTLGGLG
TSSATSAFERMENKVLDMEATSQAAGELAGFGIENQFAQLEASSGVEDELAALKASMAGGALPGTSAATPQLEAAPVDSS
VPANNASQDDAVIDQELDDLRRRLNNL
;
_struct_ref.pdbx_align_begin           1 
# 
_struct_ref_seq.align_id                      1 
_struct_ref_seq.ref_id                        1 
_struct_ref_seq.pdbx_PDB_id_code              9EOO 
_struct_ref_seq.pdbx_strand_id                A 
_struct_ref_seq.seq_align_beg                 1 
_struct_ref_seq.pdbx_seq_align_beg_ins_code   ? 
_struct_ref_seq.seq_align_end                 267 
_struct_ref_seq.pdbx_seq_align_end_ins_code   ? 
_struct_ref_seq.pdbx_db_accession             Q55707 
_struct_ref_seq.db_align_beg                  1 
_struct_ref_seq.pdbx_db_align_beg_ins_code    ? 
_struct_ref_seq.db_align_end                  267 
_struct_ref_seq.pdbx_db_align_end_ins_code    ? 
_struct_ref_seq.pdbx_auth_seq_align_beg       1 
_struct_ref_seq.pdbx_auth_seq_align_end       267 
# 
loop_
_struct_ref_seq_dif.align_id 
_struct_ref_seq_dif.pdbx_pdb_id_code 
_struct_ref_seq_dif.mon_id 
_struct_ref_seq_dif.pdbx_pdb_strand_id 
_struct_ref_seq_dif.seq_num 
_struct_ref_seq_dif.pdbx_pdb_ins_code 
_struct_ref_seq_dif.pdbx_seq_db_name 
_struct_ref_seq_dif.pdbx_seq_db_accession_code 
_struct_ref_seq_dif.db_mon_id 
_struct_ref_seq_dif.pdbx_seq_db_seq_num 
_struct_ref_seq_dif.details 
_struct_ref_seq_dif.pdbx_auth_seq_num 
_struct_ref_seq_dif.pdbx_ordinal 
1 9EOO ALA A 157 ? UNP Q55707 GLY 157 'engineered mutation' 157 1  
1 9EOO ALA A 158 ? UNP Q55707 GLY 158 'engineered mutation' 158 2  
1 9EOO ALA A 159 ? UNP Q55707 LEU 159 'engineered mutation' 159 3  
1 9EOO ALA A 160 ? UNP Q55707 GLY 160 'engineered mutation' 160 4  
1 9EOO ALA A 161 ? UNP Q55707 THR 161 'engineered mutation' 161 5  
1 9EOO ALA A 162 ? UNP Q55707 SER 162 'engineered mutation' 162 6  
1 9EOO ALA A 163 ? UNP Q55707 SER 163 'engineered mutation' 163 7  
1 9EOO ALA A 165 ? UNP Q55707 THR 165 'engineered mutation' 165 8  
1 9EOO ALA A 166 ? UNP Q55707 SER 166 'engineered mutation' 166 9  
1 9EOO ALA A 268 ? UNP Q55707 ?   ?   'expression tag'      268 10 
1 9EOO ALA A 269 ? UNP Q55707 ?   ?   'expression tag'      269 11 
1 9EOO LEU A 270 ? UNP Q55707 ?   ?   'expression tag'      270 12 
1 9EOO GLU A 271 ? UNP Q55707 ?   ?   'expression tag'      271 13 
1 9EOO VAL A 272 ? UNP Q55707 ?   ?   'expression tag'      272 14 
1 9EOO LEU A 273 ? UNP Q55707 ?   ?   'expression tag'      273 15 
1 9EOO PHE A 274 ? UNP Q55707 ?   ?   'expression tag'      274 16 
1 9EOO GLN A 275 ? UNP Q55707 ?   ?   'expression tag'      275 17 
1 9EOO GLY A 276 ? UNP Q55707 ?   ?   'expression tag'      276 18 
1 9EOO PRO A 277 ? UNP Q55707 ?   ?   'expression tag'      277 19 
# 
_pdbx_struct_assembly.id                   1 
_pdbx_struct_assembly.details              author_and_software_defined_assembly 
_pdbx_struct_assembly.method_details       ? 
_pdbx_struct_assembly.oligomeric_details   60-meric 
_pdbx_struct_assembly.oligomeric_count     60 
# 
_pdbx_struct_assembly_gen.assembly_id       1 
_pdbx_struct_assembly_gen.oper_expression   
;1,2,3,4,5,6,7,8,9,10,11,12,13,14,15,16,17,18,19,20,21,22,23,24,25,26,27,28,29,30,31,32,33,34,35,36,37,38,39,40,41,42,43,44,45,46,47,48,49,50,51,52,53,54,55,56,57,58,59,60
;
_pdbx_struct_assembly_gen.asym_id_list      A 
# 
_pdbx_struct_assembly_auth_evidence.id                     1 
_pdbx_struct_assembly_auth_evidence.assembly_id            1 
_pdbx_struct_assembly_auth_evidence.experimental_support   'electron microscopy' 
_pdbx_struct_assembly_auth_evidence.details                'not applicable' 
# 
loop_
_pdbx_struct_oper_list.id 
_pdbx_struct_oper_list.type 
_pdbx_struct_oper_list.name 
_pdbx_struct_oper_list.symmetry_operation 
_pdbx_struct_oper_list.matrix[1][1] 
_pdbx_struct_oper_list.matrix[1][2] 
_pdbx_struct_oper_list.matrix[1][3] 
_pdbx_struct_oper_list.vector[1] 
_pdbx_struct_oper_list.matrix[2][1] 
_pdbx_struct_oper_list.matrix[2][2] 
_pdbx_struct_oper_list.matrix[2][3] 
_pdbx_struct_oper_list.vector[2] 
_pdbx_struct_oper_list.matrix[3][1] 
_pdbx_struct_oper_list.matrix[3][2] 
_pdbx_struct_oper_list.matrix[3][3] 
_pdbx_struct_oper_list.vector[3] 
1  'identity operation'       1_555 x,y,z 1.000000    0.000000    0.000000    0.00000   0.000000    1.000000   0.000000    0.00000   0.000000    0.000000    1.000000    0.00000   
2  'point symmetry operation' ?     ?     -0.23214033 -0.96641234 -0.11026567 32.63616  -0.83353967 0.25607721 -0.48952702 68.23093  0.50132104  -0.02172760 -0.86498888 160.69943 
3  'point symmetry operation' ?     ?     0.80415229  -0.02073601 0.59406158  -58.65853 -0.26536465 0.88175389 0.38998973  -20.20500 -0.53190282 -0.47125428 0.70356182  36.61220  
4  'point symmetry operation' ?     ?     0.12842581  -0.79536095 -0.59237437 61.46436  -0.47786380 0.47377363 -0.73971992 94.07633  0.86899541  0.37807365  -0.31922944 100.08495 
5  'point symmetry operation' ?     ?     0.33617981  -0.31491310 0.88758833  -83.64760 -0.65481767 0.59920746 0.46061287  -7.97197  -0.67690251 -0.73605713 -0.00476927 102.81388 
6  'point symmetry operation' ?     ?     0.62941921  -0.42481775 -0.65066226 48.59078  -0.11653766 0.77625702 -0.61955177 85.40389  0.76827766  0.46578448  0.43908377  29.76175  
7  'point symmetry operation' ?     ?     -0.11820286 -0.70292772 0.70136990  -64.50848 -0.93058303 0.32486555 0.16875434  35.19594  -0.34647251 -0.63273603 -0.69253269 157.21764 
8  'point symmetry operation' ?     ?     0.96496969  -0.08101017 -0.24954093 -3.56899  0.02983738  0.97885022 -0.20239034 53.87267  0.26065917  0.18785454  0.94697808  -8.63931  
9  'point symmetry operation' ?     ?     0.87770835  -0.18919183 -0.44026659 90.43463  0.01054530  0.92616543 -0.37696976 -26.40424 0.47907942  0.32622666  0.81489822  20.33407  
10 'point symmetry operation' ?     ?     -0.26676689 -0.88711037 0.37665778  34.98087  -0.96342698 0.23516801 -0.12847291 -23.79999 0.02539143  -0.39715382 -0.91740112 189.10365 
11 'point symmetry operation' ?     ?     0.99019509  0.02245515  0.13787672  26.60152  -0.03677879 0.99408006 0.10223750  -59.65919 -0.13476513 -0.10630546 0.98515885  15.09853  
12 'point symmetry operation' ?     ?     -0.17945831 -0.95418263 -0.23943731 82.34333  -0.76881295 0.28788089 -0.57100943 23.25850  0.61377643  0.08161046  -0.78525058 162.05066 
13 'point symmetry operation' ?     ?     0.71697210  -0.06570893 0.69399793  -26.88752 -0.34774892 0.82911667 0.43776240  -73.84408 -0.60417014 -0.55520030 0.57160323  61.21998  
14 'point symmetry operation' ?     ?     0.23624868  -0.72479611 -0.64719230 103.38271 -0.39091569 0.53887507 -0.74618939 41.63355  0.88959106  0.42928373  -0.15602575 95.64864  
15 'point symmetry operation' ?     ?     0.22485111  -0.39985703 0.88856960  -42.20789 -0.73250826 0.53199088 0.42475611  -54.17034 -0.64255265 -0.74639107 -0.17328000 128.80531 
16 'point symmetry operation' ?     ?     0.72655734  -0.33900025 -0.59765632 80.77734  -0.06045176 0.83490642 -0.54706199 26.36932  0.68444136  0.43360114  0.58611423  29.24681  
17 'point symmetry operation' ?     ?     -0.18571138 -0.77597979 0.60279936  -14.82401 -0.95614851 0.28410726 0.07115769  -6.66499  -0.22647663 -0.56315060 -0.79471388 175.32382 
18 'point symmetry operation' ?     ?     0.99211675  -0.03233468 -0.12107290 23.12624  0.02081930  0.99524090 -0.09519826 -6.98326  0.12357480  0.09192715  0.98806835  1.79676   
19 'point symmetry operation' ?     ?     -0.26405239 -0.96444403 0.01115755  33.53996  -0.88212920 0.23680575 -0.40715018 46.33395  0.39003085  -0.11735073 -0.91329335 170.91321 
20 'point symmetry operation' ?     ?     0.87079334  0.00796933  0.49158514  -38.83671 -0.19672115 0.92198797 0.33352533  -31.59402 -0.45057765 -0.38713673 0.80442869  28.58673  
21 'point symmetry operation' ?     ?     0.03765158  -0.85018354 -0.52513769 68.92413  -0.55564497 0.41896973 -0.71813903 78.38775  0.83056662  0.31882933  -0.45662530 116.96796 
22 'point symmetry operation' ?     ?     0.43665751  -0.24269163 0.86627427  -72.07912 -0.58026066 0.65987134 0.47735528  -26.47203 -0.68747985 -0.71110515 0.14731315  92.29086  
23 'point symmetry operation' ?     ?     0.53521157  -0.50296105 -0.67866004 64.94427  -0.17601915 0.71937531 -0.67195012 76.17474  0.82617585  0.47909279  0.29648712  45.06591  
24 'point symmetry operation' ?     ?     -0.04523313 -0.63128451 0.77423114  -61.07302 -0.89562922 0.36892360 0.24848366  11.70958  -0.44249569 -0.68218453 -0.58208447 152.37893 
25 'point symmetry operation' ?     ?     0.92483978  -0.13476485 -0.35568201 18.89031  0.02496906  0.95462139 -0.29677383 47.42444  0.37953640  0.26558711  0.88623683  -2.03276  
26 'point symmetry operation' ?     ?     -0.28067087 -0.92055874 0.27165291  -17.31845 -0.95029031 0.22677369 -0.21336078 65.88952  0.13480771  -0.31803339 -0.93844682 170.80671 
27 'point symmetry operation' ?     ?     0.96866219  0.02960783  0.24661008  -45.65889 -0.07538722 0.98107931 0.17832736  15.80621  -0.23666417 -0.19133035 0.95256649  2.78519   
28 'point symmetry operation' ?     ?     -0.12591288 -0.93390404 -0.33461967 27.65271  -0.71086823 0.32021192 -0.62620392 108.97332 0.69196244  0.15902333  -0.70420105 135.05719 
29 'point symmetry operation' ?     ?     -0.22749697 -0.96584962 -0.12401566 84.42586  -0.82732060 0.25887828 -0.49852072 2.44223   0.51360080  -0.01081100 -0.85796131 174.26419 
30 'point symmetry operation' ?     ?     0.79571277  -0.02478061 0.60516774  -8.60071  -0.27365072 0.87665715 0.39571138  -86.88921 -0.54033056 -0.48047714 0.69078608  52.15223  
31 'point symmetry operation' ?     ?     0.13932239  -0.78847968 -0.59907307 113.04812 -0.46882513 0.48035454 -0.74125755 27.50209  0.87223414  0.38413408  -0.30273492 113.11010 
32 'point symmetry operation' ?     ?     0.32455881  -0.32353874 0.88881071  -32.61896 -0.66317072 0.59219025 0.45772914  -74.06195 -0.67443825 -0.73799279 -0.02236105 118.84630 
33 'point symmetry operation' ?     ?     0.63992080  -0.41581951 -0.64621578 98.87340  -0.11019581 0.78259680 -0.61269873 18.15787  0.76049831  0.46328901  0.45497840  43.10122  
34 'point symmetry operation' ?     ?     -0.12591110 -0.71086768 0.69196333  -12.89504 -0.93390278 0.32021268 0.15902554  -30.58550 -0.33462089 -0.62620417 -0.70419958 172.61355 
35 'point symmetry operation' ?     ?     0.96866108  -0.07539039 -0.23667029 46.09111  0.02961036  0.98107935 -0.19132835 -13.41815 0.24661644  0.17832478  0.95256557  5.50848   
36 'point symmetry operation' ?     ?     -0.28067087 -0.95029014 0.13480849  34.18828  -0.92055892 0.22677369 -0.31803279 23.54860  0.27165213  -0.21336138 -0.93844682 179.11151 
37 'point symmetry operation' ?     ?     0.92484025  0.02496882  0.37953514  -17.90916 -0.13476491 0.95462097 0.26558891  -42.24756 -0.35568079 -0.29677532 0.88623678  22.40599  
38 'point symmetry operation' ?     ?     -0.04523568 -0.89563005 -0.44249367 74.78804  -0.63128451 0.36892362 -0.68218403 61.32142  0.77423081  0.24848031  -0.58208594 133.12945 
39 'point symmetry operation' ?     ?     0.53521197  -0.17602106 0.82617494  -58.72926 -0.50295951 0.71937513 0.47909290  -43.64177 -0.67865975 -0.67194923 0.29648691  81.62222  
40 'point symmetry operation' ?     ?     0.43665514  -0.58026002 -0.68748100 79.33673  -0.24269080 0.65987347 -0.71110429 65.92111  0.86627560  0.47735285  0.14731339  61.38208  
41 'point symmetry operation' ?     ?     0.03765506  -0.55564345 0.83056824  -56.31937 -0.85018403 0.41896785 0.31883097  -11.13292 -0.52513751 -0.71814163 -0.45662291 145.86335 
42 'point symmetry operation' ?     ?     0.87079136  -0.19672355 -0.45057864 40.58067  0.00797175  0.92198862 -0.38713510 40.80252  0.49158703  0.33352181  0.80442802  6.48245   
43 'point symmetry operation' ?     ?     -0.26405310 -0.88212950 0.39003041  -16.89268 -0.96444367 0.23680689 -0.11735032 41.94565  0.01115627  -0.40714884 -0.91329379 174.45911 
44 'point symmetry operation' ?     ?     0.99211722  0.02081643  0.12357229  -23.02066 -0.03233211 0.99524048 0.09192967  7.53226   -0.12107042 -0.09520047 0.98806830  0.35968   
45 'point symmetry operation' ?     ?     -0.18571265 -0.95614810 -0.22647568 30.69951  -0.77598100 0.28410778 -0.56314894 89.43775  0.60279748  0.07115682  -0.79471513 148.59323 
46 'point symmetry operation' ?     ?     0.72558392  -0.06115637 0.68541047  -77.14111 -0.33934088 0.83471287 0.43370750  -7.31747  -0.59864471 -0.54727938 0.58490121  45.59226  
47 'point symmetry operation' ?     ?     0.22485096  -0.73250770 -0.64255268 52.58123  -0.39985590 0.53199165 -0.74639114 108.33196 0.88857067  0.42475445  -0.17327861 82.79080  
48 'point symmetry operation' ?     ?     0.23625201  -0.39091488 0.88958999  -93.43962 -0.72479606 0.53887367 0.42928565  11.78165  -0.64719060 -0.74619090 -0.15602367 112.85081 
49 'point symmetry operation' ?     ?     0.42509724  -0.25078593 0.86971175  -21.25664 -0.58905256 0.65289221 0.47618113  -92.71173 -0.68724740 -0.71472921 0.12981655  108.36197 
50 'point symmetry operation' ?     ?     0.54636489  -0.49393746 -0.67639527 115.41531 -0.16874888 0.72610973 -0.66654925 9.04391   0.82037173  0.47831992  0.31337038  58.27108  
51 'point symmetry operation' ?     ?     -0.05420869 -0.63980217 0.76662531  -9.59949  -0.90022416 0.36350315 0.23971271  -54.13359 -0.43203938 -0.67713979 -0.59567046 167.98221 
52 'point symmetry operation' ?     ?     0.93021057  -0.12810697 -0.34394378 68.58150  0.02615646  0.95786372 -0.28602848 -20.13226 0.36609360  0.25707040  0.89436571  11.95773  
53 'point symmetry operation' ?     ?     -0.28158284 -0.92429899 0.25764828  34.57547  -0.94788182 0.22622376 -0.22437240 0.10441   0.14910093  -0.30739929 -0.93982692 185.19776 
54 'point symmetry operation' ?     ?     0.96497009  0.02983601  0.26065766  4.02510   -0.08100918 0.97885004 0.18785695  -51.28804 -0.24954003 -0.20239175 0.94697787  17.75444  
55 'point symmetry operation' ?     ?     -0.11820277 -0.93058230 -0.34647409 79.20090  -0.70292730 0.32486660 -0.63273584 42.92022  0.70137072  0.16875480  -0.69253183 148.25342 
56 'point symmetry operation' ?     ?     0.62942231  -0.11653918 0.76827526  -43.63825 -0.42481562 0.77625634 0.46578696  -59.43586 -0.65066099 -0.61955178 0.43908536  71.15245  
57 'point symmetry operation' ?     ?     0.33618070  -0.65481591 -0.67690369 92.55507  -0.31491446 0.59920813 -0.73605601 54.43613  0.88758752  0.46061439  -0.00476883 78.51332  
58 'point symmetry operation' ?     ?     0.12842821  -0.47786499 0.86899467  -50.07621 -0.79535909 0.47377408 0.37807696  -33.14739 -0.59237649 -0.73971900 -0.31922829 137.91336 
59 'point symmetry operation' ?     ?     0.80415388  -0.26536374 -0.53190109 61.28286  -0.02073657 0.88175342 -0.47125482 33.85288  0.59405958  0.38999116  0.70356269  16.96780  
60 'point symmetry operation' ?     ?     -0.23213874 -0.83353916 0.50132247  -16.13856 -0.96641251 0.25607674 -0.02172595 17.77721  -0.11026737 -0.48952777 -0.86498801 175.91939   
# 
loop_
_struct_conf.conf_type_id 
_struct_conf.id 
_struct_conf.pdbx_PDB_helix_id 
_struct_conf.beg_label_comp_id 
_struct_conf.beg_label_asym_id 
_struct_conf.beg_label_seq_id 
_struct_conf.pdbx_beg_PDB_ins_code 
_struct_conf.end_label_comp_id 
_struct_conf.end_label_asym_id 
_struct_conf.end_label_seq_id 
_struct_conf.pdbx_end_PDB_ins_code 
_struct_conf.beg_auth_comp_id 
_struct_conf.beg_auth_asym_id 
_struct_conf.beg_auth_seq_id 
_struct_conf.end_auth_comp_id 
_struct_conf.end_auth_asym_id 
_struct_conf.end_auth_seq_id 
_struct_conf.pdbx_PDB_helix_class 
_struct_conf.details 
_struct_conf.pdbx_PDB_helix_length 
HELX_P HELX_P1 AA1 GLY A 2   ? LYS A 21  ? GLY A 2   LYS A 21  1 ? 20 
HELX_P HELX_P2 AA2 ASP A 24  ? ASN A 81  ? ASP A 24  ASN A 81  1 ? 58 
HELX_P HELX_P3 AA3 GLU A 83  ? ALA A 163 ? GLU A 83  ALA A 163 1 ? 81 
HELX_P HELX_P4 AA4 ALA A 163 ? GLY A 190 ? ALA A 163 GLY A 190 1 ? 28 
HELX_P HELX_P5 AA5 GLY A 192 ? ALA A 198 ? GLY A 192 ALA A 198 1 ? 7  
HELX_P HELX_P6 AA6 VAL A 206 ? SER A 216 ? VAL A 206 SER A 216 1 ? 11 
# 
_struct_conf_type.id          HELX_P 
_struct_conf_type.criteria    ? 
_struct_conf_type.reference   ? 
# 
_pdbx_entry_details.entry_id                   9EOO 
_pdbx_entry_details.compound_details           ? 
_pdbx_entry_details.source_details             ? 
_pdbx_entry_details.nonpolymer_details         ? 
_pdbx_entry_details.sequence_details           ? 
_pdbx_entry_details.has_ligand_of_interest     ? 
_pdbx_entry_details.has_protein_modification   N 
# 
_em_3d_fitting.id                1 
_em_3d_fitting.entry_id          9EOO 
_em_3d_fitting.method            ? 
_em_3d_fitting.target_criteria   ? 
_em_3d_fitting.details           ? 
_em_3d_fitting.overall_b_value   ? 
_em_3d_fitting.ref_space         ? 
_em_3d_fitting.ref_protocol      ? 
# 
_em_3d_reconstruction.entry_id                    9EOO 
_em_3d_reconstruction.id                          1 
_em_3d_reconstruction.method                      ? 
_em_3d_reconstruction.algorithm                   ? 
_em_3d_reconstruction.citation_id                 ? 
_em_3d_reconstruction.details                     ? 
_em_3d_reconstruction.resolution                  3.0 
_em_3d_reconstruction.resolution_method           'FSC 0.143 CUT-OFF' 
_em_3d_reconstruction.magnification_calibration   ? 
_em_3d_reconstruction.nominal_pixel_size          ? 
_em_3d_reconstruction.actual_pixel_size           ? 
_em_3d_reconstruction.num_particles               410963 
_em_3d_reconstruction.euler_angles_details        ? 
_em_3d_reconstruction.num_class_averages          ? 
_em_3d_reconstruction.refinement_type             ? 
_em_3d_reconstruction.image_processing_id         1 
_em_3d_reconstruction.symmetry_type               HELICAL 
# 
_em_buffer.id            1 
_em_buffer.specimen_id   1 
_em_buffer.name          ? 
_em_buffer.details       ? 
_em_buffer.pH            8 
# 
_em_entity_assembly.id                   1 
_em_entity_assembly.parent_id            0 
_em_entity_assembly.source               RECOMBINANT 
_em_entity_assembly.type                 COMPLEX 
_em_entity_assembly.name                 'Vipp1 dL10Ala' 
_em_entity_assembly.details              ? 
_em_entity_assembly.synonym              ? 
_em_entity_assembly.oligomeric_details   ? 
_em_entity_assembly.entity_id_list       1 
# 
_em_imaging.entry_id                        9EOO 
_em_imaging.id                              1 
_em_imaging.astigmatism                     ? 
_em_imaging.electron_beam_tilt_params       ? 
_em_imaging.residual_tilt                   ? 
_em_imaging.microscope_model                'FEI TITAN KRIOS' 
_em_imaging.specimen_holder_type            ? 
_em_imaging.specimen_holder_model           ? 
_em_imaging.details                         ? 
_em_imaging.date                            ? 
_em_imaging.accelerating_voltage            300 
_em_imaging.illumination_mode               'FLOOD BEAM' 
_em_imaging.mode                            'BRIGHT FIELD' 
_em_imaging.nominal_cs                      ? 
_em_imaging.nominal_defocus_min             1000 
_em_imaging.nominal_defocus_max             2000 
_em_imaging.calibrated_defocus_min          ? 
_em_imaging.calibrated_defocus_max          ? 
_em_imaging.tilt_angle_min                  ? 
_em_imaging.tilt_angle_max                  ? 
_em_imaging.nominal_magnification           ? 
_em_imaging.calibrated_magnification        ? 
_em_imaging.electron_source                 'FIELD EMISSION GUN' 
_em_imaging.citation_id                     ? 
_em_imaging.temperature                     ? 
_em_imaging.detector_distance               ? 
_em_imaging.recording_temperature_minimum   ? 
_em_imaging.recording_temperature_maximum   ? 
_em_imaging.alignment_procedure             ? 
_em_imaging.c2_aperture_diameter            ? 
_em_imaging.specimen_id                     1 
_em_imaging.cryogen                         ? 
# 
_em_vitrification.entry_id              9EOO 
_em_vitrification.id                    1 
_em_vitrification.specimen_id           1 
_em_vitrification.cryogen_name          ETHANE 
_em_vitrification.humidity              ? 
_em_vitrification.temp                  ? 
_em_vitrification.chamber_temperature   ? 
_em_vitrification.instrument            ? 
_em_vitrification.method                ? 
_em_vitrification.time_resolved_state   ? 
_em_vitrification.citation_id           ? 
_em_vitrification.details               ? 
# 
_em_experiment.entry_id                9EOO 
_em_experiment.id                      1 
_em_experiment.reconstruction_method   HELICAL 
_em_experiment.aggregation_state       'HELICAL ARRAY' 
_em_experiment.entity_assembly_id      1 
# 
loop_
_pdbx_unobs_or_zero_occ_residues.id 
_pdbx_unobs_or_zero_occ_residues.PDB_model_num 
_pdbx_unobs_or_zero_occ_residues.polymer_flag 
_pdbx_unobs_or_zero_occ_residues.occupancy_flag 
_pdbx_unobs_or_zero_occ_residues.auth_asym_id 
_pdbx_unobs_or_zero_occ_residues.auth_comp_id 
_pdbx_unobs_or_zero_occ_residues.auth_seq_id 
_pdbx_unobs_or_zero_occ_residues.PDB_ins_code 
_pdbx_unobs_or_zero_occ_residues.label_asym_id 
_pdbx_unobs_or_zero_occ_residues.label_comp_id 
_pdbx_unobs_or_zero_occ_residues.label_seq_id 
1  1 Y 1 A MET 1   ? A MET 1   
2  1 Y 1 A MET 217 ? A MET 217 
3  1 Y 1 A ALA 218 ? A ALA 218 
4  1 Y 1 A GLY 219 ? A GLY 219 
5  1 Y 1 A GLY 220 ? A GLY 220 
6  1 Y 1 A ALA 221 ? A ALA 221 
7  1 Y 1 A LEU 222 ? A LEU 222 
8  1 Y 1 A PRO 223 ? A PRO 223 
9  1 Y 1 A GLY 224 ? A GLY 224 
10 1 Y 1 A THR 225 ? A THR 225 
11 1 Y 1 A SER 226 ? A SER 226 
12 1 Y 1 A ALA 227 ? A ALA 227 
13 1 Y 1 A ALA 228 ? A ALA 228 
14 1 Y 1 A THR 229 ? A THR 229 
15 1 Y 1 A PRO 230 ? A PRO 230 
16 1 Y 1 A GLN 231 ? A GLN 231 
17 1 Y 1 A LEU 232 ? A LEU 232 
18 1 Y 1 A GLU 233 ? A GLU 233 
19 1 Y 1 A ALA 234 ? A ALA 234 
20 1 Y 1 A ALA 235 ? A ALA 235 
21 1 Y 1 A PRO 236 ? A PRO 236 
22 1 Y 1 A VAL 237 ? A VAL 237 
23 1 Y 1 A ASP 238 ? A ASP 238 
24 1 Y 1 A SER 239 ? A SER 239 
25 1 Y 1 A SER 240 ? A SER 240 
26 1 Y 1 A VAL 241 ? A VAL 241 
27 1 Y 1 A PRO 242 ? A PRO 242 
28 1 Y 1 A ALA 243 ? A ALA 243 
29 1 Y 1 A ASN 244 ? A ASN 244 
30 1 Y 1 A ASN 245 ? A ASN 245 
31 1 Y 1 A ALA 246 ? A ALA 246 
32 1 Y 1 A SER 247 ? A SER 247 
33 1 Y 1 A GLN 248 ? A GLN 248 
34 1 Y 1 A ASP 249 ? A ASP 249 
35 1 Y 1 A ASP 250 ? A ASP 250 
36 1 Y 1 A ALA 251 ? A ALA 251 
37 1 Y 1 A VAL 252 ? A VAL 252 
38 1 Y 1 A ILE 253 ? A ILE 253 
39 1 Y 1 A ASP 254 ? A ASP 254 
40 1 Y 1 A GLN 255 ? A GLN 255 
41 1 Y 1 A GLU 256 ? A GLU 256 
42 1 Y 1 A LEU 257 ? A LEU 257 
43 1 Y 1 A ASP 258 ? A ASP 258 
44 1 Y 1 A ASP 259 ? A ASP 259 
45 1 Y 1 A LEU 260 ? A LEU 260 
46 1 Y 1 A ARG 261 ? A ARG 261 
47 1 Y 1 A ARG 262 ? A ARG 262 
48 1 Y 1 A ARG 263 ? A ARG 263 
49 1 Y 1 A LEU 264 ? A LEU 264 
50 1 Y 1 A ASN 265 ? A ASN 265 
51 1 Y 1 A ASN 266 ? A ASN 266 
52 1 Y 1 A LEU 267 ? A LEU 267 
53 1 Y 1 A ALA 268 ? A ALA 268 
54 1 Y 1 A ALA 269 ? A ALA 269 
55 1 Y 1 A LEU 270 ? A LEU 270 
56 1 Y 1 A GLU 271 ? A GLU 271 
57 1 Y 1 A VAL 272 ? A VAL 272 
58 1 Y 1 A LEU 273 ? A LEU 273 
59 1 Y 1 A PHE 274 ? A PHE 274 
60 1 Y 1 A GLN 275 ? A GLN 275 
61 1 Y 1 A GLY 276 ? A GLY 276 
62 1 Y 1 A PRO 277 ? A PRO 277 
# 
loop_
_chem_comp_atom.comp_id 
_chem_comp_atom.atom_id 
_chem_comp_atom.type_symbol 
_chem_comp_atom.pdbx_aromatic_flag 
_chem_comp_atom.pdbx_stereo_config 
_chem_comp_atom.pdbx_ordinal 
ALA N    N N N 1   
ALA CA   C N S 2   
ALA C    C N N 3   
ALA O    O N N 4   
ALA CB   C N N 5   
ALA OXT  O N N 6   
ALA H    H N N 7   
ALA H2   H N N 8   
ALA HA   H N N 9   
ALA HB1  H N N 10  
ALA HB2  H N N 11  
ALA HB3  H N N 12  
ALA HXT  H N N 13  
ARG N    N N N 14  
ARG CA   C N S 15  
ARG C    C N N 16  
ARG O    O N N 17  
ARG CB   C N N 18  
ARG CG   C N N 19  
ARG CD   C N N 20  
ARG NE   N N N 21  
ARG CZ   C N N 22  
ARG NH1  N N N 23  
ARG NH2  N N N 24  
ARG OXT  O N N 25  
ARG H    H N N 26  
ARG H2   H N N 27  
ARG HA   H N N 28  
ARG HB2  H N N 29  
ARG HB3  H N N 30  
ARG HG2  H N N 31  
ARG HG3  H N N 32  
ARG HD2  H N N 33  
ARG HD3  H N N 34  
ARG HE   H N N 35  
ARG HH11 H N N 36  
ARG HH12 H N N 37  
ARG HH21 H N N 38  
ARG HH22 H N N 39  
ARG HXT  H N N 40  
ASN N    N N N 41  
ASN CA   C N S 42  
ASN C    C N N 43  
ASN O    O N N 44  
ASN CB   C N N 45  
ASN CG   C N N 46  
ASN OD1  O N N 47  
ASN ND2  N N N 48  
ASN OXT  O N N 49  
ASN H    H N N 50  
ASN H2   H N N 51  
ASN HA   H N N 52  
ASN HB2  H N N 53  
ASN HB3  H N N 54  
ASN HD21 H N N 55  
ASN HD22 H N N 56  
ASN HXT  H N N 57  
ASP N    N N N 58  
ASP CA   C N S 59  
ASP C    C N N 60  
ASP O    O N N 61  
ASP CB   C N N 62  
ASP CG   C N N 63  
ASP OD1  O N N 64  
ASP OD2  O N N 65  
ASP OXT  O N N 66  
ASP H    H N N 67  
ASP H2   H N N 68  
ASP HA   H N N 69  
ASP HB2  H N N 70  
ASP HB3  H N N 71  
ASP HD2  H N N 72  
ASP HXT  H N N 73  
GLN N    N N N 74  
GLN CA   C N S 75  
GLN C    C N N 76  
GLN O    O N N 77  
GLN CB   C N N 78  
GLN CG   C N N 79  
GLN CD   C N N 80  
GLN OE1  O N N 81  
GLN NE2  N N N 82  
GLN OXT  O N N 83  
GLN H    H N N 84  
GLN H2   H N N 85  
GLN HA   H N N 86  
GLN HB2  H N N 87  
GLN HB3  H N N 88  
GLN HG2  H N N 89  
GLN HG3  H N N 90  
GLN HE21 H N N 91  
GLN HE22 H N N 92  
GLN HXT  H N N 93  
GLU N    N N N 94  
GLU CA   C N S 95  
GLU C    C N N 96  
GLU O    O N N 97  
GLU CB   C N N 98  
GLU CG   C N N 99  
GLU CD   C N N 100 
GLU OE1  O N N 101 
GLU OE2  O N N 102 
GLU OXT  O N N 103 
GLU H    H N N 104 
GLU H2   H N N 105 
GLU HA   H N N 106 
GLU HB2  H N N 107 
GLU HB3  H N N 108 
GLU HG2  H N N 109 
GLU HG3  H N N 110 
GLU HE2  H N N 111 
GLU HXT  H N N 112 
GLY N    N N N 113 
GLY CA   C N N 114 
GLY C    C N N 115 
GLY O    O N N 116 
GLY OXT  O N N 117 
GLY H    H N N 118 
GLY H2   H N N 119 
GLY HA2  H N N 120 
GLY HA3  H N N 121 
GLY HXT  H N N 122 
ILE N    N N N 123 
ILE CA   C N S 124 
ILE C    C N N 125 
ILE O    O N N 126 
ILE CB   C N S 127 
ILE CG1  C N N 128 
ILE CG2  C N N 129 
ILE CD1  C N N 130 
ILE OXT  O N N 131 
ILE H    H N N 132 
ILE H2   H N N 133 
ILE HA   H N N 134 
ILE HB   H N N 135 
ILE HG12 H N N 136 
ILE HG13 H N N 137 
ILE HG21 H N N 138 
ILE HG22 H N N 139 
ILE HG23 H N N 140 
ILE HD11 H N N 141 
ILE HD12 H N N 142 
ILE HD13 H N N 143 
ILE HXT  H N N 144 
LEU N    N N N 145 
LEU CA   C N S 146 
LEU C    C N N 147 
LEU O    O N N 148 
LEU CB   C N N 149 
LEU CG   C N N 150 
LEU CD1  C N N 151 
LEU CD2  C N N 152 
LEU OXT  O N N 153 
LEU H    H N N 154 
LEU H2   H N N 155 
LEU HA   H N N 156 
LEU HB2  H N N 157 
LEU HB3  H N N 158 
LEU HG   H N N 159 
LEU HD11 H N N 160 
LEU HD12 H N N 161 
LEU HD13 H N N 162 
LEU HD21 H N N 163 
LEU HD22 H N N 164 
LEU HD23 H N N 165 
LEU HXT  H N N 166 
LYS N    N N N 167 
LYS CA   C N S 168 
LYS C    C N N 169 
LYS O    O N N 170 
LYS CB   C N N 171 
LYS CG   C N N 172 
LYS CD   C N N 173 
LYS CE   C N N 174 
LYS NZ   N N N 175 
LYS OXT  O N N 176 
LYS H    H N N 177 
LYS H2   H N N 178 
LYS HA   H N N 179 
LYS HB2  H N N 180 
LYS HB3  H N N 181 
LYS HG2  H N N 182 
LYS HG3  H N N 183 
LYS HD2  H N N 184 
LYS HD3  H N N 185 
LYS HE2  H N N 186 
LYS HE3  H N N 187 
LYS HZ1  H N N 188 
LYS HZ2  H N N 189 
LYS HZ3  H N N 190 
LYS HXT  H N N 191 
MET N    N N N 192 
MET CA   C N S 193 
MET C    C N N 194 
MET O    O N N 195 
MET CB   C N N 196 
MET CG   C N N 197 
MET SD   S N N 198 
MET CE   C N N 199 
MET OXT  O N N 200 
MET H    H N N 201 
MET H2   H N N 202 
MET HA   H N N 203 
MET HB2  H N N 204 
MET HB3  H N N 205 
MET HG2  H N N 206 
MET HG3  H N N 207 
MET HE1  H N N 208 
MET HE2  H N N 209 
MET HE3  H N N 210 
MET HXT  H N N 211 
PHE N    N N N 212 
PHE CA   C N S 213 
PHE C    C N N 214 
PHE O    O N N 215 
PHE CB   C N N 216 
PHE CG   C Y N 217 
PHE CD1  C Y N 218 
PHE CD2  C Y N 219 
PHE CE1  C Y N 220 
PHE CE2  C Y N 221 
PHE CZ   C Y N 222 
PHE OXT  O N N 223 
PHE H    H N N 224 
PHE H2   H N N 225 
PHE HA   H N N 226 
PHE HB2  H N N 227 
PHE HB3  H N N 228 
PHE HD1  H N N 229 
PHE HD2  H N N 230 
PHE HE1  H N N 231 
PHE HE2  H N N 232 
PHE HZ   H N N 233 
PHE HXT  H N N 234 
PRO N    N N N 235 
PRO CA   C N S 236 
PRO C    C N N 237 
PRO O    O N N 238 
PRO CB   C N N 239 
PRO CG   C N N 240 
PRO CD   C N N 241 
PRO OXT  O N N 242 
PRO H    H N N 243 
PRO HA   H N N 244 
PRO HB2  H N N 245 
PRO HB3  H N N 246 
PRO HG2  H N N 247 
PRO HG3  H N N 248 
PRO HD2  H N N 249 
PRO HD3  H N N 250 
PRO HXT  H N N 251 
SER N    N N N 252 
SER CA   C N S 253 
SER C    C N N 254 
SER O    O N N 255 
SER CB   C N N 256 
SER OG   O N N 257 
SER OXT  O N N 258 
SER H    H N N 259 
SER H2   H N N 260 
SER HA   H N N 261 
SER HB2  H N N 262 
SER HB3  H N N 263 
SER HG   H N N 264 
SER HXT  H N N 265 
THR N    N N N 266 
THR CA   C N S 267 
THR C    C N N 268 
THR O    O N N 269 
THR CB   C N R 270 
THR OG1  O N N 271 
THR CG2  C N N 272 
THR OXT  O N N 273 
THR H    H N N 274 
THR H2   H N N 275 
THR HA   H N N 276 
THR HB   H N N 277 
THR HG1  H N N 278 
THR HG21 H N N 279 
THR HG22 H N N 280 
THR HG23 H N N 281 
THR HXT  H N N 282 
TRP N    N N N 283 
TRP CA   C N S 284 
TRP C    C N N 285 
TRP O    O N N 286 
TRP CB   C N N 287 
TRP CG   C Y N 288 
TRP CD1  C Y N 289 
TRP CD2  C Y N 290 
TRP NE1  N Y N 291 
TRP CE2  C Y N 292 
TRP CE3  C Y N 293 
TRP CZ2  C Y N 294 
TRP CZ3  C Y N 295 
TRP CH2  C Y N 296 
TRP OXT  O N N 297 
TRP H    H N N 298 
TRP H2   H N N 299 
TRP HA   H N N 300 
TRP HB2  H N N 301 
TRP HB3  H N N 302 
TRP HD1  H N N 303 
TRP HE1  H N N 304 
TRP HE3  H N N 305 
TRP HZ2  H N N 306 
TRP HZ3  H N N 307 
TRP HH2  H N N 308 
TRP HXT  H N N 309 
TYR N    N N N 310 
TYR CA   C N S 311 
TYR C    C N N 312 
TYR O    O N N 313 
TYR CB   C N N 314 
TYR CG   C Y N 315 
TYR CD1  C Y N 316 
TYR CD2  C Y N 317 
TYR CE1  C Y N 318 
TYR CE2  C Y N 319 
TYR CZ   C Y N 320 
TYR OH   O N N 321 
TYR OXT  O N N 322 
TYR H    H N N 323 
TYR H2   H N N 324 
TYR HA   H N N 325 
TYR HB2  H N N 326 
TYR HB3  H N N 327 
TYR HD1  H N N 328 
TYR HD2  H N N 329 
TYR HE1  H N N 330 
TYR HE2  H N N 331 
TYR HH   H N N 332 
TYR HXT  H N N 333 
VAL N    N N N 334 
VAL CA   C N S 335 
VAL C    C N N 336 
VAL O    O N N 337 
VAL CB   C N N 338 
VAL CG1  C N N 339 
VAL CG2  C N N 340 
VAL OXT  O N N 341 
VAL H    H N N 342 
VAL H2   H N N 343 
VAL HA   H N N 344 
VAL HB   H N N 345 
VAL HG11 H N N 346 
VAL HG12 H N N 347 
VAL HG13 H N N 348 
VAL HG21 H N N 349 
VAL HG22 H N N 350 
VAL HG23 H N N 351 
VAL HXT  H N N 352 
# 
loop_
_chem_comp_bond.comp_id 
_chem_comp_bond.atom_id_1 
_chem_comp_bond.atom_id_2 
_chem_comp_bond.value_order 
_chem_comp_bond.pdbx_aromatic_flag 
_chem_comp_bond.pdbx_stereo_config 
_chem_comp_bond.pdbx_ordinal 
ALA N   CA   sing N N 1   
ALA N   H    sing N N 2   
ALA N   H2   sing N N 3   
ALA CA  C    sing N N 4   
ALA CA  CB   sing N N 5   
ALA CA  HA   sing N N 6   
ALA C   O    doub N N 7   
ALA C   OXT  sing N N 8   
ALA CB  HB1  sing N N 9   
ALA CB  HB2  sing N N 10  
ALA CB  HB3  sing N N 11  
ALA OXT HXT  sing N N 12  
ARG N   CA   sing N N 13  
ARG N   H    sing N N 14  
ARG N   H2   sing N N 15  
ARG CA  C    sing N N 16  
ARG CA  CB   sing N N 17  
ARG CA  HA   sing N N 18  
ARG C   O    doub N N 19  
ARG C   OXT  sing N N 20  
ARG CB  CG   sing N N 21  
ARG CB  HB2  sing N N 22  
ARG CB  HB3  sing N N 23  
ARG CG  CD   sing N N 24  
ARG CG  HG2  sing N N 25  
ARG CG  HG3  sing N N 26  
ARG CD  NE   sing N N 27  
ARG CD  HD2  sing N N 28  
ARG CD  HD3  sing N N 29  
ARG NE  CZ   sing N N 30  
ARG NE  HE   sing N N 31  
ARG CZ  NH1  sing N N 32  
ARG CZ  NH2  doub N N 33  
ARG NH1 HH11 sing N N 34  
ARG NH1 HH12 sing N N 35  
ARG NH2 HH21 sing N N 36  
ARG NH2 HH22 sing N N 37  
ARG OXT HXT  sing N N 38  
ASN N   CA   sing N N 39  
ASN N   H    sing N N 40  
ASN N   H2   sing N N 41  
ASN CA  C    sing N N 42  
ASN CA  CB   sing N N 43  
ASN CA  HA   sing N N 44  
ASN C   O    doub N N 45  
ASN C   OXT  sing N N 46  
ASN CB  CG   sing N N 47  
ASN CB  HB2  sing N N 48  
ASN CB  HB3  sing N N 49  
ASN CG  OD1  doub N N 50  
ASN CG  ND2  sing N N 51  
ASN ND2 HD21 sing N N 52  
ASN ND2 HD22 sing N N 53  
ASN OXT HXT  sing N N 54  
ASP N   CA   sing N N 55  
ASP N   H    sing N N 56  
ASP N   H2   sing N N 57  
ASP CA  C    sing N N 58  
ASP CA  CB   sing N N 59  
ASP CA  HA   sing N N 60  
ASP C   O    doub N N 61  
ASP C   OXT  sing N N 62  
ASP CB  CG   sing N N 63  
ASP CB  HB2  sing N N 64  
ASP CB  HB3  sing N N 65  
ASP CG  OD1  doub N N 66  
ASP CG  OD2  sing N N 67  
ASP OD2 HD2  sing N N 68  
ASP OXT HXT  sing N N 69  
GLN N   CA   sing N N 70  
GLN N   H    sing N N 71  
GLN N   H2   sing N N 72  
GLN CA  C    sing N N 73  
GLN CA  CB   sing N N 74  
GLN CA  HA   sing N N 75  
GLN C   O    doub N N 76  
GLN C   OXT  sing N N 77  
GLN CB  CG   sing N N 78  
GLN CB  HB2  sing N N 79  
GLN CB  HB3  sing N N 80  
GLN CG  CD   sing N N 81  
GLN CG  HG2  sing N N 82  
GLN CG  HG3  sing N N 83  
GLN CD  OE1  doub N N 84  
GLN CD  NE2  sing N N 85  
GLN NE2 HE21 sing N N 86  
GLN NE2 HE22 sing N N 87  
GLN OXT HXT  sing N N 88  
GLU N   CA   sing N N 89  
GLU N   H    sing N N 90  
GLU N   H2   sing N N 91  
GLU CA  C    sing N N 92  
GLU CA  CB   sing N N 93  
GLU CA  HA   sing N N 94  
GLU C   O    doub N N 95  
GLU C   OXT  sing N N 96  
GLU CB  CG   sing N N 97  
GLU CB  HB2  sing N N 98  
GLU CB  HB3  sing N N 99  
GLU CG  CD   sing N N 100 
GLU CG  HG2  sing N N 101 
GLU CG  HG3  sing N N 102 
GLU CD  OE1  doub N N 103 
GLU CD  OE2  sing N N 104 
GLU OE2 HE2  sing N N 105 
GLU OXT HXT  sing N N 106 
GLY N   CA   sing N N 107 
GLY N   H    sing N N 108 
GLY N   H2   sing N N 109 
GLY CA  C    sing N N 110 
GLY CA  HA2  sing N N 111 
GLY CA  HA3  sing N N 112 
GLY C   O    doub N N 113 
GLY C   OXT  sing N N 114 
GLY OXT HXT  sing N N 115 
ILE N   CA   sing N N 116 
ILE N   H    sing N N 117 
ILE N   H2   sing N N 118 
ILE CA  C    sing N N 119 
ILE CA  CB   sing N N 120 
ILE CA  HA   sing N N 121 
ILE C   O    doub N N 122 
ILE C   OXT  sing N N 123 
ILE CB  CG1  sing N N 124 
ILE CB  CG2  sing N N 125 
ILE CB  HB   sing N N 126 
ILE CG1 CD1  sing N N 127 
ILE CG1 HG12 sing N N 128 
ILE CG1 HG13 sing N N 129 
ILE CG2 HG21 sing N N 130 
ILE CG2 HG22 sing N N 131 
ILE CG2 HG23 sing N N 132 
ILE CD1 HD11 sing N N 133 
ILE CD1 HD12 sing N N 134 
ILE CD1 HD13 sing N N 135 
ILE OXT HXT  sing N N 136 
LEU N   CA   sing N N 137 
LEU N   H    sing N N 138 
LEU N   H2   sing N N 139 
LEU CA  C    sing N N 140 
LEU CA  CB   sing N N 141 
LEU CA  HA   sing N N 142 
LEU C   O    doub N N 143 
LEU C   OXT  sing N N 144 
LEU CB  CG   sing N N 145 
LEU CB  HB2  sing N N 146 
LEU CB  HB3  sing N N 147 
LEU CG  CD1  sing N N 148 
LEU CG  CD2  sing N N 149 
LEU CG  HG   sing N N 150 
LEU CD1 HD11 sing N N 151 
LEU CD1 HD12 sing N N 152 
LEU CD1 HD13 sing N N 153 
LEU CD2 HD21 sing N N 154 
LEU CD2 HD22 sing N N 155 
LEU CD2 HD23 sing N N 156 
LEU OXT HXT  sing N N 157 
LYS N   CA   sing N N 158 
LYS N   H    sing N N 159 
LYS N   H2   sing N N 160 
LYS CA  C    sing N N 161 
LYS CA  CB   sing N N 162 
LYS CA  HA   sing N N 163 
LYS C   O    doub N N 164 
LYS C   OXT  sing N N 165 
LYS CB  CG   sing N N 166 
LYS CB  HB2  sing N N 167 
LYS CB  HB3  sing N N 168 
LYS CG  CD   sing N N 169 
LYS CG  HG2  sing N N 170 
LYS CG  HG3  sing N N 171 
LYS CD  CE   sing N N 172 
LYS CD  HD2  sing N N 173 
LYS CD  HD3  sing N N 174 
LYS CE  NZ   sing N N 175 
LYS CE  HE2  sing N N 176 
LYS CE  HE3  sing N N 177 
LYS NZ  HZ1  sing N N 178 
LYS NZ  HZ2  sing N N 179 
LYS NZ  HZ3  sing N N 180 
LYS OXT HXT  sing N N 181 
MET N   CA   sing N N 182 
MET N   H    sing N N 183 
MET N   H2   sing N N 184 
MET CA  C    sing N N 185 
MET CA  CB   sing N N 186 
MET CA  HA   sing N N 187 
MET C   O    doub N N 188 
MET C   OXT  sing N N 189 
MET CB  CG   sing N N 190 
MET CB  HB2  sing N N 191 
MET CB  HB3  sing N N 192 
MET CG  SD   sing N N 193 
MET CG  HG2  sing N N 194 
MET CG  HG3  sing N N 195 
MET SD  CE   sing N N 196 
MET CE  HE1  sing N N 197 
MET CE  HE2  sing N N 198 
MET CE  HE3  sing N N 199 
MET OXT HXT  sing N N 200 
PHE N   CA   sing N N 201 
PHE N   H    sing N N 202 
PHE N   H2   sing N N 203 
PHE CA  C    sing N N 204 
PHE CA  CB   sing N N 205 
PHE CA  HA   sing N N 206 
PHE C   O    doub N N 207 
PHE C   OXT  sing N N 208 
PHE CB  CG   sing N N 209 
PHE CB  HB2  sing N N 210 
PHE CB  HB3  sing N N 211 
PHE CG  CD1  doub Y N 212 
PHE CG  CD2  sing Y N 213 
PHE CD1 CE1  sing Y N 214 
PHE CD1 HD1  sing N N 215 
PHE CD2 CE2  doub Y N 216 
PHE CD2 HD2  sing N N 217 
PHE CE1 CZ   doub Y N 218 
PHE CE1 HE1  sing N N 219 
PHE CE2 CZ   sing Y N 220 
PHE CE2 HE2  sing N N 221 
PHE CZ  HZ   sing N N 222 
PHE OXT HXT  sing N N 223 
PRO N   CA   sing N N 224 
PRO N   CD   sing N N 225 
PRO N   H    sing N N 226 
PRO CA  C    sing N N 227 
PRO CA  CB   sing N N 228 
PRO CA  HA   sing N N 229 
PRO C   O    doub N N 230 
PRO C   OXT  sing N N 231 
PRO CB  CG   sing N N 232 
PRO CB  HB2  sing N N 233 
PRO CB  HB3  sing N N 234 
PRO CG  CD   sing N N 235 
PRO CG  HG2  sing N N 236 
PRO CG  HG3  sing N N 237 
PRO CD  HD2  sing N N 238 
PRO CD  HD3  sing N N 239 
PRO OXT HXT  sing N N 240 
SER N   CA   sing N N 241 
SER N   H    sing N N 242 
SER N   H2   sing N N 243 
SER CA  C    sing N N 244 
SER CA  CB   sing N N 245 
SER CA  HA   sing N N 246 
SER C   O    doub N N 247 
SER C   OXT  sing N N 248 
SER CB  OG   sing N N 249 
SER CB  HB2  sing N N 250 
SER CB  HB3  sing N N 251 
SER OG  HG   sing N N 252 
SER OXT HXT  sing N N 253 
THR N   CA   sing N N 254 
THR N   H    sing N N 255 
THR N   H2   sing N N 256 
THR CA  C    sing N N 257 
THR CA  CB   sing N N 258 
THR CA  HA   sing N N 259 
THR C   O    doub N N 260 
THR C   OXT  sing N N 261 
THR CB  OG1  sing N N 262 
THR CB  CG2  sing N N 263 
THR CB  HB   sing N N 264 
THR OG1 HG1  sing N N 265 
THR CG2 HG21 sing N N 266 
THR CG2 HG22 sing N N 267 
THR CG2 HG23 sing N N 268 
THR OXT HXT  sing N N 269 
TRP N   CA   sing N N 270 
TRP N   H    sing N N 271 
TRP N   H2   sing N N 272 
TRP CA  C    sing N N 273 
TRP CA  CB   sing N N 274 
TRP CA  HA   sing N N 275 
TRP C   O    doub N N 276 
TRP C   OXT  sing N N 277 
TRP CB  CG   sing N N 278 
TRP CB  HB2  sing N N 279 
TRP CB  HB3  sing N N 280 
TRP CG  CD1  doub Y N 281 
TRP CG  CD2  sing Y N 282 
TRP CD1 NE1  sing Y N 283 
TRP CD1 HD1  sing N N 284 
TRP CD2 CE2  doub Y N 285 
TRP CD2 CE3  sing Y N 286 
TRP NE1 CE2  sing Y N 287 
TRP NE1 HE1  sing N N 288 
TRP CE2 CZ2  sing Y N 289 
TRP CE3 CZ3  doub Y N 290 
TRP CE3 HE3  sing N N 291 
TRP CZ2 CH2  doub Y N 292 
TRP CZ2 HZ2  sing N N 293 
TRP CZ3 CH2  sing Y N 294 
TRP CZ3 HZ3  sing N N 295 
TRP CH2 HH2  sing N N 296 
TRP OXT HXT  sing N N 297 
TYR N   CA   sing N N 298 
TYR N   H    sing N N 299 
TYR N   H2   sing N N 300 
TYR CA  C    sing N N 301 
TYR CA  CB   sing N N 302 
TYR CA  HA   sing N N 303 
TYR C   O    doub N N 304 
TYR C   OXT  sing N N 305 
TYR CB  CG   sing N N 306 
TYR CB  HB2  sing N N 307 
TYR CB  HB3  sing N N 308 
TYR CG  CD1  doub Y N 309 
TYR CG  CD2  sing Y N 310 
TYR CD1 CE1  sing Y N 311 
TYR CD1 HD1  sing N N 312 
TYR CD2 CE2  doub Y N 313 
TYR CD2 HD2  sing N N 314 
TYR CE1 CZ   doub Y N 315 
TYR CE1 HE1  sing N N 316 
TYR CE2 CZ   sing Y N 317 
TYR CE2 HE2  sing N N 318 
TYR CZ  OH   sing N N 319 
TYR OH  HH   sing N N 320 
TYR OXT HXT  sing N N 321 
VAL N   CA   sing N N 322 
VAL N   H    sing N N 323 
VAL N   H2   sing N N 324 
VAL CA  C    sing N N 325 
VAL CA  CB   sing N N 326 
VAL CA  HA   sing N N 327 
VAL C   O    doub N N 328 
VAL C   OXT  sing N N 329 
VAL CB  CG1  sing N N 330 
VAL CB  CG2  sing N N 331 
VAL CB  HB   sing N N 332 
VAL CG1 HG11 sing N N 333 
VAL CG1 HG12 sing N N 334 
VAL CG1 HG13 sing N N 335 
VAL CG2 HG21 sing N N 336 
VAL CG2 HG22 sing N N 337 
VAL CG2 HG23 sing N N 338 
VAL OXT HXT  sing N N 339 
# 
_em_admin.current_status     REL 
_em_admin.deposition_date    2024-03-15 
_em_admin.deposition_site    PDBE 
_em_admin.entry_id           9EOO 
_em_admin.last_update        2025-07-02 
_em_admin.map_release_date   2024-10-16 
_em_admin.title              '260A Vipp1 dL10Ala helical tubes in the presence of EPL' 
# 
_em_ctf_correction.details                  ? 
_em_ctf_correction.em_image_processing_id   1 
_em_ctf_correction.id                       1 
_em_ctf_correction.type                     'PHASE FLIPPING AND AMPLITUDE CORRECTION' 
# 
_em_embedding.details       ? 
_em_embedding.id            1 
_em_embedding.material      'vitreous ice' 
_em_embedding.specimen_id   1 
# 
_em_entity_assembly_molwt.entity_assembly_id   1 
_em_entity_assembly_molwt.experimental_flag    NO 
_em_entity_assembly_molwt.id                   1 
_em_entity_assembly_molwt.units                ? 
_em_entity_assembly_molwt.value                ? 
# 
_em_entity_assembly_naturalsource.cell                 ? 
_em_entity_assembly_naturalsource.cellular_location    ? 
_em_entity_assembly_naturalsource.entity_assembly_id   1 
_em_entity_assembly_naturalsource.id                   2 
_em_entity_assembly_naturalsource.ncbi_tax_id          1148 
_em_entity_assembly_naturalsource.organism             'Synechocystis sp. PCC 6803' 
_em_entity_assembly_naturalsource.organelle            ? 
_em_entity_assembly_naturalsource.organ                ? 
_em_entity_assembly_naturalsource.strain               ? 
_em_entity_assembly_naturalsource.tissue               ? 
_em_entity_assembly_naturalsource.details              ? 
# 
_em_entity_assembly_recombinant.cell                 ? 
_em_entity_assembly_recombinant.entity_assembly_id   1 
_em_entity_assembly_recombinant.id                   2 
_em_entity_assembly_recombinant.ncbi_tax_id          469008 
_em_entity_assembly_recombinant.organism             'Escherichia coli BL21(DE3)' 
_em_entity_assembly_recombinant.plasmid              ? 
_em_entity_assembly_recombinant.strain               C41 
# 
_em_helical_entity.id                             1 
_em_helical_entity.image_processing_id            1 
_em_helical_entity.details                        ? 
_em_helical_entity.axial_symmetry                 C3 
_em_helical_entity.angular_rotation_per_subunit   -157 
_em_helical_entity.axial_rise_per_subunit         6.54 
# 
_em_image_processing.details              ? 
_em_image_processing.id                   1 
_em_image_processing.image_recording_id   1 
# 
_em_image_recording.average_exposure_time               ? 
_em_image_recording.avg_electron_dose_per_subtomogram   ? 
_em_image_recording.avg_electron_dose_per_image         60 
_em_image_recording.details                             ? 
_em_image_recording.detector_mode                       ? 
_em_image_recording.film_or_detector_model              'GATAN K3 BIOCONTINUUM (6k x 4k)' 
_em_image_recording.id                                  1 
_em_image_recording.imaging_id                          1 
_em_image_recording.num_diffraction_images              ? 
_em_image_recording.num_grids_imaged                    ? 
_em_image_recording.num_real_images                     ? 
# 
loop_
_em_software.category 
_em_software.details 
_em_software.id 
_em_software.image_processing_id 
_em_software.fitting_id 
_em_software.imaging_id 
_em_software.name 
_em_software.version 
'PARTICLE SELECTION'            ? 1  1 ? ? ?      ? 
'IMAGE ACQUISITION'             ? 2  ? ? 1 ?      ? 
MASKING                         ? 3  ? ? ? ?      ? 
'CTF CORRECTION'                ? 4  1 ? ? ?      ? 
'LAYERLINE INDEXING'            ? 5  ? ? ? ?      ? 
'DIFFRACTION INDEXING'          ? 6  ? ? ? ?      ? 
'MODEL FITTING'                 ? 7  ? ? ? ?      ? 
'MODEL REFINEMENT'              ? 8  ? ? ? PHENIX ? 
OTHER                           ? 9  ? ? ? ?      ? 
'INITIAL EULER ASSIGNMENT'      ? 10 1 ? ? ?      ? 
'FINAL EULER ASSIGNMENT'        ? 11 1 ? ? ?      ? 
CLASSIFICATION                  ? 12 1 ? ? ?      ? 
RECONSTRUCTION                  ? 13 1 ? ? ?      ? 
'VOLUME SELECTION'              ? 14 1 1 1 ?      ? 
'SERIES ALIGNMENT'              ? 15 1 1 1 ?      ? 
'MOLECULAR REPLACEMENT'         ? 16 1 1 1 ?      ? 
'LATTICE DISTORTION CORRECTION' ? 17 1 1 1 ?      ? 
'SYMMETRY DETERMINATION'        ? 18 1 1 1 ?      ? 
'CRYSTALLOGRAPHY MERGING'       ? 19 1 1 1 ?      ? 
# 
_em_specimen.concentration           ? 
_em_specimen.details                 ? 
_em_specimen.embedding_applied       YES 
_em_specimen.experiment_id           1 
_em_specimen.id                      1 
_em_specimen.shadowing_applied       NO 
_em_specimen.staining_applied        NO 
_em_specimen.vitrification_applied   YES 
# 
loop_
_pdbx_audit_support.funding_organization 
_pdbx_audit_support.country 
_pdbx_audit_support.grant_number 
_pdbx_audit_support.ordinal 
'German Research Foundation (DFG)' Germany 'SA 1882/6-1'   1 
'German Research Foundation (DFG)' Germany 'SCHN 690/16-1' 2 
# 
_atom_sites.entry_id                    9EOO 
_atom_sites.Cartn_transf_matrix[1][1]   ? 
_atom_sites.Cartn_transf_matrix[1][2]   ? 
_atom_sites.Cartn_transf_matrix[1][3]   ? 
_atom_sites.Cartn_transf_matrix[2][1]   ? 
_atom_sites.Cartn_transf_matrix[2][2]   ? 
_atom_sites.Cartn_transf_matrix[2][3]   ? 
_atom_sites.Cartn_transf_matrix[3][1]   ? 
_atom_sites.Cartn_transf_matrix[3][2]   ? 
_atom_sites.Cartn_transf_matrix[3][3]   ? 
_atom_sites.Cartn_transf_vector[1]      ? 
_atom_sites.Cartn_transf_vector[2]      ? 
_atom_sites.Cartn_transf_vector[3]      ? 
_atom_sites.Cartn_transform_axes        ? 
_atom_sites.fract_transf_matrix[1][1]   1.000000 
_atom_sites.fract_transf_matrix[1][2]   0.000000 
_atom_sites.fract_transf_matrix[1][3]   0.000000 
_atom_sites.fract_transf_matrix[2][1]   0.000000 
_atom_sites.fract_transf_matrix[2][2]   1.000000 
_atom_sites.fract_transf_matrix[2][3]   0.000000 
_atom_sites.fract_transf_matrix[3][1]   0.000000 
_atom_sites.fract_transf_matrix[3][2]   0.000000 
_atom_sites.fract_transf_matrix[3][3]   1.000000 
_atom_sites.fract_transf_vector[1]      0.00000 
_atom_sites.fract_transf_vector[2]      0.00000 
_atom_sites.fract_transf_vector[3]      0.00000 
_atom_sites.solution_primary            ? 
_atom_sites.solution_secondary          ? 
_atom_sites.solution_hydrogens          ? 
_atom_sites.special_details             ? 
# 
loop_
_atom_type.symbol 
C 
N 
O 
S 
# 
loop_
_atom_site.group_PDB 
_atom_site.id 
_atom_site.type_symbol 
_atom_site.label_atom_id 
_atom_site.label_alt_id 
_atom_site.label_comp_id 
_atom_site.label_asym_id 
_atom_site.label_entity_id 
_atom_site.label_seq_id 
_atom_site.pdbx_PDB_ins_code 
_atom_site.Cartn_x 
_atom_site.Cartn_y 
_atom_site.Cartn_z 
_atom_site.occupancy 
_atom_site.B_iso_or_equiv 
_atom_site.pdbx_formal_charge 
_atom_site.auth_seq_id 
_atom_site.auth_comp_id 
_atom_site.auth_asym_id 
_atom_site.auth_atom_id 
_atom_site.pdbx_PDB_model_num 
ATOM 1    N N   . GLY A 1 2   ? 36.113  2.869   8.507   1.00 80.59  ? 2   GLY A N   1 
ATOM 2    C CA  . GLY A 1 2   ? 36.433  2.867   9.960   1.00 80.93  ? 2   GLY A CA  1 
ATOM 3    C C   . GLY A 1 2   ? 35.560  1.862   10.690  1.00 80.12  ? 2   GLY A C   1 
ATOM 4    O O   . GLY A 1 2   ? 34.476  1.512   10.229  1.00 82.80  ? 2   GLY A O   1 
ATOM 5    N N   . LEU A 1 3   ? 36.045  1.400   11.839  1.00 74.60  ? 3   LEU A N   1 
ATOM 6    C CA  . LEU A 1 3   ? 35.286  0.438   12.626  1.00 75.22  ? 3   LEU A CA  1 
ATOM 7    C C   . LEU A 1 3   ? 33.937  1.001   13.046  1.00 76.84  ? 3   LEU A C   1 
ATOM 8    O O   . LEU A 1 3   ? 32.916  0.306   12.985  1.00 77.28  ? 3   LEU A O   1 
ATOM 9    C CB  . LEU A 1 3   ? 36.091  0.037   13.855  1.00 75.03  ? 3   LEU A CB  1 
ATOM 10   C CG  . LEU A 1 3   ? 35.500  -1.099  14.674  1.00 76.52  ? 3   LEU A CG  1 
ATOM 11   C CD1 . LEU A 1 3   ? 35.764  -2.406  13.966  1.00 75.03  ? 3   LEU A CD1 1 
ATOM 12   C CD2 . LEU A 1 3   ? 36.070  -1.111  16.069  1.00 75.80  ? 3   LEU A CD2 1 
ATOM 13   N N   . PHE A 1 4   ? 33.910  2.261   13.476  1.00 80.17  ? 4   PHE A N   1 
ATOM 14   C CA  . PHE A 1 4   ? 32.681  2.882   13.951  1.00 80.28  ? 4   PHE A CA  1 
ATOM 15   C C   . PHE A 1 4   ? 31.752  3.302   12.822  1.00 80.41  ? 4   PHE A C   1 
ATOM 16   O O   . PHE A 1 4   ? 30.562  3.521   13.066  1.00 82.31  ? 4   PHE A O   1 
ATOM 17   C CB  . PHE A 1 4   ? 33.018  4.093   14.815  1.00 80.37  ? 4   PHE A CB  1 
ATOM 18   C CG  . PHE A 1 4   ? 33.835  3.757   16.026  1.00 84.48  ? 4   PHE A CG  1 
ATOM 19   C CD1 . PHE A 1 4   ? 33.288  3.020   17.060  1.00 82.84  ? 4   PHE A CD1 1 
ATOM 20   C CD2 . PHE A 1 4   ? 35.147  4.174   16.127  1.00 84.53  ? 4   PHE A CD2 1 
ATOM 21   C CE1 . PHE A 1 4   ? 34.038  2.709   18.176  1.00 81.59  ? 4   PHE A CE1 1 
ATOM 22   C CE2 . PHE A 1 4   ? 35.902  3.865   17.240  1.00 83.61  ? 4   PHE A CE2 1 
ATOM 23   C CZ  . PHE A 1 4   ? 35.346  3.130   18.265  1.00 82.63  ? 4   PHE A CZ  1 
ATOM 24   N N   . ASP A 1 5   ? 32.268  3.418   11.603  1.00 73.64  ? 5   ASP A N   1 
ATOM 25   C CA  . ASP A 1 5   ? 31.412  3.444   10.423  1.00 73.86  ? 5   ASP A CA  1 
ATOM 26   C C   . ASP A 1 5   ? 30.696  2.114   10.232  1.00 72.52  ? 5   ASP A C   1 
ATOM 27   O O   . ASP A 1 5   ? 29.488  2.074   9.975   1.00 74.62  ? 5   ASP A O   1 
ATOM 28   C CB  . ASP A 1 5   ? 32.243  3.784   9.192   1.00 74.13  ? 5   ASP A CB  1 
ATOM 29   C CG  . ASP A 1 5   ? 31.460  3.644   7.907   1.00 79.05  ? 5   ASP A CG  1 
ATOM 30   O OD1 . ASP A 1 5   ? 30.375  4.255   7.801   1.00 78.91  ? 5   ASP A OD1 1 
ATOM 31   O OD2 . ASP A 1 5   ? 31.928  2.923   7.001   1.00 79.05  ? 5   ASP A OD2 1 
ATOM 32   N N   . ARG A 1 6   ? 31.432  1.013   10.352  1.00 63.00  ? 6   ARG A N   1 
ATOM 33   C CA  . ARG A 1 6   ? 30.861  -0.309  10.144  1.00 61.30  ? 6   ARG A CA  1 
ATOM 34   C C   . ARG A 1 6   ? 29.815  -0.654  11.196  1.00 61.79  ? 6   ARG A C   1 
ATOM 35   O O   . ARG A 1 6   ? 28.749  -1.183  10.866  1.00 66.48  ? 6   ARG A O   1 
ATOM 36   C CB  . ARG A 1 6   ? 31.977  -1.343  10.139  1.00 62.59  ? 6   ARG A CB  1 
ATOM 37   C CG  . ARG A 1 6   ? 32.868  -1.232  8.930   1.00 63.11  ? 6   ARG A CG  1 
ATOM 38   C CD  . ARG A 1 6   ? 33.940  -2.285  8.931   1.00 60.88  ? 6   ARG A CD  1 
ATOM 39   N NE  . ARG A 1 6   ? 33.382  -3.625  8.818   1.00 63.99  ? 6   ARG A NE  1 
ATOM 40   C CZ  . ARG A 1 6   ? 34.106  -4.713  8.608   1.00 64.74  ? 6   ARG A CZ  1 
ATOM 41   N NH1 . ARG A 1 6   ? 35.422  -4.662  8.535   1.00 65.31  ? 6   ARG A NH1 1 
ATOM 42   N NH2 . ARG A 1 6   ? 33.492  -5.884  8.479   1.00 63.27  ? 6   ARG A NH2 1 
ATOM 43   N N   . LEU A 1 7   ? 30.096  -0.363  12.464  1.00 57.05  ? 7   LEU A N   1 
ATOM 44   C CA  . LEU A 1 7   ? 29.073  -0.498  13.493  1.00 57.41  ? 7   LEU A CA  1 
ATOM 45   C C   . LEU A 1 7   ? 27.887  0.419   13.238  1.00 59.19  ? 7   LEU A C   1 
ATOM 46   O O   . LEU A 1 7   ? 26.733  0.028   13.449  1.00 61.74  ? 7   LEU A O   1 
ATOM 47   C CB  . LEU A 1 7   ? 29.674  -0.192  14.857  1.00 60.83  ? 7   LEU A CB  1 
ATOM 48   C CG  . LEU A 1 7   ? 30.237  -1.374  15.633  1.00 58.66  ? 7   LEU A CG  1 
ATOM 49   C CD1 . LEU A 1 7   ? 29.146  -2.333  16.029  1.00 56.73  ? 7   LEU A CD1 1 
ATOM 50   C CD2 . LEU A 1 7   ? 31.262  -2.060  14.784  1.00 61.78  ? 7   LEU A CD2 1 
ATOM 51   N N   . GLY A 1 8   ? 28.145  1.641   12.784  1.00 57.39  ? 8   GLY A N   1 
ATOM 52   C CA  . GLY A 1 8   ? 27.057  2.559   12.499  1.00 54.55  ? 8   GLY A CA  1 
ATOM 53   C C   . GLY A 1 8   ? 26.123  2.052   11.420  1.00 56.43  ? 8   GLY A C   1 
ATOM 54   O O   . GLY A 1 8   ? 24.900  2.094   11.564  1.00 62.25  ? 8   GLY A O   1 
ATOM 55   N N   . ARG A 1 9   ? 26.692  1.554   10.325  1.00 52.64  ? 9   ARG A N   1 
ATOM 56   C CA  . ARG A 1 9   ? 25.890  1.017   9.236   1.00 49.66  ? 9   ARG A CA  1 
ATOM 57   C C   . ARG A 1 9   ? 25.118  -0.236  9.624   1.00 48.91  ? 9   ARG A C   1 
ATOM 58   O O   . ARG A 1 9   ? 24.045  -0.489  9.067   1.00 55.93  ? 9   ARG A O   1 
ATOM 59   C CB  . ARG A 1 9   ? 26.793  0.710   8.043   1.00 50.47  ? 9   ARG A CB  1 
ATOM 60   C CG  . ARG A 1 9   ? 26.041  0.275   6.817   1.00 50.64  ? 9   ARG A CG  1 
ATOM 61   C CD  . ARG A 1 9   ? 26.669  0.735   5.513   1.00 51.30  ? 9   ARG A CD  1 
ATOM 62   N NE  . ARG A 1 9   ? 28.085  0.408   5.407   1.00 55.39  ? 9   ARG A NE  1 
ATOM 63   C CZ  . ARG A 1 9   ? 29.083  1.239   5.663   1.00 57.44  ? 9   ARG A CZ  1 
ATOM 64   N NH1 . ARG A 1 9   ? 28.881  2.535   5.831   1.00 55.05  ? 9   ARG A NH1 1 
ATOM 65   N NH2 . ARG A 1 9   ? 30.315  0.755   5.780   1.00 56.43  ? 9   ARG A NH2 1 
ATOM 66   N N   . VAL A 1 10  ? 25.628  -1.027  10.565  1.00 48.20  ? 10  VAL A N   1 
ATOM 67   C CA  . VAL A 1 10  ? 24.844  -2.139  11.094  1.00 49.22  ? 10  VAL A CA  1 
ATOM 68   C C   . VAL A 1 10  ? 23.643  -1.652  11.897  1.00 51.93  ? 10  VAL A C   1 
ATOM 69   O O   . VAL A 1 10  ? 22.499  -2.020  11.613  1.00 59.04  ? 10  VAL A O   1 
ATOM 70   C CB  . VAL A 1 10  ? 25.747  -3.038  11.953  1.00 48.45  ? 10  VAL A CB  1 
ATOM 71   C CG1 . VAL A 1 10  ? 24.928  -4.037  12.718  1.00 49.31  ? 10  VAL A CG1 1 
ATOM 72   C CG2 . VAL A 1 10  ? 26.748  -3.734  11.086  1.00 48.62  ? 10  VAL A CG2 1 
ATOM 73   N N   . VAL A 1 11  ? 23.884  -0.820  12.905  1.00 50.34  ? 11  VAL A N   1 
ATOM 74   C CA  . VAL A 1 11  ? 22.808  -0.404  13.796  1.00 51.54  ? 11  VAL A CA  1 
ATOM 75   C C   . VAL A 1 11  ? 21.780  0.458   13.081  1.00 50.91  ? 11  VAL A C   1 
ATOM 76   O O   . VAL A 1 11  ? 20.588  0.419   13.404  1.00 54.58  ? 11  VAL A O   1 
ATOM 77   C CB  . VAL A 1 11  ? 23.404  0.324   15.008  1.00 50.39  ? 11  VAL A CB  1 
ATOM 78   C CG1 . VAL A 1 11  ? 23.929  1.667   14.602  1.00 52.59  ? 11  VAL A CG1 1 
ATOM 79   C CG2 . VAL A 1 11  ? 22.366  0.493   16.073  1.00 54.13  ? 11  VAL A CG2 1 
ATOM 80   N N   . ARG A 1 12  ? 22.223  1.242   12.109  1.00 47.34  ? 12  ARG A N   1 
ATOM 81   C CA  . ARG A 1 12  ? 21.318  2.028   11.283  1.00 43.87  ? 12  ARG A CA  1 
ATOM 82   C C   . ARG A 1 12  ? 20.446  1.161   10.381  1.00 47.65  ? 12  ARG A C   1 
ATOM 83   O O   . ARG A 1 12  ? 19.284  1.497   10.128  1.00 52.48  ? 12  ARG A O   1 
ATOM 84   C CB  . ARG A 1 12  ? 22.152  3.006   10.464  1.00 42.54  ? 12  ARG A CB  1 
ATOM 85   C CG  . ARG A 1 12  ? 21.409  4.159   9.877   1.00 49.68  ? 12  ARG A CG  1 
ATOM 86   C CD  . ARG A 1 12  ? 22.296  4.914   8.912   1.00 49.75  ? 12  ARG A CD  1 
ATOM 87   N NE  . ARG A 1 12  ? 23.553  5.304   9.537   1.00 47.42  ? 12  ARG A NE  1 
ATOM 88   C CZ  . ARG A 1 12  ? 24.754  5.106   9.010   1.00 48.98  ? 12  ARG A CZ  1 
ATOM 89   N NH1 . ARG A 1 12  ? 24.907  4.638   7.783   1.00 45.46  ? 12  ARG A NH1 1 
ATOM 90   N NH2 . ARG A 1 12  ? 25.831  5.428   9.717   1.00 51.58  ? 12  ARG A NH2 1 
ATOM 91   N N   . ALA A 1 13  ? 20.984  0.049   9.887   1.00 47.15  ? 13  ALA A N   1 
ATOM 92   C CA  . ALA A 1 13  ? 20.215  -0.833  9.014   1.00 41.30  ? 13  ALA A CA  1 
ATOM 93   C C   . ALA A 1 13  ? 19.155  -1.635  9.760   1.00 44.47  ? 13  ALA A C   1 
ATOM 94   O O   . ALA A 1 13  ? 18.071  -1.878  9.224   1.00 52.55  ? 13  ALA A O   1 
ATOM 95   C CB  . ALA A 1 13  ? 21.161  -1.781  8.291   1.00 39.76  ? 13  ALA A CB  1 
ATOM 96   N N   . ASN A 1 14  ? 19.448  -2.062  10.983  1.00 48.21  ? 14  ASN A N   1 
ATOM 97   C CA  . ASN A 1 14  ? 18.435  -2.719  11.802  1.00 47.21  ? 14  ASN A CA  1 
ATOM 98   C C   . ASN A 1 14  ? 17.240  -1.812  12.058  1.00 49.08  ? 14  ASN A C   1 
ATOM 99   O O   . ASN A 1 14  ? 16.085  -2.224  11.905  1.00 56.70  ? 14  ASN A O   1 
ATOM 100  C CB  . ASN A 1 14  ? 19.053  -3.150  13.125  1.00 47.96  ? 14  ASN A CB  1 
ATOM 101  C CG  . ASN A 1 14  ? 20.000  -4.309  12.972  1.00 52.96  ? 14  ASN A CG  1 
ATOM 102  O OD1 . ASN A 1 14  ? 19.947  -5.047  11.990  1.00 56.37  ? 14  ASN A OD1 1 
ATOM 103  N ND2 . ASN A 1 14  ? 20.875  -4.478  13.945  1.00 52.66  ? 14  ASN A ND2 1 
ATOM 104  N N   . LEU A 1 15  ? 17.504  -0.573  12.449  1.00 50.94  ? 15  LEU A N   1 
ATOM 105  C CA  . LEU A 1 15  ? 16.437  0.386   12.701  1.00 50.43  ? 15  LEU A CA  1 
ATOM 106  C C   . LEU A 1 15  ? 15.590  0.664   11.462  1.00 50.51  ? 15  LEU A C   1 
ATOM 107  O O   . LEU A 1 15  ? 14.366  0.799   11.560  1.00 56.35  ? 15  LEU A O   1 
ATOM 108  C CB  . LEU A 1 15  ? 17.064  1.673   13.219  1.00 50.19  ? 15  LEU A CB  1 
ATOM 109  C CG  . LEU A 1 15  ? 16.155  2.840   13.549  1.00 54.72  ? 15  LEU A CG  1 
ATOM 110  C CD1 . LEU A 1 15  ? 15.303  2.485   14.735  1.00 56.40  ? 15  LEU A CD1 1 
ATOM 111  C CD2 . LEU A 1 15  ? 17.005  4.051   13.831  1.00 52.33  ? 15  LEU A CD2 1 
ATOM 112  N N   . ASN A 1 16  ? 16.217  0.748   10.292  1.00 50.11  ? 16  ASN A N   1 
ATOM 113  C CA  . ASN A 1 16  ? 15.469  0.964   9.056   1.00 48.53  ? 16  ASN A CA  1 
ATOM 114  C C   . ASN A 1 16  ? 14.607  -0.233  8.671   1.00 50.24  ? 16  ASN A C   1 
ATOM 115  O O   . ASN A 1 16  ? 13.509  -0.062  8.135   1.00 56.64  ? 16  ASN A O   1 
ATOM 116  C CB  . ASN A 1 16  ? 16.443  1.300   7.934   1.00 51.47  ? 16  ASN A CB  1 
ATOM 117  C CG  . ASN A 1 16  ? 15.752  1.774   6.684   1.00 60.35  ? 16  ASN A CG  1 
ATOM 118  O OD1 . ASN A 1 16  ? 15.048  2.781   6.689   1.00 63.18  ? 16  ASN A OD1 1 
ATOM 119  N ND2 . ASN A 1 16  ? 15.963  1.056   5.588   1.00 58.37  ? 16  ASN A ND2 1 
ATOM 120  N N   . ASP A 1 17  ? 15.080  -1.448  8.930   1.00 55.37  ? 17  ASP A N   1 
ATOM 121  C CA  . ASP A 1 17  ? 14.260  -2.638  8.721   1.00 55.29  ? 17  ASP A CA  1 
ATOM 122  C C   . ASP A 1 17  ? 13.108  -2.726  9.713   1.00 57.54  ? 17  ASP A C   1 
ATOM 123  O O   . ASP A 1 17  ? 12.006  -3.155  9.363   1.00 61.98  ? 17  ASP A O   1 
ATOM 124  C CB  . ASP A 1 17  ? 15.124  -3.886  8.819   1.00 56.65  ? 17  ASP A CB  1 
ATOM 125  C CG  . ASP A 1 17  ? 14.339  -5.155  8.603   1.00 65.32  ? 17  ASP A CG  1 
ATOM 126  O OD1 . ASP A 1 17  ? 14.091  -5.506  7.431   1.00 66.66  ? 17  ASP A OD1 1 
ATOM 127  O OD2 . ASP A 1 17  ? 13.962  -5.800  9.602   1.00 66.77  ? 17  ASP A OD2 1 
ATOM 128  N N   . LEU A 1 18  ? 13.354  -2.324  10.953  1.00 56.16  ? 18  LEU A N   1 
ATOM 129  C CA  . LEU A 1 18  ? 12.318  -2.330  11.977  1.00 54.80  ? 18  LEU A CA  1 
ATOM 130  C C   . LEU A 1 18  ? 11.153  -1.414  11.626  1.00 55.77  ? 18  LEU A C   1 
ATOM 131  O O   . LEU A 1 18  ? 9.996   -1.725  11.931  1.00 55.93  ? 18  LEU A O   1 
ATOM 132  C CB  . LEU A 1 18  ? 12.940  -1.905  13.300  1.00 55.72  ? 18  LEU A CB  1 
ATOM 133  C CG  . LEU A 1 18  ? 12.116  -2.043  14.566  1.00 57.97  ? 18  LEU A CG  1 
ATOM 134  C CD1 . LEU A 1 18  ? 11.815  -3.496  14.817  1.00 56.51  ? 18  LEU A CD1 1 
ATOM 135  C CD2 . LEU A 1 18  ? 12.873  -1.443  15.715  1.00 56.22  ? 18  LEU A CD2 1 
ATOM 136  N N   . VAL A 1 19  ? 11.436  -0.283  10.994  1.00 57.13  ? 19  VAL A N   1 
ATOM 137  C CA  . VAL A 1 19  ? 10.383  0.565   10.439  1.00 55.65  ? 19  VAL A CA  1 
ATOM 138  C C   . VAL A 1 19  ? 9.691   -0.096  9.252   1.00 55.94  ? 19  VAL A C   1 
ATOM 139  O O   . VAL A 1 19  ? 8.461   -0.093  9.156   1.00 60.33  ? 19  VAL A O   1 
ATOM 140  C CB  . VAL A 1 19  ? 10.971  1.930   10.043  1.00 55.29  ? 19  VAL A CB  1 
ATOM 141  C CG1 . VAL A 1 19  ? 9.963   2.747   9.276   1.00 54.64  ? 19  VAL A CG1 1 
ATOM 142  C CG2 . VAL A 1 19  ? 11.429  2.674   11.264  1.00 56.12  ? 19  VAL A CG2 1 
ATOM 143  N N   . SER A 1 20  ? 10.464  -0.669  8.336   1.00 60.06  ? 20  SER A N   1 
ATOM 144  C CA  . SER A 1 20  ? 9.885   -1.198  7.104   1.00 59.72  ? 20  SER A CA  1 
ATOM 145  C C   . SER A 1 20  ? 8.787   -2.228  7.333   1.00 58.81  ? 20  SER A C   1 
ATOM 146  O O   . SER A 1 20  ? 7.846   -2.299  6.533   1.00 62.06  ? 20  SER A O   1 
ATOM 147  C CB  . SER A 1 20  ? 10.981  -1.815  6.248   1.00 61.10  ? 20  SER A CB  1 
ATOM 148  O OG  . SER A 1 20  ? 10.453  -2.280  5.023   1.00 65.95  ? 20  SER A OG  1 
ATOM 149  N N   . LYS A 1 21  ? 8.865   -3.034  8.384   1.00 53.41  ? 21  LYS A N   1 
ATOM 150  C CA  . LYS A 1 21  ? 7.794   -3.984  8.658   1.00 58.05  ? 21  LYS A CA  1 
ATOM 151  C C   . LYS A 1 21  ? 6.663   -3.410  9.502   1.00 59.51  ? 21  LYS A C   1 
ATOM 152  O O   . LYS A 1 21  ? 5.750   -4.154  9.874   1.00 59.23  ? 21  LYS A O   1 
ATOM 153  C CB  . LYS A 1 21  ? 8.357   -5.240  9.316   1.00 59.42  ? 21  LYS A CB  1 
ATOM 154  C CG  . LYS A 1 21  ? 8.962   -5.040  10.669  1.00 58.91  ? 21  LYS A CG  1 
ATOM 155  C CD  . LYS A 1 21  ? 10.007  -6.110  10.903  1.00 60.23  ? 21  LYS A CD  1 
ATOM 156  C CE  . LYS A 1 21  ? 10.683  -5.955  12.240  1.00 61.53  ? 21  LYS A CE  1 
ATOM 157  N NZ  . LYS A 1 21  ? 11.964  -6.705  12.295  1.00 61.86  ? 21  LYS A NZ  1 
ATOM 158  N N   . ALA A 1 22  ? 6.696   -2.121  9.812   1.00 62.66  ? 22  ALA A N   1 
ATOM 159  C CA  . ALA A 1 22  ? 5.526   -1.427  10.335  1.00 60.13  ? 22  ALA A CA  1 
ATOM 160  C C   . ALA A 1 22  ? 4.613   -0.881  9.246   1.00 60.15  ? 22  ALA A C   1 
ATOM 161  O O   . ALA A 1 22  ? 3.486   -0.475  9.548   1.00 62.09  ? 22  ALA A O   1 
ATOM 162  C CB  . ALA A 1 22  ? 5.959   -0.276  11.240  1.00 55.05  ? 22  ALA A CB  1 
ATOM 163  N N   . GLU A 1 23  ? 5.070   -0.859  8.000   1.00 56.53  ? 23  GLU A N   1 
ATOM 164  C CA  . GLU A 1 23  ? 4.295   -0.336  6.881   1.00 51.37  ? 23  GLU A CA  1 
ATOM 165  C C   . GLU A 1 23  ? 3.238   -1.340  6.432   1.00 58.83  ? 23  GLU A C   1 
ATOM 166  O O   . GLU A 1 23  ? 3.562   -2.377  5.846   1.00 60.61  ? 23  GLU A O   1 
ATOM 167  C CB  . GLU A 1 23  ? 5.246   0.013   5.743   1.00 52.38  ? 23  GLU A CB  1 
ATOM 168  C CG  . GLU A 1 23  ? 6.226   1.110   6.110   1.00 55.98  ? 23  GLU A CG  1 
ATOM 169  C CD  . GLU A 1 23  ? 7.057   1.594   4.938   1.00 60.80  ? 23  GLU A CD  1 
ATOM 170  O OE1 . GLU A 1 23  ? 7.400   0.774   4.065   1.00 63.74  ? 23  GLU A OE1 1 
ATOM 171  O OE2 . GLU A 1 23  ? 7.369   2.800   4.891   1.00 59.96  ? 23  GLU A OE2 1 
ATOM 172  N N   . ASP A 1 24  ? 1.972   -1.031  6.709   1.00 61.49  ? 24  ASP A N   1 
ATOM 173  C CA  . ASP A 1 24  ? 0.858   -1.822  6.198   1.00 54.26  ? 24  ASP A CA  1 
ATOM 174  C C   . ASP A 1 24  ? 0.647   -1.512  4.720   1.00 55.30  ? 24  ASP A C   1 
ATOM 175  O O   . ASP A 1 24  ? 0.380   -0.358  4.373   1.00 58.87  ? 24  ASP A O   1 
ATOM 176  C CB  . ASP A 1 24  ? -0.412  -1.530  6.978   1.00 52.49  ? 24  ASP A CB  1 
ATOM 177  C CG  . ASP A 1 24  ? -1.594  -2.357  6.508   1.00 59.84  ? 24  ASP A CG  1 
ATOM 178  O OD1 . ASP A 1 24  ? -1.531  -2.939  5.406   1.00 62.98  ? 24  ASP A OD1 1 
ATOM 179  O OD2 . ASP A 1 24  ? -2.595  -2.426  7.250   1.00 61.72  ? 24  ASP A OD2 1 
ATOM 180  N N   . PRO A 1 25  ? 0.750   -2.497  3.829   1.00 47.16  ? 25  PRO A N   1 
ATOM 181  C CA  . PRO A 1 25  ? 0.572   -2.221  2.397   1.00 42.75  ? 25  PRO A CA  1 
ATOM 182  C C   . PRO A 1 25  ? -0.735  -1.564  2.017   1.00 43.72  ? 25  PRO A C   1 
ATOM 183  O O   . PRO A 1 25  ? -0.788  -0.843  1.015   1.00 48.67  ? 25  PRO A O   1 
ATOM 184  C CB  . PRO A 1 25  ? 0.683   -3.613  1.767   1.00 39.42  ? 25  PRO A CB  1 
ATOM 185  C CG  . PRO A 1 25  ? 1.509   -4.370  2.690   1.00 43.77  ? 25  PRO A CG  1 
ATOM 186  C CD  . PRO A 1 25  ? 1.145   -3.892  4.056   1.00 45.87  ? 25  PRO A CD  1 
ATOM 187  N N   . GLU A 1 26  ? -1.795  -1.791  2.775   1.00 46.92  ? 26  GLU A N   1 
ATOM 188  C CA  . GLU A 1 26  ? -3.113  -1.309  2.384   1.00 49.71  ? 26  GLU A CA  1 
ATOM 189  C C   . GLU A 1 26  ? -3.307  0.163   2.717   1.00 54.57  ? 26  GLU A C   1 
ATOM 190  O O   . GLU A 1 26  ? -3.936  0.898   1.948   1.00 52.53  ? 26  GLU A O   1 
ATOM 191  C CB  . GLU A 1 26  ? -4.182  -2.161  3.059   1.00 52.43  ? 26  GLU A CB  1 
ATOM 192  C CG  . GLU A 1 26  ? -5.559  -1.997  2.470   1.00 57.70  ? 26  GLU A CG  1 
ATOM 193  C CD  . GLU A 1 26  ? -6.570  -2.937  3.092   1.00 60.12  ? 26  GLU A CD  1 
ATOM 194  O OE1 . GLU A 1 26  ? -6.282  -4.149  3.177   1.00 60.19  ? 26  GLU A OE1 1 
ATOM 195  O OE2 . GLU A 1 26  ? -7.652  -2.464  3.501   1.00 59.23  ? 26  GLU A OE2 1 
ATOM 196  N N   . LYS A 1 27  ? -2.770  0.608   3.847   1.00 49.67  ? 27  LYS A N   1 
ATOM 197  C CA  . LYS A 1 27  ? -2.906  1.997   4.262   1.00 41.60  ? 27  LYS A CA  1 
ATOM 198  C C   . LYS A 1 27  ? -1.876  2.907   3.612   1.00 44.01  ? 27  LYS A C   1 
ATOM 199  O O   . LYS A 1 27  ? -2.209  4.007   3.160   1.00 53.41  ? 27  LYS A O   1 
ATOM 200  C CB  . LYS A 1 27  ? -2.743  2.070   5.769   1.00 44.76  ? 27  LYS A CB  1 
ATOM 201  C CG  . LYS A 1 27  ? -3.787  1.344   6.542   1.00 41.22  ? 27  LYS A CG  1 
ATOM 202  C CD  . LYS A 1 27  ? -3.548  1.530   8.010   1.00 43.78  ? 27  LYS A CD  1 
ATOM 203  C CE  . LYS A 1 27  ? -4.513  0.736   8.835   1.00 46.46  ? 27  LYS A CE  1 
ATOM 204  N NZ  . LYS A 1 27  ? -4.239  0.920   10.278  1.00 48.89  ? 27  LYS A NZ  1 
ATOM 205  N N   . VAL A 1 28  ? -0.621  2.472   3.568   1.00 39.07  ? 28  VAL A N   1 
ATOM 206  C CA  . VAL A 1 28  ? 0.461   3.315   3.080   1.00 45.46  ? 28  VAL A CA  1 
ATOM 207  C C   . VAL A 1 28  ? 0.385   3.510   1.578   1.00 40.29  ? 28  VAL A C   1 
ATOM 208  O O   . VAL A 1 28  ? 0.852   4.525   1.050   1.00 48.39  ? 28  VAL A O   1 
ATOM 209  C CB  . VAL A 1 28  ? 1.807   2.704   3.492   1.00 39.94  ? 28  VAL A CB  1 
ATOM 210  C CG1 . VAL A 1 28  ? 2.943   3.510   2.940   1.00 42.13  ? 28  VAL A CG1 1 
ATOM 211  C CG2 . VAL A 1 28  ? 1.900   2.632   4.984   1.00 38.13  ? 28  VAL A CG2 1 
ATOM 212  N N   . LEU A 1 29  ? -0.191  2.554   0.867   1.00 33.71  ? 29  LEU A N   1 
ATOM 213  C CA  . LEU A 1 29  ? -0.201  2.612   -0.584  1.00 40.78  ? 29  LEU A CA  1 
ATOM 214  C C   . LEU A 1 29  ? -1.131  3.690   -1.129  1.00 42.93  ? 29  LEU A C   1 
ATOM 215  O O   . LEU A 1 29  ? -0.883  4.218   -2.218  1.00 51.21  ? 29  LEU A O   1 
ATOM 216  C CB  . LEU A 1 29  ? -0.599  1.240   -1.107  1.00 41.26  ? 29  LEU A CB  1 
ATOM 217  C CG  . LEU A 1 29  ? -0.509  0.930   -2.584  1.00 42.56  ? 29  LEU A CG  1 
ATOM 218  C CD1 . LEU A 1 29  ? 0.920   0.954   -3.001  1.00 40.97  ? 29  LEU A CD1 1 
ATOM 219  C CD2 . LEU A 1 29  ? -1.085  -0.430  -2.820  1.00 37.67  ? 29  LEU A CD2 1 
ATOM 220  N N   . GLU A 1 30  ? -2.194  4.028   -0.410  1.00 42.54  ? 30  GLU A N   1 
ATOM 221  C CA  . GLU A 1 30  ? -3.042  5.156   -0.777  1.00 43.14  ? 30  GLU A CA  1 
ATOM 222  C C   . GLU A 1 30  ? -2.583  6.503   -0.235  1.00 47.12  ? 30  GLU A C   1 
ATOM 223  O O   . GLU A 1 30  ? -2.802  7.529   -0.885  1.00 56.40  ? 30  GLU A O   1 
ATOM 224  C CB  . GLU A 1 30  ? -4.464  4.918   -0.280  1.00 46.80  ? 30  GLU A CB  1 
ATOM 225  C CG  . GLU A 1 30  ? -4.561  4.848   1.216   1.00 50.31  ? 30  GLU A CG  1 
ATOM 226  C CD  . GLU A 1 30  ? -5.896  4.320   1.689   1.00 59.47  ? 30  GLU A CD  1 
ATOM 227  O OE1 . GLU A 1 30  ? -6.573  3.631   0.902   1.00 58.25  ? 30  GLU A OE1 1 
ATOM 228  O OE2 . GLU A 1 30  ? -6.267  4.594   2.851   1.00 62.92  ? 30  GLU A OE2 1 
ATOM 229  N N   . GLN A 1 31  ? -1.950  6.521   0.932   1.00 35.41  ? 31  GLN A N   1 
ATOM 230  C CA  . GLN A 1 31  ? -1.309  7.733   1.430   1.00 36.81  ? 31  GLN A CA  1 
ATOM 231  C C   . GLN A 1 31  ? -0.189  8.213   0.518   1.00 39.76  ? 31  GLN A C   1 
ATOM 232  O O   . GLN A 1 31  ? -0.007  9.420   0.327   1.00 50.35  ? 31  GLN A O   1 
ATOM 233  C CB  . GLN A 1 31  ? -0.769  7.472   2.826   1.00 31.85  ? 31  GLN A CB  1 
ATOM 234  C CG  . GLN A 1 31  ? -0.261  8.686   3.542   1.00 34.95  ? 31  GLN A CG  1 
ATOM 235  C CD  . GLN A 1 31  ? -1.348  9.684   3.834   1.00 41.38  ? 31  GLN A CD  1 
ATOM 236  O OE1 . GLN A 1 31  ? -2.378  9.347   4.408   1.00 49.42  ? 31  GLN A OE1 1 
ATOM 237  N NE2 . GLN A 1 31  ? -1.117  10.929  3.459   1.00 38.76  ? 31  GLN A NE2 1 
ATOM 238  N N   . ALA A 1 32  ? 0.572   7.287   -0.052  1.00 29.42  ? 32  ALA A N   1 
ATOM 239  C CA  . ALA A 1 32  ? 1.619   7.648   -0.999  1.00 26.74  ? 32  ALA A CA  1 
ATOM 240  C C   . ALA A 1 32  ? 1.079   8.406   -2.205  1.00 38.95  ? 32  ALA A C   1 
ATOM 241  O O   . ALA A 1 32  ? 1.742   9.308   -2.725  1.00 53.34  ? 32  ALA A O   1 
ATOM 242  C CB  . ALA A 1 32  ? 2.346   6.393   -1.456  1.00 26.76  ? 32  ALA A CB  1 
ATOM 243  N N   . VAL A 1 33  ? -0.114  8.053   -2.666  1.00 31.02  ? 33  VAL A N   1 
ATOM 244  C CA  . VAL A 1 33  ? -0.729  8.774   -3.774  1.00 32.15  ? 33  VAL A CA  1 
ATOM 245  C C   . VAL A 1 33  ? -1.280  10.125  -3.347  1.00 33.91  ? 33  VAL A C   1 
ATOM 246  O O   . VAL A 1 33  ? -1.234  11.091  -4.114  1.00 49.55  ? 33  VAL A O   1 
ATOM 247  C CB  . VAL A 1 33  ? -1.826  7.900   -4.396  1.00 32.04  ? 33  VAL A CB  1 
ATOM 248  C CG1 . VAL A 1 33  ? -2.449  8.598   -5.563  1.00 36.68  ? 33  VAL A CG1 1 
ATOM 249  C CG2 . VAL A 1 33  ? -1.258  6.588   -4.821  1.00 30.63  ? 33  VAL A CG2 1 
ATOM 250  N N   . ILE A 1 34  ? -1.810  10.224  -2.133  1.00 25.49  ? 34  ILE A N   1 
ATOM 251  C CA  . ILE A 1 34  ? -2.203  11.525  -1.601  1.00 34.95  ? 34  ILE A CA  1 
ATOM 252  C C   . ILE A 1 34  ? -1.019  12.478  -1.529  1.00 40.93  ? 34  ILE A C   1 
ATOM 253  O O   . ILE A 1 34  ? -1.091  13.618  -2.000  1.00 50.30  ? 34  ILE A O   1 
ATOM 254  C CB  . ILE A 1 34  ? -2.856  11.346  -0.224  1.00 35.39  ? 34  ILE A CB  1 
ATOM 255  C CG1 . ILE A 1 34  ? -4.199  10.647  -0.370  1.00 33.33  ? 34  ILE A CG1 1 
ATOM 256  C CG2 . ILE A 1 34  ? -3.017  12.664  0.473   1.00 41.78  ? 34  ILE A CG2 1 
ATOM 257  C CD1 . ILE A 1 34  ? -4.751  10.173  0.915   1.00 34.18  ? 34  ILE A CD1 1 
ATOM 258  N N   . ASP A 1 35  ? 0.085   12.033  -0.941  1.00 37.58  ? 35  ASP A N   1 
ATOM 259  C CA  . ASP A 1 35  ? 1.271   12.875  -0.846  1.00 35.84  ? 35  ASP A CA  1 
ATOM 260  C C   . ASP A 1 35  ? 1.754   13.334  -2.214  1.00 39.84  ? 35  ASP A C   1 
ATOM 261  O O   . ASP A 1 35  ? 2.059   14.512  -2.421  1.00 55.37  ? 35  ASP A O   1 
ATOM 262  C CB  . ASP A 1 35  ? 2.374   12.111  -0.122  1.00 42.22  ? 35  ASP A CB  1 
ATOM 263  C CG  . ASP A 1 35  ? 2.041   11.846  1.326   1.00 51.50  ? 35  ASP A CG  1 
ATOM 264  O OD1 . ASP A 1 35  ? 1.009   12.364  1.803   1.00 55.06  ? 35  ASP A OD1 1 
ATOM 265  O OD2 . ASP A 1 35  ? 2.809   11.124  1.993   1.00 47.75  ? 35  ASP A OD2 1 
ATOM 266  N N   . MET A 1 36  ? 1.830   12.409  -3.158  1.00 29.37  ? 36  MET A N   1 
ATOM 267  C CA  . MET A 1 36  ? 2.263   12.715  -4.513  1.00 31.65  ? 36  MET A CA  1 
ATOM 268  C C   . MET A 1 36  ? 1.311   13.641  -5.264  1.00 35.46  ? 36  MET A C   1 
ATOM 269  O O   . MET A 1 36  ? 1.737   14.323  -6.201  1.00 50.06  ? 36  MET A O   1 
ATOM 270  C CB  . MET A 1 36  ? 2.477   11.410  -5.266  1.00 33.53  ? 36  MET A CB  1 
ATOM 271  C CG  . MET A 1 36  ? 2.663   11.564  -6.737  1.00 47.21  ? 36  MET A CG  1 
ATOM 272  S SD  . MET A 1 36  ? 3.505   10.145  -7.458  1.00 66.73  ? 36  MET A SD  1 
ATOM 273  C CE  . MET A 1 36  ? 2.543   8.801   -6.791  1.00 32.44  ? 36  MET A CE  1 
ATOM 274  N N   . GLN A 1 37  ? 0.036   13.682  -4.891  1.00 34.75  ? 37  GLN A N   1 
ATOM 275  C CA  . GLN A 1 37  ? -0.880  14.643  -5.501  1.00 31.36  ? 37  GLN A CA  1 
ATOM 276  C C   . GLN A 1 37  ? -0.698  16.069  -4.992  1.00 39.78  ? 37  GLN A C   1 
ATOM 277  O O   . GLN A 1 37  ? -0.673  17.014  -5.785  1.00 57.15  ? 37  GLN A O   1 
ATOM 278  C CB  . GLN A 1 37  ? -2.318  14.201  -5.268  1.00 31.17  ? 37  GLN A CB  1 
ATOM 279  C CG  . GLN A 1 37  ? -2.794  13.153  -6.241  1.00 43.32  ? 37  GLN A CG  1 
ATOM 280  C CD  . GLN A 1 37  ? -4.251  12.792  -6.064  1.00 47.25  ? 37  GLN A CD  1 
ATOM 281  O OE1 . GLN A 1 37  ? -4.953  12.520  -7.035  1.00 49.16  ? 37  GLN A OE1 1 
ATOM 282  N NE2 . GLN A 1 37  ? -4.714  12.785  -4.826  1.00 44.87  ? 37  GLN A NE2 1 
ATOM 283  N N   . GLU A 1 38  ? -0.573  16.255  -3.681  1.00 36.56  ? 38  GLU A N   1 
ATOM 284  C CA  . GLU A 1 38  ? -0.403  17.603  -3.149  1.00 43.26  ? 38  GLU A CA  1 
ATOM 285  C C   . GLU A 1 38  ? 0.972   18.189  -3.446  1.00 46.29  ? 38  GLU A C   1 
ATOM 286  O O   . GLU A 1 38  ? 1.121   19.413  -3.504  1.00 53.14  ? 38  GLU A O   1 
ATOM 287  C CB  . GLU A 1 38  ? -0.641  17.588  -1.650  1.00 42.49  ? 38  GLU A CB  1 
ATOM 288  C CG  . GLU A 1 38  ? 0.384   16.799  -0.896  1.00 48.98  ? 38  GLU A CG  1 
ATOM 289  C CD  . GLU A 1 38  ? 0.104   16.760  0.589   1.00 58.72  ? 38  GLU A CD  1 
ATOM 290  O OE1 . GLU A 1 38  ? -0.881  17.395  1.020   1.00 58.28  ? 38  GLU A OE1 1 
ATOM 291  O OE2 . GLU A 1 38  ? 0.861   16.095  1.325   1.00 59.80  ? 38  GLU A OE2 1 
ATOM 292  N N   . ASP A 1 39  ? 1.976   17.343  -3.628  1.00 38.35  ? 39  ASP A N   1 
ATOM 293  C CA  . ASP A 1 39  ? 3.262   17.794  -4.149  1.00 38.71  ? 39  ASP A CA  1 
ATOM 294  C C   . ASP A 1 39  ? 3.120   18.531  -5.474  1.00 42.56  ? 39  ASP A C   1 
ATOM 295  O O   . ASP A 1 39  ? 3.806   19.528  -5.718  1.00 52.19  ? 39  ASP A O   1 
ATOM 296  C CB  . ASP A 1 39  ? 4.194   16.602  -4.310  1.00 43.66  ? 39  ASP A CB  1 
ATOM 297  C CG  . ASP A 1 39  ? 5.523   16.982  -4.917  1.00 55.22  ? 39  ASP A CG  1 
ATOM 298  O OD1 . ASP A 1 39  ? 5.934   18.152  -4.771  1.00 55.79  ? 39  ASP A OD1 1 
ATOM 299  O OD2 . ASP A 1 39  ? 6.158   16.113  -5.549  1.00 56.29  ? 39  ASP A OD2 1 
ATOM 300  N N   . LEU A 1 40  ? 2.235   18.054  -6.342  1.00 32.86  ? 40  LEU A N   1 
ATOM 301  C CA  . LEU A 1 40  ? 1.946   18.746  -7.592  1.00 32.73  ? 40  LEU A CA  1 
ATOM 302  C C   . LEU A 1 40  ? 1.214   20.065  -7.396  1.00 39.42  ? 40  LEU A C   1 
ATOM 303  O O   . LEU A 1 40  ? 1.407   20.996  -8.185  1.00 47.89  ? 40  LEU A O   1 
ATOM 304  C CB  . LEU A 1 40  ? 1.108   17.834  -8.476  1.00 31.49  ? 40  LEU A CB  1 
ATOM 305  C CG  . LEU A 1 40  ? 0.584   18.409  -9.780  1.00 42.53  ? 40  LEU A CG  1 
ATOM 306  C CD1 . LEU A 1 40  ? 1.712   18.832  -10.658 1.00 44.26  ? 40  LEU A CD1 1 
ATOM 307  C CD2 . LEU A 1 40  ? -0.262  17.392  -10.476 1.00 36.31  ? 40  LEU A CD2 1 
ATOM 308  N N   . VAL A 1 41  ? 0.375   20.175  -6.373  1.00 36.93  ? 41  VAL A N   1 
ATOM 309  C CA  . VAL A 1 41  ? -0.261  21.454  -6.073  1.00 38.24  ? 41  VAL A CA  1 
ATOM 310  C C   . VAL A 1 41  ? 0.754   22.498  -5.628  1.00 41.78  ? 41  VAL A C   1 
ATOM 311  O O   . VAL A 1 41  ? 0.690   23.658  -6.050  1.00 51.17  ? 41  VAL A O   1 
ATOM 312  C CB  . VAL A 1 41  ? -1.345  21.243  -5.010  1.00 38.24  ? 41  VAL A CB  1 
ATOM 313  C CG1 . VAL A 1 41  ? -1.966  22.547  -4.616  1.00 41.71  ? 41  VAL A CG1 1 
ATOM 314  C CG2 . VAL A 1 41  ? -2.393  20.317  -5.532  1.00 36.26  ? 41  VAL A CG2 1 
ATOM 315  N N   . GLN A 1 42  ? 1.702   22.114  -4.781  1.00 34.41  ? 42  GLN A N   1 
ATOM 316  C CA  . GLN A 1 42  ? 2.776   23.023  -4.402  1.00 36.47  ? 42  GLN A CA  1 
ATOM 317  C C   . GLN A 1 42  ? 3.657   23.396  -5.584  1.00 34.58  ? 42  GLN A C   1 
ATOM 318  O O   . GLN A 1 42  ? 4.034   24.562  -5.743  1.00 46.22  ? 42  GLN A O   1 
ATOM 319  C CB  . GLN A 1 42  ? 3.617   22.388  -3.304  1.00 38.66  ? 42  GLN A CB  1 
ATOM 320  C CG  . GLN A 1 42  ? 2.858   22.125  -2.032  1.00 43.24  ? 42  GLN A CG  1 
ATOM 321  C CD  . GLN A 1 42  ? 2.193   23.363  -1.484  1.00 50.83  ? 42  GLN A CD  1 
ATOM 322  O OE1 . GLN A 1 42  ? 2.750   24.456  -1.541  1.00 52.39  ? 42  GLN A OE1 1 
ATOM 323  N NE2 . GLN A 1 42  ? 0.992   23.199  -0.951  1.00 47.98  ? 42  GLN A NE2 1 
ATOM 324  N N   . LEU A 1 43  ? 3.998   22.425  -6.419  1.00 27.31  ? 43  LEU A N   1 
ATOM 325  C CA  . LEU A 1 43  ? 4.872   22.689  -7.552  1.00 28.43  ? 43  LEU A CA  1 
ATOM 326  C C   . LEU A 1 43  ? 4.254   23.656  -8.550  1.00 39.03  ? 43  LEU A C   1 
ATOM 327  O O   . LEU A 1 43  ? 4.940   24.537  -9.076  1.00 50.21  ? 43  LEU A O   1 
ATOM 328  C CB  . LEU A 1 43  ? 5.203   21.375  -8.246  1.00 28.74  ? 43  LEU A CB  1 
ATOM 329  C CG  . LEU A 1 43  ? 6.171   21.466  -9.411  1.00 36.26  ? 43  LEU A CG  1 
ATOM 330  C CD1 . LEU A 1 43  ? 7.521   21.859  -8.904  1.00 37.35  ? 43  LEU A CD1 1 
ATOM 331  C CD2 . LEU A 1 43  ? 6.246   20.160  -10.142 1.00 35.11  ? 43  LEU A CD2 1 
ATOM 332  N N   . ARG A 1 44  ? 2.966   23.509  -8.824  1.00 38.28  ? 44  ARG A N   1 
ATOM 333  C CA  . ARG A 1 44  ? 2.315   24.352  -9.818  1.00 29.65  ? 44  ARG A CA  1 
ATOM 334  C C   . ARG A 1 44  ? 2.268   25.815  -9.393  1.00 37.73  ? 44  ARG A C   1 
ATOM 335  O O   . ARG A 1 44  ? 2.382   26.714  -10.232 1.00 52.90  ? 44  ARG A O   1 
ATOM 336  C CB  . ARG A 1 44  ? 0.913   23.818  -10.085 1.00 30.90  ? 44  ARG A CB  1 
ATOM 337  C CG  . ARG A 1 44  ? 0.246   24.432  -11.281 1.00 37.88  ? 44  ARG A CG  1 
ATOM 338  C CD  . ARG A 1 44  ? -1.166  23.927  -11.481 1.00 42.49  ? 44  ARG A CD  1 
ATOM 339  N NE  . ARG A 1 44  ? -1.214  22.521  -11.855 1.00 42.44  ? 44  ARG A NE  1 
ATOM 340  C CZ  . ARG A 1 44  ? -1.866  21.575  -11.191 1.00 45.08  ? 44  ARG A CZ  1 
ATOM 341  N NH1 . ARG A 1 44  ? -2.445  21.814  -10.027 1.00 45.73  ? 44  ARG A NH1 1 
ATOM 342  N NH2 . ARG A 1 44  ? -1.934  20.354  -11.709 1.00 37.94  ? 44  ARG A NH2 1 
ATOM 343  N N   . GLN A 1 45  ? 2.106   26.077  -8.099  1.00 33.23  ? 45  GLN A N   1 
ATOM 344  C CA  . GLN A 1 45  ? 2.175   27.439  -7.582  1.00 34.09  ? 45  GLN A CA  1 
ATOM 345  C C   . GLN A 1 45  ? 3.540   28.081  -7.792  1.00 33.69  ? 45  GLN A C   1 
ATOM 346  O O   . GLN A 1 45  ? 3.638   29.232  -8.230  1.00 49.32  ? 45  GLN A O   1 
ATOM 347  C CB  . GLN A 1 45  ? 1.854   27.434  -6.096  1.00 32.73  ? 45  GLN A CB  1 
ATOM 348  C CG  . GLN A 1 45  ? 0.448   27.058  -5.765  1.00 42.25  ? 45  GLN A CG  1 
ATOM 349  C CD  . GLN A 1 45  ? 0.200   27.060  -4.277  1.00 47.58  ? 45  GLN A CD  1 
ATOM 350  O OE1 . GLN A 1 45  ? 0.932   27.692  -3.518  1.00 49.32  ? 45  GLN A OE1 1 
ATOM 351  N NE2 . GLN A 1 45  ? -0.834  26.352  -3.849  1.00 45.64  ? 45  GLN A NE2 1 
ATOM 352  N N   . ALA A 1 46  ? 4.603   27.351  -7.484  1.00 22.60  ? 46  ALA A N   1 
ATOM 353  C CA  . ALA A 1 46  ? 5.956   27.864  -7.669  1.00 25.99  ? 46  ALA A CA  1 
ATOM 354  C C   . ALA A 1 46  ? 6.312   28.108  -9.128  1.00 28.84  ? 46  ALA A C   1 
ATOM 355  O O   . ALA A 1 46  ? 6.966   29.105  -9.449  1.00 39.87  ? 46  ALA A O   1 
ATOM 356  C CB  . ALA A 1 46  ? 6.945   26.893  -7.046  1.00 21.13  ? 46  ALA A CB  1 
ATOM 357  N N   . VAL A 1 47  ? 5.906   27.220  -10.026 1.00 17.46  ? 47  VAL A N   1 
ATOM 358  C CA  . VAL A 1 47  ? 6.167   27.433  -11.447 1.00 23.55  ? 47  VAL A CA  1 
ATOM 359  C C   . VAL A 1 47  ? 5.483   28.699  -11.946 1.00 34.15  ? 47  VAL A C   1 
ATOM 360  O O   . VAL A 1 47  ? 6.114   29.562  -12.563 1.00 48.72  ? 47  VAL A O   1 
ATOM 361  C CB  . VAL A 1 47  ? 5.715   26.203  -12.252 1.00 29.85  ? 47  VAL A CB  1 
ATOM 362  C CG1 . VAL A 1 47  ? 5.819   26.463  -13.727 1.00 31.08  ? 47  VAL A CG1 1 
ATOM 363  C CG2 . VAL A 1 47  ? 6.538   25.026  -11.879 1.00 27.00  ? 47  VAL A CG2 1 
ATOM 364  N N   . ALA A 1 48  ? 4.189   28.830  -11.677 1.00 27.39  ? 48  ALA A N   1 
ATOM 365  C CA  . ALA A 1 48  ? 3.441   29.996  -12.130 1.00 24.79  ? 48  ALA A CA  1 
ATOM 366  C C   . ALA A 1 48  ? 4.062   31.296  -11.647 1.00 32.89  ? 48  ALA A C   1 
ATOM 367  O O   . ALA A 1 48  ? 4.073   32.299  -12.367 1.00 43.90  ? 48  ALA A O   1 
ATOM 368  C CB  . ALA A 1 48  ? 2.007   29.895  -11.636 1.00 24.86  ? 48  ALA A CB  1 
ATOM 369  N N   . ARG A 1 49  ? 4.580   31.292  -10.428 1.00 31.67  ? 49  ARG A N   1 
ATOM 370  C CA  . ARG A 1 49  ? 5.267   32.453  -9.881  1.00 27.27  ? 49  ARG A CA  1 
ATOM 371  C C   . ARG A 1 49  ? 6.543   32.819  -10.636 1.00 27.75  ? 49  ARG A C   1 
ATOM 372  O O   . ARG A 1 49  ? 6.956   33.982  -10.602 1.00 44.31  ? 49  ARG A O   1 
ATOM 373  C CB  . ARG A 1 49  ? 5.532   32.198  -8.407  1.00 21.47  ? 49  ARG A CB  1 
ATOM 374  C CG  . ARG A 1 49  ? 6.422   33.181  -7.744  1.00 38.78  ? 49  ARG A CG  1 
ATOM 375  C CD  . ARG A 1 49  ? 6.207   33.149  -6.243  1.00 41.13  ? 49  ARG A CD  1 
ATOM 376  N NE  . ARG A 1 49  ? 6.094   31.801  -5.701  1.00 43.46  ? 49  ARG A NE  1 
ATOM 377  C CZ  . ARG A 1 49  ? 7.101   30.958  -5.522  1.00 48.96  ? 49  ARG A CZ  1 
ATOM 378  N NH1 . ARG A 1 49  ? 8.296   31.185  -6.041  1.00 44.88  ? 49  ARG A NH1 1 
ATOM 379  N NH2 . ARG A 1 49  ? 6.891   29.838  -4.838  1.00 39.32  ? 49  ARG A NH2 1 
ATOM 380  N N   . THR A 1 50  ? 7.188   31.867  -11.308 1.00 23.62  ? 50  THR A N   1 
ATOM 381  C CA  . THR A 1 50  ? 8.280   32.221  -12.212 1.00 24.42  ? 50  THR A CA  1 
ATOM 382  C C   . THR A 1 50  ? 7.821   32.645  -13.602 1.00 28.64  ? 50  THR A C   1 
ATOM 383  O O   . THR A 1 50  ? 8.515   33.424  -14.260 1.00 41.36  ? 50  THR A O   1 
ATOM 384  C CB  . THR A 1 50  ? 9.233   31.044  -12.374 1.00 28.68  ? 50  THR A CB  1 
ATOM 385  O OG1 . THR A 1 50  ? 8.618   30.045  -13.190 1.00 35.44  ? 50  THR A OG1 1 
ATOM 386  C CG2 . THR A 1 50  ? 9.580   30.455  -11.042 1.00 24.62  ? 50  THR A CG2 1 
ATOM 387  N N   . ILE A 1 51  ? 6.684   32.146  -14.070 1.00 22.62  ? 51  ILE A N   1 
ATOM 388  C CA  . ILE A 1 51  ? 6.129   32.605  -15.340 1.00 34.19  ? 51  ILE A CA  1 
ATOM 389  C C   . ILE A 1 51  ? 5.743   34.076  -15.275 1.00 36.19  ? 51  ILE A C   1 
ATOM 390  O O   . ILE A 1 51  ? 5.927   34.825  -16.238 1.00 43.24  ? 51  ILE A O   1 
ATOM 391  C CB  . ILE A 1 51  ? 4.920   31.740  -15.738 1.00 42.25  ? 51  ILE A CB  1 
ATOM 392  C CG1 . ILE A 1 51  ? 5.255   30.256  -15.679 1.00 33.37  ? 51  ILE A CG1 1 
ATOM 393  C CG2 . ILE A 1 51  ? 4.470   32.104  -17.120 1.00 39.76  ? 51  ILE A CG2 1 
ATOM 394  C CD1 . ILE A 1 51  ? 6.347   29.844  -16.589 1.00 39.04  ? 51  ILE A CD1 1 
ATOM 395  N N   . ALA A 1 52  ? 5.210   34.507  -14.137 1.00 29.19  ? 52  ALA A N   1 
ATOM 396  C CA  . ALA A 1 52  ? 4.832   35.901  -13.954 1.00 31.68  ? 52  ALA A CA  1 
ATOM 397  C C   . ALA A 1 52  ? 5.982   36.870  -14.166 1.00 40.95  ? 52  ALA A C   1 
ATOM 398  O O   . ALA A 1 52  ? 5.756   38.023  -14.545 1.00 53.03  ? 52  ALA A O   1 
ATOM 399  C CB  . ALA A 1 52  ? 4.271   36.084  -12.552 1.00 33.30  ? 52  ALA A CB  1 
ATOM 400  N N   . GLU A 1 53  ? 7.208   36.436  -13.934 1.00 44.70  ? 53  GLU A N   1 
ATOM 401  C CA  . GLU A 1 53  ? 8.363   37.314  -14.038 1.00 37.63  ? 53  GLU A CA  1 
ATOM 402  C C   . GLU A 1 53  ? 9.005   37.341  -15.414 1.00 37.51  ? 53  GLU A C   1 
ATOM 403  O O   . GLU A 1 53  ? 9.525   38.384  -15.823 1.00 49.79  ? 53  GLU A O   1 
ATOM 404  C CB  . GLU A 1 53  ? 9.378   36.883  -12.993 1.00 36.52  ? 53  GLU A CB  1 
ATOM 405  C CG  . GLU A 1 53  ? 8.877   37.156  -11.605 1.00 41.29  ? 53  GLU A CG  1 
ATOM 406  C CD  . GLU A 1 53  ? 9.860   36.764  -10.549 1.00 55.17  ? 53  GLU A CD  1 
ATOM 407  O OE1 . GLU A 1 53  ? 10.640  35.829  -10.811 1.00 56.56  ? 53  GLU A OE1 1 
ATOM 408  O OE2 . GLU A 1 53  ? 9.852   37.377  -9.465  1.00 61.41  ? 53  GLU A OE2 1 
ATOM 409  N N   . GLU A 1 54  ? 8.986   36.228  -16.140 1.00 39.00  ? 54  GLU A N   1 
ATOM 410  C CA  . GLU A 1 54  ? 9.284   36.273  -17.566 1.00 41.98  ? 54  GLU A CA  1 
ATOM 411  C C   . GLU A 1 54  ? 8.356   37.231  -18.303 1.00 45.10  ? 54  GLU A C   1 
ATOM 412  O O   . GLU A 1 54  ? 8.795   37.990  -19.174 1.00 50.76  ? 54  GLU A O   1 
ATOM 413  C CB  . GLU A 1 54  ? 9.174   34.870  -18.147 1.00 45.95  ? 54  GLU A CB  1 
ATOM 414  C CG  . GLU A 1 54  ? 9.496   34.760  -19.612 1.00 51.05  ? 54  GLU A CG  1 
ATOM 415  C CD  . GLU A 1 54  ? 8.700   33.671  -20.294 1.00 60.12  ? 54  GLU A CD  1 
ATOM 416  O OE1 . GLU A 1 54  ? 8.665   32.541  -19.766 1.00 58.02  ? 54  GLU A OE1 1 
ATOM 417  O OE2 . GLU A 1 54  ? 8.106   33.944  -21.358 1.00 62.18  ? 54  GLU A OE2 1 
ATOM 418  N N   . LYS A 1 55  ? 7.072   37.210  -17.963 1.00 41.45  ? 55  LYS A N   1 
ATOM 419  C CA  . LYS A 1 55  ? 6.118   38.157  -18.525 1.00 40.00  ? 55  LYS A CA  1 
ATOM 420  C C   . LYS A 1 55  ? 6.478   39.593  -18.198 1.00 39.55  ? 55  LYS A C   1 
ATOM 421  O O   . LYS A 1 55  ? 6.176   40.508  -18.972 1.00 47.58  ? 55  LYS A O   1 
ATOM 422  C CB  . LYS A 1 55  ? 4.728   37.862  -17.983 1.00 38.00  ? 55  LYS A CB  1 
ATOM 423  C CG  . LYS A 1 55  ? 4.060   36.678  -18.601 1.00 43.29  ? 55  LYS A CG  1 
ATOM 424  C CD  . LYS A 1 55  ? 2.689   36.477  -18.010 1.00 42.83  ? 55  LYS A CD  1 
ATOM 425  C CE  . LYS A 1 55  ? 2.031   35.255  -18.580 1.00 41.62  ? 55  LYS A CE  1 
ATOM 426  N NZ  . LYS A 1 55  ? 1.798   35.414  -20.032 1.00 42.27  ? 55  LYS A NZ  1 
ATOM 427  N N   . ARG A 1 56  ? 7.120   39.802  -17.063 1.00 38.17  ? 56  ARG A N   1 
ATOM 428  C CA  . ARG A 1 56  ? 7.334   41.120  -16.498 1.00 35.08  ? 56  ARG A CA  1 
ATOM 429  C C   . ARG A 1 56  ? 8.652   41.769  -16.900 1.00 38.67  ? 56  ARG A C   1 
ATOM 430  O O   . ARG A 1 56  ? 8.706   42.995  -17.031 1.00 49.76  ? 56  ARG A O   1 
ATOM 431  C CB  . ARG A 1 56  ? 7.264   40.983  -14.981 1.00 30.50  ? 56  ARG A CB  1 
ATOM 432  C CG  . ARG A 1 56  ? 7.197   42.235  -14.209 1.00 43.27  ? 56  ARG A CG  1 
ATOM 433  C CD  . ARG A 1 56  ? 5.897   42.952  -14.407 1.00 36.44  ? 56  ARG A CD  1 
ATOM 434  N NE  . ARG A 1 56  ? 5.911   44.200  -13.664 1.00 38.94  ? 56  ARG A NE  1 
ATOM 435  C CZ  . ARG A 1 56  ? 6.204   45.380  -14.185 1.00 36.35  ? 56  ARG A CZ  1 
ATOM 436  N NH1 . ARG A 1 56  ? 6.257   45.569  -15.490 1.00 37.86  ? 56  ARG A NH1 1 
ATOM 437  N NH2 . ARG A 1 56  ? 6.398   46.410  -13.374 1.00 40.43  ? 56  ARG A NH2 1 
ATOM 438  N N   . THR A 1 57  ? 9.717   40.993  -17.099 1.00 40.38  ? 57  THR A N   1 
ATOM 439  C CA  . THR A 1 57  ? 10.942  41.541  -17.670 1.00 45.27  ? 57  THR A CA  1 
ATOM 440  C C   . THR A 1 57  ? 10.789  41.931  -19.133 1.00 47.02  ? 57  THR A C   1 
ATOM 441  O O   . THR A 1 57  ? 11.499  42.820  -19.609 1.00 55.55  ? 57  THR A O   1 
ATOM 442  C CB  . THR A 1 57  ? 12.085  40.542  -17.541 1.00 44.51  ? 57  THR A CB  1 
ATOM 443  O OG1 . THR A 1 57  ? 11.780  39.365  -18.291 1.00 44.02  ? 57  THR A OG1 1 
ATOM 444  C CG2 . THR A 1 57  ? 12.296  40.177  -16.101 1.00 47.05  ? 57  THR A CG2 1 
ATOM 445  N N   . GLU A 1 58  ? 9.886   41.285  -19.858 1.00 41.37  ? 58  GLU A N   1 
ATOM 446  C CA  . GLU A 1 58  ? 9.670   41.644  -21.250 1.00 48.43  ? 58  GLU A CA  1 
ATOM 447  C C   . GLU A 1 58  ? 8.988   42.995  -21.407 1.00 52.65  ? 58  GLU A C   1 
ATOM 448  O O   . GLU A 1 58  ? 9.161   43.656  -22.434 1.00 53.36  ? 58  GLU A O   1 
ATOM 449  C CB  . GLU A 1 58  ? 8.839   40.565  -21.930 1.00 48.81  ? 58  GLU A CB  1 
ATOM 450  C CG  . GLU A 1 58  ? 8.934   40.570  -23.435 1.00 54.07  ? 58  GLU A CG  1 
ATOM 451  C CD  . GLU A 1 58  ? 7.869   41.418  -24.099 1.00 61.75  ? 58  GLU A CD  1 
ATOM 452  O OE1 . GLU A 1 58  ? 6.816   41.661  -23.475 1.00 63.95  ? 58  GLU A OE1 1 
ATOM 453  O OE2 . GLU A 1 58  ? 8.086   41.846  -25.252 1.00 59.66  ? 58  GLU A OE2 1 
ATOM 454  N N   . GLN A 1 59  ? 8.217   43.421  -20.413 1.00 44.71  ? 59  GLN A N   1 
ATOM 455  C CA  . GLN A 1 59  ? 7.708   44.785  -20.404 1.00 45.65  ? 59  GLN A CA  1 
ATOM 456  C C   . GLN A 1 59  ? 8.816   45.804  -20.178 1.00 50.98  ? 59  GLN A C   1 
ATOM 457  O O   . GLN A 1 59  ? 8.927   46.796  -20.909 1.00 60.31  ? 59  GLN A O   1 
ATOM 458  C CB  . GLN A 1 59  ? 6.673   44.919  -19.297 1.00 45.93  ? 59  GLN A CB  1 
ATOM 459  C CG  . GLN A 1 59  ? 5.421   44.114  -19.492 1.00 47.63  ? 59  GLN A CG  1 
ATOM 460  C CD  . GLN A 1 59  ? 4.576   44.086  -18.245 1.00 50.07  ? 59  GLN A CD  1 
ATOM 461  O OE1 . GLN A 1 59  ? 4.936   44.677  -17.229 1.00 56.67  ? 59  GLN A OE1 1 
ATOM 462  N NE2 . GLN A 1 59  ? 3.462   43.385  -18.305 1.00 44.51  ? 59  GLN A NE2 1 
ATOM 463  N N   . ARG A 1 60  ? 9.645   45.572  -19.164 1.00 41.03  ? 60  ARG A N   1 
ATOM 464  C CA  . ARG A 1 60  ? 10.727  46.490  -18.830 1.00 43.39  ? 60  ARG A CA  1 
ATOM 465  C C   . ARG A 1 60  ? 11.702  46.700  -19.981 1.00 43.49  ? 60  ARG A C   1 
ATOM 466  O O   . ARG A 1 60  ? 12.185  47.815  -20.201 1.00 53.29  ? 60  ARG A O   1 
ATOM 467  C CB  . ARG A 1 60  ? 11.479  45.951  -17.628 1.00 40.13  ? 60  ARG A CB  1 
ATOM 468  C CG  . ARG A 1 60  ? 10.679  45.861  -16.366 1.00 38.71  ? 60  ARG A CG  1 
ATOM 469  C CD  . ARG A 1 60  ? 11.532  45.268  -15.283 1.00 43.95  ? 60  ARG A CD  1 
ATOM 470  N NE  . ARG A 1 60  ? 10.770  44.531  -14.286 1.00 46.29  ? 60  ARG A NE  1 
ATOM 471  C CZ  . ARG A 1 60  ? 10.275  45.057  -13.177 1.00 47.90  ? 60  ARG A CZ  1 
ATOM 472  N NH1 . ARG A 1 60  ? 10.321  46.360  -12.949 1.00 49.86  ? 60  ARG A NH1 1 
ATOM 473  N NH2 . ARG A 1 60  ? 9.720   44.256  -12.275 1.00 42.11  ? 60  ARG A NH2 1 
ATOM 474  N N   . LEU A 1 61  ? 12.008  45.639  -20.718 1.00 36.02  ? 61  LEU A N   1 
ATOM 475  C CA  . LEU A 1 61  ? 12.860  45.752  -21.895 1.00 42.82  ? 61  LEU A CA  1 
ATOM 476  C C   . LEU A 1 61  ? 12.292  46.692  -22.950 1.00 47.65  ? 61  LEU A C   1 
ATOM 477  O O   . LEU A 1 61  ? 13.032  47.462  -23.568 1.00 55.30  ? 61  LEU A O   1 
ATOM 478  C CB  . LEU A 1 61  ? 13.077  44.364  -22.480 1.00 43.67  ? 61  LEU A CB  1 
ATOM 479  C CG  . LEU A 1 61  ? 13.828  44.260  -23.792 1.00 45.12  ? 61  LEU A CG  1 
ATOM 480  C CD1 . LEU A 1 61  ? 15.199  44.817  -23.624 1.00 47.32  ? 61  LEU A CD1 1 
ATOM 481  C CD2 . LEU A 1 61  ? 13.897  42.830  -24.207 1.00 41.12  ? 61  LEU A CD2 1 
ATOM 482  N N   . ASN A 1 62  ? 10.983  46.648  -23.167 1.00 49.55  ? 62  ASN A N   1 
ATOM 483  C CA  . ASN A 1 62  ? 10.346  47.492  -24.171 1.00 49.55  ? 62  ASN A CA  1 
ATOM 484  C C   . ASN A 1 62  ? 10.248  48.956  -23.767 1.00 51.94  ? 62  ASN A C   1 
ATOM 485  O O   . ASN A 1 62  ? 10.124  49.816  -24.645 1.00 63.70  ? 62  ASN A O   1 
ATOM 486  C CB  . ASN A 1 62  ? 8.960   46.952  -24.481 1.00 52.99  ? 62  ASN A CB  1 
ATOM 487  C CG  . ASN A 1 62  ? 9.001   45.789  -25.438 1.00 60.50  ? 62  ASN A CG  1 
ATOM 488  O OD1 . ASN A 1 62  ? 9.136   45.969  -26.646 1.00 61.66  ? 62  ASN A OD1 1 
ATOM 489  N ND2 . ASN A 1 62  ? 8.889   44.583  -24.903 1.00 56.68  ? 62  ASN A ND2 1 
ATOM 490  N N   . GLN A 1 63  ? 10.301  49.260  -22.478 1.00 49.51  ? 63  GLN A N   1 
ATOM 491  C CA  . GLN A 1 63  ? 10.424  50.649  -22.052 1.00 54.46  ? 63  GLN A CA  1 
ATOM 492  C C   . GLN A 1 63  ? 11.813  51.216  -22.306 1.00 60.65  ? 63  GLN A C   1 
ATOM 493  O O   . GLN A 1 63  ? 11.960  52.263  -22.946 1.00 68.22  ? 63  GLN A O   1 
ATOM 494  C CB  . GLN A 1 63  ? 10.095  50.748  -20.570 1.00 50.59  ? 63  GLN A CB  1 
ATOM 495  C CG  . GLN A 1 63  ? 8.685   50.383  -20.232 1.00 55.44  ? 63  GLN A CG  1 
ATOM 496  C CD  . GLN A 1 63  ? 8.397   50.519  -18.756 1.00 63.51  ? 63  GLN A CD  1 
ATOM 497  O OE1 . GLN A 1 63  ? 9.185   51.095  -18.010 1.00 62.11  ? 63  GLN A OE1 1 
ATOM 498  N NE2 . GLN A 1 63  ? 7.267   49.975  -18.324 1.00 64.77  ? 63  GLN A NE2 1 
ATOM 499  N N   . ASP A 1 64  ? 12.847  50.542  -21.818 1.00 52.12  ? 64  ASP A N   1 
ATOM 500  C CA  . ASP A 1 64  ? 14.196  51.083  -21.887 1.00 54.33  ? 64  ASP A CA  1 
ATOM 501  C C   . ASP A 1 64  ? 14.788  51.111  -23.289 1.00 55.06  ? 64  ASP A C   1 
ATOM 502  O O   . ASP A 1 64  ? 15.741  51.860  -23.520 1.00 62.78  ? 64  ASP A O   1 
ATOM 503  C CB  . ASP A 1 64  ? 15.115  50.276  -20.979 1.00 57.41  ? 64  ASP A CB  1 
ATOM 504  C CG  . ASP A 1 64  ? 14.804  50.473  -19.517 1.00 63.43  ? 64  ASP A CG  1 
ATOM 505  O OD1 . ASP A 1 64  ? 13.776  51.108  -19.210 1.00 63.05  ? 64  ASP A OD1 1 
ATOM 506  O OD2 . ASP A 1 64  ? 15.592  50.000  -18.673 1.00 66.20  ? 64  ASP A OD2 1 
ATOM 507  N N   . THR A 1 65  ? 14.264  50.331  -24.229 1.00 50.75  ? 65  THR A N   1 
ATOM 508  C CA  . THR A 1 65  ? 14.659  50.515  -25.622 1.00 55.55  ? 65  THR A CA  1 
ATOM 509  C C   . THR A 1 65  ? 14.035  51.750  -26.256 1.00 56.94  ? 65  THR A C   1 
ATOM 510  O O   . THR A 1 65  ? 14.681  52.431  -27.061 1.00 62.33  ? 65  THR A O   1 
ATOM 511  C CB  . THR A 1 65  ? 14.274  49.283  -26.428 1.00 53.23  ? 65  THR A CB  1 
ATOM 512  O OG1 . THR A 1 65  ? 12.915  48.939  -26.140 1.00 59.03  ? 65  THR A OG1 1 
ATOM 513  C CG2 . THR A 1 65  ? 15.160  48.129  -26.062 1.00 52.53  ? 65  THR A CG2 1 
ATOM 514  N N   . GLN A 1 66  ? 12.792  52.062  -25.912 1.00 52.81  ? 66  GLN A N   1 
ATOM 515  C CA  . GLN A 1 66  ? 12.154  53.264  -26.433 1.00 57.82  ? 66  GLN A CA  1 
ATOM 516  C C   . GLN A 1 66  ? 12.481  54.529  -25.654 1.00 61.11  ? 66  GLN A C   1 
ATOM 517  O O   . GLN A 1 66  ? 12.355  55.628  -26.203 1.00 68.74  ? 66  GLN A O   1 
ATOM 518  C CB  . GLN A 1 66  ? 10.645  53.047  -26.468 1.00 56.25  ? 66  GLN A CB  1 
ATOM 519  C CG  . GLN A 1 66  ? 9.951   53.308  -25.163 1.00 58.83  ? 66  GLN A CG  1 
ATOM 520  C CD  . GLN A 1 66  ? 8.471   53.024  -25.235 1.00 64.42  ? 66  GLN A CD  1 
ATOM 521  O OE1 . GLN A 1 66  ? 7.993   52.401  -26.180 1.00 62.74  ? 66  GLN A OE1 1 
ATOM 522  N NE2 . GLN A 1 66  ? 7.736   53.473  -24.228 1.00 62.55  ? 66  GLN A NE2 1 
ATOM 523  N N   . GLU A 1 67  ? 12.893  54.406  -24.397 1.00 57.71  ? 67  GLU A N   1 
ATOM 524  C CA  . GLU A 1 67  ? 13.384  55.563  -23.657 1.00 55.23  ? 67  GLU A CA  1 
ATOM 525  C C   . GLU A 1 67  ? 14.762  56.021  -24.122 1.00 59.84  ? 67  GLU A C   1 
ATOM 526  O O   . GLU A 1 67  ? 15.053  57.221  -24.096 1.00 70.38  ? 67  GLU A O   1 
ATOM 527  C CB  . GLU A 1 67  ? 13.424  55.233  -22.172 1.00 54.32  ? 67  GLU A CB  1 
ATOM 528  C CG  . GLU A 1 67  ? 13.716  56.407  -21.283 1.00 63.30  ? 67  GLU A CG  1 
ATOM 529  C CD  . GLU A 1 67  ? 12.577  57.402  -21.245 1.00 70.17  ? 67  GLU A CD  1 
ATOM 530  O OE1 . GLU A 1 67  ? 11.459  57.044  -21.669 1.00 67.52  ? 67  GLU A OE1 1 
ATOM 531  O OE2 . GLU A 1 67  ? 12.796  58.544  -20.788 1.00 71.75  ? 67  GLU A OE2 1 
ATOM 532  N N   . ALA A 1 68  ? 15.618  55.094  -24.545 1.00 50.05  ? 68  ALA A N   1 
ATOM 533  C CA  . ALA A 1 68  ? 16.908  55.467  -25.112 1.00 51.48  ? 68  ALA A CA  1 
ATOM 534  C C   . ALA A 1 68  ? 16.793  56.179  -26.453 1.00 59.67  ? 68  ALA A C   1 
ATOM 535  O O   . ALA A 1 68  ? 17.678  56.965  -26.807 1.00 64.39  ? 68  ALA A O   1 
ATOM 536  C CB  . ALA A 1 68  ? 17.775  54.227  -25.261 1.00 49.31  ? 68  ALA A CB  1 
ATOM 537  N N   . LYS A 1 69  ? 15.733  55.926  -27.212 1.00 58.98  ? 69  LYS A N   1 
ATOM 538  C CA  . LYS A 1 69  ? 15.513  56.677  -28.442 1.00 60.39  ? 69  LYS A CA  1 
ATOM 539  C C   . LYS A 1 69  ? 15.228  58.143  -28.162 1.00 62.52  ? 69  LYS A C   1 
ATOM 540  O O   . LYS A 1 69  ? 15.735  59.028  -28.861 1.00 70.28  ? 69  LYS A O   1 
ATOM 541  C CB  . LYS A 1 69  ? 14.352  56.072  -29.217 1.00 57.16  ? 69  LYS A CB  1 
ATOM 542  C CG  . LYS A 1 69  ? 14.711  54.848  -30.013 1.00 62.40  ? 69  LYS A CG  1 
ATOM 543  C CD  . LYS A 1 69  ? 13.666  54.564  -31.072 1.00 67.10  ? 69  LYS A CD  1 
ATOM 544  C CE  . LYS A 1 69  ? 12.352  54.097  -30.457 1.00 66.66  ? 69  LYS A CE  1 
ATOM 545  N NZ  . LYS A 1 69  ? 12.355  52.640  -30.143 1.00 63.07  ? 69  LYS A NZ  1 
ATOM 546  N N   . LYS A 1 70  ? 14.424  58.414  -27.141 1.00 55.04  ? 70  LYS A N   1 
ATOM 547  C CA  . LYS A 1 70  ? 14.160  59.783  -26.722 1.00 58.72  ? 70  LYS A CA  1 
ATOM 548  C C   . LYS A 1 70  ? 15.435  60.566  -26.439 1.00 61.14  ? 70  LYS A C   1 
ATOM 549  O O   . LYS A 1 70  ? 15.577  61.715  -26.870 1.00 68.56  ? 70  LYS A O   1 
ATOM 550  C CB  . LYS A 1 70  ? 13.270  59.748  -25.484 1.00 58.52  ? 70  LYS A CB  1 
ATOM 551  C CG  . LYS A 1 70  ? 13.328  60.985  -24.638 1.00 64.65  ? 70  LYS A CG  1 
ATOM 552  C CD  . LYS A 1 70  ? 12.503  60.818  -23.392 1.00 62.25  ? 70  LYS A CD  1 
ATOM 553  C CE  . LYS A 1 70  ? 12.893  61.836  -22.352 1.00 63.22  ? 70  LYS A CE  1 
ATOM 554  N NZ  . LYS A 1 70  ? 12.375  61.476  -21.016 1.00 63.77  ? 70  LYS A NZ  1 
ATOM 555  N N   . TRP A 1 71  ? 16.378  59.964  -25.724 1.00 48.99  ? 71  TRP A N   1 
ATOM 556  C CA  . TRP A 1 71  ? 17.619  60.657  -25.401 1.00 52.79  ? 71  TRP A CA  1 
ATOM 557  C C   . TRP A 1 71  ? 18.588  60.755  -26.569 1.00 58.83  ? 71  TRP A C   1 
ATOM 558  O O   . TRP A 1 71  ? 19.406  61.679  -26.605 1.00 66.90  ? 71  TRP A O   1 
ATOM 559  C CB  . TRP A 1 71  ? 18.311  59.960  -24.240 1.00 49.18  ? 71  TRP A CB  1 
ATOM 560  C CG  . TRP A 1 71  ? 17.637  60.141  -22.938 1.00 52.03  ? 71  TRP A CG  1 
ATOM 561  C CD1 . TRP A 1 71  ? 16.986  59.193  -22.219 1.00 55.99  ? 71  TRP A CD1 1 
ATOM 562  C CD2 . TRP A 1 71  ? 17.550  61.350  -22.186 1.00 55.63  ? 71  TRP A CD2 1 
ATOM 563  N NE1 . TRP A 1 71  ? 16.498  59.735  -21.061 1.00 56.76  ? 71  TRP A NE1 1 
ATOM 564  C CE2 . TRP A 1 71  ? 16.820  61.065  -21.025 1.00 56.92  ? 71  TRP A CE2 1 
ATOM 565  C CE3 . TRP A 1 71  ? 17.994  62.654  -22.395 1.00 53.99  ? 71  TRP A CE3 1 
ATOM 566  C CZ2 . TRP A 1 71  ? 16.539  62.027  -20.069 1.00 56.44  ? 71  TRP A CZ2 1 
ATOM 567  C CZ3 . TRP A 1 71  ? 17.711  63.606  -21.451 1.00 52.75  ? 71  TRP A CZ3 1 
ATOM 568  C CH2 . TRP A 1 71  ? 16.994  63.290  -20.300 1.00 55.39  ? 71  TRP A CH2 1 
ATOM 569  N N   . GLU A 1 72  ? 18.527  59.836  -27.525 1.00 61.14  ? 72  GLU A N   1 
ATOM 570  C CA  . GLU A 1 72  ? 19.300  60.013  -28.750 1.00 61.66  ? 72  GLU A CA  1 
ATOM 571  C C   . GLU A 1 72  ? 18.773  61.161  -29.600 1.00 67.03  ? 72  GLU A C   1 
ATOM 572  O O   . GLU A 1 72  ? 19.556  61.944  -30.150 1.00 72.10  ? 72  GLU A O   1 
ATOM 573  C CB  . GLU A 1 72  ? 19.287  58.718  -29.551 1.00 58.42  ? 72  GLU A CB  1 
ATOM 574  C CG  . GLU A 1 72  ? 20.164  58.753  -30.769 1.00 64.35  ? 72  GLU A CG  1 
ATOM 575  C CD  . GLU A 1 72  ? 20.529  57.369  -31.257 1.00 69.16  ? 72  GLU A CD  1 
ATOM 576  O OE1 . GLU A 1 72  ? 21.178  56.623  -30.496 1.00 70.77  ? 72  GLU A OE1 1 
ATOM 577  O OE2 . GLU A 1 72  ? 20.164  57.026  -32.400 1.00 70.90  ? 72  GLU A OE2 1 
ATOM 578  N N   . ASP A 1 73  ? 17.453  61.278  -29.721 1.00 62.86  ? 73  ASP A N   1 
ATOM 579  C CA  . ASP A 1 73  ? 16.863  62.369  -30.489 1.00 62.71  ? 73  ASP A CA  1 
ATOM 580  C C   . ASP A 1 73  ? 17.150  63.732  -29.868 1.00 69.41  ? 73  ASP A C   1 
ATOM 581  O O   . ASP A 1 73  ? 17.430  64.702  -30.581 1.00 75.50  ? 73  ASP A O   1 
ATOM 582  C CB  . ASP A 1 73  ? 15.360  62.154  -30.605 1.00 64.44  ? 73  ASP A CB  1 
ATOM 583  C CG  . ASP A 1 73  ? 14.729  63.016  -31.677 1.00 77.57  ? 73  ASP A CG  1 
ATOM 584  O OD1 . ASP A 1 73  ? 15.475  63.702  -32.406 1.00 78.55  ? 73  ASP A OD1 1 
ATOM 585  O OD2 . ASP A 1 73  ? 13.485  63.006  -31.793 1.00 76.99  ? 73  ASP A OD2 1 
ATOM 586  N N   . ARG A 1 74  ? 17.083  63.817  -28.545 1.00 58.73  ? 74  ARG A N   1 
ATOM 587  C CA  . ARG A 1 74  ? 17.408  65.045  -27.833 1.00 59.35  ? 74  ARG A CA  1 
ATOM 588  C C   . ARG A 1 74  ? 18.871  65.447  -27.964 1.00 61.73  ? 74  ARG A C   1 
ATOM 589  O O   . ARG A 1 74  ? 19.179  66.643  -28.000 1.00 68.91  ? 74  ARG A O   1 
ATOM 590  C CB  . ARG A 1 74  ? 17.034  64.865  -26.368 1.00 56.45  ? 74  ARG A CB  1 
ATOM 591  C CG  . ARG A 1 74  ? 15.544  64.899  -26.147 1.00 59.21  ? 74  ARG A CG  1 
ATOM 592  C CD  . ARG A 1 74  ? 15.132  64.090  -24.943 1.00 63.52  ? 74  ARG A CD  1 
ATOM 593  N NE  . ARG A 1 74  ? 15.272  64.796  -23.678 1.00 65.35  ? 74  ARG A NE  1 
ATOM 594  C CZ  . ARG A 1 74  ? 14.263  65.321  -22.998 1.00 64.59  ? 74  ARG A CZ  1 
ATOM 595  N NH1 . ARG A 1 74  ? 13.040  65.367  -23.497 1.00 63.44  ? 74  ARG A NH1 1 
ATOM 596  N NH2 . ARG A 1 74  ? 14.487  65.831  -21.792 1.00 63.51  ? 74  ARG A NH2 1 
ATOM 597  N N   . ALA A 1 75  ? 19.783  64.484  -28.038 1.00 52.99  ? 75  ALA A N   1 
ATOM 598  C CA  . ALA A 1 75  ? 21.188  64.811  -28.262 1.00 58.53  ? 75  ALA A CA  1 
ATOM 599  C C   . ALA A 1 75  ? 21.430  65.436  -29.627 1.00 62.21  ? 75  ALA A C   1 
ATOM 600  O O   . ALA A 1 75  ? 22.204  66.393  -29.748 1.00 70.44  ? 75  ALA A O   1 
ATOM 601  C CB  . ALA A 1 75  ? 22.037  63.558  -28.104 1.00 58.77  ? 75  ALA A CB  1 
ATOM 602  N N   . LYS A 1 76  ? 20.781  64.922  -30.666 1.00 61.35  ? 76  LYS A N   1 
ATOM 603  C CA  . LYS A 1 76  ? 20.893  65.533  -31.987 1.00 63.98  ? 76  LYS A CA  1 
ATOM 604  C C   . LYS A 1 76  ? 20.294  66.929  -32.014 1.00 66.10  ? 76  LYS A C   1 
ATOM 605  O O   . LYS A 1 76  ? 20.849  67.842  -32.636 1.00 70.49  ? 76  LYS A O   1 
ATOM 606  C CB  . LYS A 1 76  ? 20.215  64.636  -33.016 1.00 63.32  ? 76  LYS A CB  1 
ATOM 607  C CG  . LYS A 1 76  ? 21.005  63.386  -33.329 1.00 62.84  ? 76  LYS A CG  1 
ATOM 608  C CD  . LYS A 1 76  ? 20.118  62.273  -33.838 1.00 66.06  ? 76  LYS A CD  1 
ATOM 609  C CE  . LYS A 1 76  ? 19.340  62.689  -35.070 1.00 67.80  ? 76  LYS A CE  1 
ATOM 610  N NZ  . LYS A 1 76  ? 18.430  61.606  -35.519 1.00 68.89  ? 76  LYS A NZ  1 
ATOM 611  N N   . LEU A 1 77  ? 19.161  67.114  -31.346 1.00 61.75  ? 77  LEU A N   1 
ATOM 612  C CA  . LEU A 1 77  ? 18.562  68.436  -31.221 1.00 64.07  ? 77  LEU A CA  1 
ATOM 613  C C   . LEU A 1 77  ? 19.505  69.427  -30.548 1.00 66.99  ? 77  LEU A C   1 
ATOM 614  O O   . LEU A 1 77  ? 19.567  70.598  -30.932 1.00 72.03  ? 77  LEU A O   1 
ATOM 615  C CB  . LEU A 1 77  ? 17.262  68.329  -30.435 1.00 62.43  ? 77  LEU A CB  1 
ATOM 616  C CG  . LEU A 1 77  ? 16.481  69.619  -30.252 1.00 66.12  ? 77  LEU A CG  1 
ATOM 617  C CD1 . LEU A 1 77  ? 16.018  70.126  -31.588 1.00 64.92  ? 77  LEU A CD1 1 
ATOM 618  C CD2 . LEU A 1 77  ? 15.309  69.387  -29.331 1.00 64.19  ? 77  LEU A CD2 1 
ATOM 619  N N   . ALA A 1 78  ? 20.220  68.984  -29.519 1.00 64.38  ? 78  ALA A N   1 
ATOM 620  C CA  . ALA A 1 78  ? 21.204  69.841  -28.869 1.00 65.53  ? 78  ALA A CA  1 
ATOM 621  C C   . ALA A 1 78  ? 22.351  70.227  -29.799 1.00 66.87  ? 78  ALA A C   1 
ATOM 622  O O   . ALA A 1 78  ? 22.779  71.386  -29.810 1.00 71.02  ? 78  ALA A O   1 
ATOM 623  C CB  . ALA A 1 78  ? 21.748  69.152  -27.624 1.00 66.29  ? 78  ALA A CB  1 
ATOM 624  N N   . LEU A 1 79  ? 22.863  69.283  -30.584 1.00 65.40  ? 79  LEU A N   1 
ATOM 625  C CA  . LEU A 1 79  ? 23.971  69.612  -31.478 1.00 67.09  ? 79  LEU A CA  1 
ATOM 626  C C   . LEU A 1 79  ? 23.564  70.525  -32.623 1.00 73.16  ? 79  LEU A C   1 
ATOM 627  O O   . LEU A 1 79  ? 24.378  71.339  -33.071 1.00 75.17  ? 79  LEU A O   1 
ATOM 628  C CB  . LEU A 1 79  ? 24.586  68.343  -32.053 1.00 66.86  ? 79  LEU A CB  1 
ATOM 629  C CG  . LEU A 1 79  ? 25.355  67.448  -31.091 1.00 70.01  ? 79  LEU A CG  1 
ATOM 630  C CD1 . LEU A 1 79  ? 25.879  66.252  -31.844 1.00 68.96  ? 79  LEU A CD1 1 
ATOM 631  C CD2 . LEU A 1 79  ? 26.492  68.204  -30.442 1.00 70.34  ? 79  LEU A CD2 1 
ATOM 632  N N   . THR A 1 80  ? 22.335  70.424  -33.119 1.00 73.26  ? 80  THR A N   1 
ATOM 633  C CA  . THR A 1 80  ? 21.915  71.384  -34.131 1.00 76.03  ? 80  THR A CA  1 
ATOM 634  C C   . THR A 1 80  ? 21.766  72.779  -33.542 1.00 76.65  ? 80  THR A C   1 
ATOM 635  O O   . THR A 1 80  ? 21.938  73.772  -34.255 1.00 76.61  ? 80  THR A O   1 
ATOM 636  C CB  . THR A 1 80  ? 20.615  70.935  -34.800 1.00 74.49  ? 80  THR A CB  1 
ATOM 637  O OG1 . THR A 1 80  ? 20.296  71.828  -35.872 1.00 77.42  ? 80  THR A OG1 1 
ATOM 638  C CG2 . THR A 1 80  ? 19.480  70.910  -33.814 1.00 72.26  ? 80  THR A CG2 1 
ATOM 639  N N   . ASN A 1 81  ? 21.450  72.874  -32.253 1.00 77.04  ? 81  ASN A N   1 
ATOM 640  C CA  . ASN A 1 81  ? 21.529  74.131  -31.522 1.00 73.71  ? 81  ASN A CA  1 
ATOM 641  C C   . ASN A 1 81  ? 22.921  74.403  -30.963 1.00 74.54  ? 81  ASN A C   1 
ATOM 642  O O   . ASN A 1 81  ? 23.090  75.355  -30.195 1.00 75.63  ? 81  ASN A O   1 
ATOM 643  C CB  . ASN A 1 81  ? 20.515  74.138  -30.379 1.00 74.25  ? 81  ASN A CB  1 
ATOM 644  C CG  . ASN A 1 81  ? 19.072  74.159  -30.859 1.00 74.82  ? 81  ASN A CG  1 
ATOM 645  O OD1 . ASN A 1 81  ? 18.148  74.108  -30.048 1.00 74.35  ? 81  ASN A OD1 1 
ATOM 646  N ND2 . ASN A 1 81  ? 18.866  74.198  -32.171 1.00 74.21  ? 81  ASN A ND2 1 
ATOM 647  N N   . GLY A 1 82  ? 23.912  73.593  -31.323 1.00 79.32  ? 82  GLY A N   1 
ATOM 648  C CA  . GLY A 1 82  ? 25.282  73.834  -30.916 1.00 77.68  ? 82  GLY A CA  1 
ATOM 649  C C   . GLY A 1 82  ? 25.574  73.688  -29.440 1.00 80.55  ? 82  GLY A C   1 
ATOM 650  O O   . GLY A 1 82  ? 26.658  74.078  -29.000 1.00 81.43  ? 82  GLY A O   1 
ATOM 651  N N   . GLU A 1 83  ? 24.644  73.148  -28.656 1.00 78.98  ? 83  GLU A N   1 
ATOM 652  C CA  . GLU A 1 83  ? 24.773  73.132  -27.198 1.00 76.36  ? 83  GLU A CA  1 
ATOM 653  C C   . GLU A 1 83  ? 25.486  71.856  -26.741 1.00 75.68  ? 83  GLU A C   1 
ATOM 654  O O   . GLU A 1 83  ? 24.963  71.031  -25.994 1.00 78.79  ? 83  GLU A O   1 
ATOM 655  C CB  . GLU A 1 83  ? 23.405  73.280  -26.553 1.00 75.90  ? 83  GLU A CB  1 
ATOM 656  C CG  . GLU A 1 83  ? 23.455  73.720  -25.110 1.00 80.44  ? 83  GLU A CG  1 
ATOM 657  C CD  . GLU A 1 83  ? 22.203  74.461  -24.692 1.00 82.05  ? 83  GLU A CD  1 
ATOM 658  O OE1 . GLU A 1 83  ? 21.160  74.288  -25.357 1.00 80.96  ? 83  GLU A OE1 1 
ATOM 659  O OE2 . GLU A 1 83  ? 22.260  75.223  -23.703 1.00 80.08  ? 83  GLU A OE2 1 
ATOM 660  N N   . GLU A 1 84  ? 26.723  71.725  -27.215 1.00 73.50  ? 84  GLU A N   1 
ATOM 661  C CA  . GLU A 1 84  ? 27.463  70.470  -27.115 1.00 75.88  ? 84  GLU A CA  1 
ATOM 662  C C   . GLU A 1 84  ? 27.613  69.970  -25.683 1.00 76.84  ? 84  GLU A C   1 
ATOM 663  O O   . GLU A 1 84  ? 27.672  68.756  -25.457 1.00 79.08  ? 84  GLU A O   1 
ATOM 664  C CB  . GLU A 1 84  ? 28.844  70.659  -27.729 1.00 74.93  ? 84  GLU A CB  1 
ATOM 665  C CG  . GLU A 1 84  ? 29.666  69.401  -27.822 1.00 77.33  ? 84  GLU A CG  1 
ATOM 666  C CD  . GLU A 1 84  ? 31.078  69.675  -28.285 1.00 79.78  ? 84  GLU A CD  1 
ATOM 667  O OE1 . GLU A 1 84  ? 31.251  70.087  -29.451 1.00 79.72  ? 84  GLU A OE1 1 
ATOM 668  O OE2 . GLU A 1 84  ? 32.015  69.484  -27.483 1.00 79.41  ? 84  GLU A OE2 1 
ATOM 669  N N   . ASN A 1 85  ? 27.678  70.872  -24.707 1.00 72.80  ? 85  ASN A N   1 
ATOM 670  C CA  . ASN A 1 85  ? 27.746  70.445  -23.313 1.00 73.19  ? 85  ASN A CA  1 
ATOM 671  C C   . ASN A 1 85  ? 26.472  69.759  -22.844 1.00 71.93  ? 85  ASN A C   1 
ATOM 672  O O   . ASN A 1 85  ? 26.523  68.911  -21.946 1.00 71.96  ? 85  ASN A O   1 
ATOM 673  C CB  . ASN A 1 85  ? 28.044  71.640  -22.418 1.00 75.16  ? 85  ASN A CB  1 
ATOM 674  C CG  . ASN A 1 85  ? 28.362  71.231  -20.999 1.00 76.24  ? 85  ASN A CG  1 
ATOM 675  O OD1 . ASN A 1 85  ? 29.300  70.472  -20.756 1.00 76.14  ? 85  ASN A OD1 1 
ATOM 676  N ND2 . ASN A 1 85  ? 27.577  71.724  -20.052 1.00 73.55  ? 85  ASN A ND2 1 
ATOM 677  N N   . LEU A 1 86  ? 25.332  70.111  -23.424 1.00 65.80  ? 86  LEU A N   1 
ATOM 678  C CA  . LEU A 1 86  ? 24.076  69.443  -23.107 1.00 62.32  ? 86  LEU A CA  1 
ATOM 679  C C   . LEU A 1 86  ? 23.887  68.142  -23.876 1.00 64.18  ? 86  LEU A C   1 
ATOM 680  O O   . LEU A 1 86  ? 23.223  67.225  -23.383 1.00 68.84  ? 86  LEU A O   1 
ATOM 681  C CB  . LEU A 1 86  ? 22.928  70.397  -23.412 1.00 62.27  ? 86  LEU A CB  1 
ATOM 682  C CG  . LEU A 1 86  ? 21.529  70.046  -22.937 1.00 63.51  ? 86  LEU A CG  1 
ATOM 683  C CD1 . LEU A 1 86  ? 21.472  70.074  -21.437 1.00 64.28  ? 86  LEU A CD1 1 
ATOM 684  C CD2 . LEU A 1 86  ? 20.551  71.027  -23.517 1.00 61.30  ? 86  LEU A CD2 1 
ATOM 685  N N   . ALA A 1 87  ? 24.461  68.047  -25.071 1.00 60.15  ? 87  ALA A N   1 
ATOM 686  C CA  . ALA A 1 87  ? 24.485  66.791  -25.811 1.00 57.03  ? 87  ALA A CA  1 
ATOM 687  C C   . ALA A 1 87  ? 25.237  65.689  -25.076 1.00 59.97  ? 87  ALA A C   1 
ATOM 688  O O   . ALA A 1 87  ? 24.811  64.529  -25.082 1.00 63.84  ? 87  ALA A O   1 
ATOM 689  C CB  . ALA A 1 87  ? 25.103  67.017  -27.185 1.00 55.09  ? 87  ALA A CB  1 
ATOM 690  N N   . ARG A 1 88  ? 26.352  66.025  -24.435 1.00 60.17  ? 88  ARG A N   1 
ATOM 691  C CA  . ARG A 1 88  ? 27.060  65.046  -23.616 1.00 60.08  ? 88  ARG A CA  1 
ATOM 692  C C   . ARG A 1 88  ? 26.194  64.507  -22.487 1.00 60.42  ? 88  ARG A C   1 
ATOM 693  O O   . ARG A 1 88  ? 26.213  63.305  -22.201 1.00 66.42  ? 88  ARG A O   1 
ATOM 694  C CB  . ARG A 1 88  ? 28.313  65.684  -23.025 1.00 63.63  ? 88  ARG A CB  1 
ATOM 695  C CG  . ARG A 1 88  ? 29.453  65.880  -23.991 1.00 63.24  ? 88  ARG A CG  1 
ATOM 696  C CD  . ARG A 1 88  ? 30.695  66.339  -23.253 1.00 63.37  ? 88  ARG A CD  1 
ATOM 697  N NE  . ARG A 1 88  ? 31.845  66.482  -24.134 1.00 67.02  ? 88  ARG A NE  1 
ATOM 698  C CZ  . ARG A 1 88  ? 32.130  67.567  -24.836 1.00 67.54  ? 88  ARG A CZ  1 
ATOM 699  N NH1 . ARG A 1 88  ? 31.546  68.728  -24.587 1.00 66.18  ? 88  ARG A NH1 1 
ATOM 700  N NH2 . ARG A 1 88  ? 33.036  67.494  -25.805 1.00 66.78  ? 88  ARG A NH2 1 
ATOM 701  N N   . GLU A 1 89  ? 25.433  65.375  -21.836 1.00 59.91  ? 89  GLU A N   1 
ATOM 702  C CA  . GLU A 1 89  ? 24.570  64.943  -20.743 1.00 60.83  ? 89  GLU A CA  1 
ATOM 703  C C   . GLU A 1 89  ? 23.516  63.932  -21.188 1.00 58.99  ? 89  GLU A C   1 
ATOM 704  O O   . GLU A 1 89  ? 23.278  62.932  -20.503 1.00 60.62  ? 89  GLU A O   1 
ATOM 705  C CB  . GLU A 1 89  ? 23.904  66.167  -20.128 1.00 62.03  ? 89  GLU A CB  1 
ATOM 706  C CG  . GLU A 1 89  ? 23.258  65.909  -18.801 1.00 67.18  ? 89  GLU A CG  1 
ATOM 707  C CD  . GLU A 1 89  ? 24.268  65.689  -17.695 1.00 71.71  ? 89  GLU A CD  1 
ATOM 708  O OE1 . GLU A 1 89  ? 25.416  66.160  -17.832 1.00 69.05  ? 89  GLU A OE1 1 
ATOM 709  O OE2 . GLU A 1 89  ? 23.914  65.041  -16.688 1.00 70.68  ? 89  GLU A OE2 1 
ATOM 710  N N   . ALA A 1 90  ? 22.874  64.177  -22.327 1.00 53.23  ? 90  ALA A N   1 
ATOM 711  C CA  . ALA A 1 90  ? 21.917  63.227  -22.886 1.00 48.78  ? 90  ALA A CA  1 
ATOM 712  C C   . ALA A 1 90  ? 22.547  61.890  -23.252 1.00 52.83  ? 90  ALA A C   1 
ATOM 713  O O   . ALA A 1 90  ? 21.962  60.831  -22.998 1.00 61.29  ? 90  ALA A O   1 
ATOM 714  C CB  . ALA A 1 90  ? 21.257  63.838  -24.113 1.00 49.01  ? 90  ALA A CB  1 
ATOM 715  N N   . LEU A 1 91  ? 23.732  61.915  -23.846 1.00 45.95  ? 91  LEU A N   1 
ATOM 716  C CA  . LEU A 1 91  ? 24.440  60.678  -24.158 1.00 43.77  ? 91  LEU A CA  1 
ATOM 717  C C   . LEU A 1 91  ? 24.777  59.866  -22.918 1.00 44.55  ? 91  LEU A C   1 
ATOM 718  O O   . LEU A 1 91  ? 24.791  58.632  -22.970 1.00 51.75  ? 91  LEU A O   1 
ATOM 719  C CB  . LEU A 1 91  ? 25.707  61.008  -24.933 1.00 50.76  ? 91  LEU A CB  1 
ATOM 720  C CG  . LEU A 1 91  ? 25.620  60.768  -26.430 1.00 50.42  ? 91  LEU A CG  1 
ATOM 721  C CD1 . LEU A 1 91  ? 24.447  61.497  -27.003 1.00 48.01  ? 91  LEU A CD1 1 
ATOM 722  C CD2 . LEU A 1 91  ? 26.876  61.250  -27.085 1.00 48.53  ? 91  LEU A CD2 1 
ATOM 723  N N   . ALA A 1 92  ? 25.056  60.528  -21.804 1.00 45.20  ? 92  ALA A N   1 
ATOM 724  C CA  . ALA A 1 92  ? 25.285  59.809  -20.557 1.00 46.27  ? 92  ALA A CA  1 
ATOM 725  C C   . ALA A 1 92  ? 24.024  59.117  -20.054 1.00 51.04  ? 92  ALA A C   1 
ATOM 726  O O   . ALA A 1 92  ? 24.096  58.014  -19.503 1.00 51.77  ? 92  ALA A O   1 
ATOM 727  C CB  . ALA A 1 92  ? 25.810  60.770  -19.500 1.00 47.90  ? 92  ALA A CB  1 
ATOM 728  N N   . ARG A 1 93  ? 22.864  59.740  -20.239 1.00 52.87  ? 93  ARG A N   1 
ATOM 729  C CA  . ARG A 1 93  ? 21.607  59.078  -19.913 1.00 44.55  ? 93  ARG A CA  1 
ATOM 730  C C   . ARG A 1 93  ? 21.331  57.881  -20.810 1.00 47.04  ? 93  ARG A C   1 
ATOM 731  O O   . ARG A 1 93  ? 20.803  56.864  -20.350 1.00 57.58  ? 93  ARG A O   1 
ATOM 732  C CB  . ARG A 1 93  ? 20.452  60.066  -20.041 1.00 46.18  ? 93  ARG A CB  1 
ATOM 733  C CG  . ARG A 1 93  ? 20.508  61.279  -19.155 1.00 50.47  ? 93  ARG A CG  1 
ATOM 734  C CD  . ARG A 1 93  ? 20.438  60.909  -17.714 1.00 49.91  ? 93  ARG A CD  1 
ATOM 735  N NE  . ARG A 1 93  ? 20.372  62.084  -16.857 1.00 55.96  ? 93  ARG A NE  1 
ATOM 736  C CZ  . ARG A 1 93  ? 21.395  62.888  -16.611 1.00 55.92  ? 93  ARG A CZ  1 
ATOM 737  N NH1 . ARG A 1 93  ? 22.596  62.649  -17.103 1.00 54.67  ? 93  ARG A NH1 1 
ATOM 738  N NH2 . ARG A 1 93  ? 21.207  63.962  -15.853 1.00 49.15  ? 93  ARG A NH2 1 
ATOM 739  N N   . LYS A 1 94  ? 21.675  57.978  -22.091 1.00 46.02  ? 94  LYS A N   1 
ATOM 740  C CA  . LYS A 1 94  ? 21.438  56.870  -23.006 1.00 46.34  ? 94  LYS A CA  1 
ATOM 741  C C   . LYS A 1 94  ? 22.277  55.650  -22.661 1.00 50.07  ? 94  LYS A C   1 
ATOM 742  O O   . LYS A 1 94  ? 21.775  54.521  -22.652 1.00 57.44  ? 94  LYS A O   1 
ATOM 743  C CB  . LYS A 1 94  ? 21.727  57.308  -24.434 1.00 49.57  ? 94  LYS A CB  1 
ATOM 744  C CG  . LYS A 1 94  ? 21.051  56.455  -25.458 1.00 50.78  ? 94  LYS A CG  1 
ATOM 745  C CD  . LYS A 1 94  ? 21.547  56.750  -26.839 1.00 50.08  ? 94  LYS A CD  1 
ATOM 746  C CE  . LYS A 1 94  ? 22.761  55.923  -27.149 1.00 50.05  ? 94  LYS A CE  1 
ATOM 747  N NZ  . LYS A 1 94  ? 23.267  56.183  -28.512 1.00 57.19  ? 94  LYS A NZ  1 
ATOM 748  N N   . LYS A 1 95  ? 23.560  55.853  -22.381 1.00 45.86  ? 95  LYS A N   1 
ATOM 749  C CA  . LYS A 1 95  ? 24.456  54.727  -22.151 1.00 46.50  ? 95  LYS A CA  1 
ATOM 750  C C   . LYS A 1 95  ? 23.987  53.844  -21.004 1.00 46.88  ? 95  LYS A C   1 
ATOM 751  O O   . LYS A 1 95  ? 24.055  52.612  -21.091 1.00 53.08  ? 95  LYS A O   1 
ATOM 752  C CB  . LYS A 1 95  ? 25.853  55.255  -21.869 1.00 48.77  ? 95  LYS A CB  1 
ATOM 753  C CG  . LYS A 1 95  ? 26.915  54.203  -21.838 1.00 52.71  ? 95  LYS A CG  1 
ATOM 754  C CD  . LYS A 1 95  ? 28.269  54.817  -21.589 1.00 52.23  ? 95  LYS A CD  1 
ATOM 755  C CE  . LYS A 1 95  ? 29.353  53.771  -21.680 1.00 58.50  ? 95  LYS A CE  1 
ATOM 756  N NZ  . LYS A 1 95  ? 29.247  52.803  -20.560 1.00 56.44  ? 95  LYS A NZ  1 
ATOM 757  N N   . SER A 1 96  ? 23.510  54.449  -19.922 1.00 44.02  ? 96  SER A N   1 
ATOM 758  C CA  . SER A 1 96  ? 23.050  53.677  -18.776 1.00 47.70  ? 96  SER A CA  1 
ATOM 759  C C   . SER A 1 96  ? 21.809  52.854  -19.093 1.00 48.14  ? 96  SER A C   1 
ATOM 760  O O   . SER A 1 96  ? 21.555  51.838  -18.438 1.00 48.62  ? 96  SER A O   1 
ATOM 761  C CB  . SER A 1 96  ? 22.778  54.611  -17.604 1.00 48.60  ? 96  SER A CB  1 
ATOM 762  O OG  . SER A 1 96  ? 21.737  55.517  -17.908 1.00 55.25  ? 96  SER A OG  1 
ATOM 763  N N   . LEU A 1 97  ? 21.030  53.276  -20.081 1.00 44.67  ? 97  LEU A N   1 
ATOM 764  C CA  . LEU A 1 97  ? 19.850  52.538  -20.510 1.00 42.56  ? 97  LEU A CA  1 
ATOM 765  C C   . LEU A 1 97  ? 20.173  51.389  -21.454 1.00 47.40  ? 97  LEU A C   1 
ATOM 766  O O   . LEU A 1 97  ? 19.561  50.319  -21.367 1.00 55.78  ? 97  LEU A O   1 
ATOM 767  C CB  . LEU A 1 97  ? 18.873  53.490  -21.181 1.00 44.52  ? 97  LEU A CB  1 
ATOM 768  C CG  . LEU A 1 97  ? 18.205  54.468  -20.227 1.00 47.06  ? 97  LEU A CG  1 
ATOM 769  C CD1 . LEU A 1 97  ? 17.718  55.665  -20.979 1.00 46.84  ? 97  LEU A CD1 1 
ATOM 770  C CD2 . LEU A 1 97  ? 17.069  53.816  -19.507 1.00 43.91  ? 97  LEU A CD2 1 
ATOM 771  N N   . THR A 1 98  ? 21.119  51.585  -22.366 1.00 44.70  ? 98  THR A N   1 
ATOM 772  C CA  . THR A 1 98  ? 21.529  50.507  -23.255 1.00 46.10  ? 98  THR A CA  1 
ATOM 773  C C   . THR A 1 98  ? 22.319  49.424  -22.540 1.00 48.26  ? 98  THR A C   1 
ATOM 774  O O   . THR A 1 98  ? 22.323  48.272  -22.986 1.00 54.82  ? 98  THR A O   1 
ATOM 775  C CB  . THR A 1 98  ? 22.368  51.065  -24.395 1.00 43.35  ? 98  THR A CB  1 
ATOM 776  O OG1 . THR A 1 98  ? 23.545  51.679  -23.862 1.00 52.60  ? 98  THR A OG1 1 
ATOM 777  C CG2 . THR A 1 98  ? 21.587  52.087  -25.165 1.00 44.55  ? 98  THR A CG2 1 
ATOM 778  N N   . ASP A 1 99  ? 22.988  49.760  -21.443 1.00 46.68  ? 99  ASP A N   1 
ATOM 779  C CA  . ASP A 1 99  ? 23.673  48.734  -20.673 1.00 43.36  ? 99  ASP A CA  1 
ATOM 780  C C   . ASP A 1 99  ? 22.731  47.883  -19.834 1.00 44.11  ? 99  ASP A C   1 
ATOM 781  O O   . ASP A 1 99  ? 22.977  46.686  -19.661 1.00 53.38  ? 99  ASP A O   1 
ATOM 782  C CB  . ASP A 1 99  ? 24.703  49.386  -19.759 1.00 50.80  ? 99  ASP A CB  1 
ATOM 783  C CG  . ASP A 1 99  ? 25.874  49.963  -20.522 1.00 61.95  ? 99  ASP A CG  1 
ATOM 784  O OD1 . ASP A 1 99  ? 25.925  49.787  -21.757 1.00 61.62  ? 99  ASP A OD1 1 
ATOM 785  O OD2 . ASP A 1 99  ? 26.746  50.594  -19.886 1.00 61.04  ? 99  ASP A OD2 1 
ATOM 786  N N   . THR A 1 100 ? 21.663  48.468  -19.304 1.00 43.90  ? 100 THR A N   1 
ATOM 787  C CA  . THR A 1 100 ? 20.700  47.694  -18.532 1.00 40.43  ? 100 THR A CA  1 
ATOM 788  C C   . THR A 1 100 ? 19.739  46.893  -19.405 1.00 34.81  ? 100 THR A C   1 
ATOM 789  O O   . THR A 1 100 ? 19.301  45.813  -19.001 1.00 49.60  ? 100 THR A O   1 
ATOM 790  C CB  . THR A 1 100 ? 19.928  48.628  -17.599 1.00 38.89  ? 100 THR A CB  1 
ATOM 791  O OG1 . THR A 1 100 ? 19.256  49.629  -18.368 1.00 43.38  ? 100 THR A OG1 1 
ATOM 792  C CG2 . THR A 1 100 ? 20.848  49.294  -16.617 1.00 48.26  ? 100 THR A CG2 1 
ATOM 793  N N   . ALA A 1 101 ? 19.404  47.395  -20.594 1.00 34.85  ? 101 ALA A N   1 
ATOM 794  C CA  . ALA A 1 101 ? 18.617  46.616  -21.544 1.00 35.76  ? 101 ALA A CA  1 
ATOM 795  C C   . ALA A 1 101 ? 19.305  45.323  -21.959 1.00 42.34  ? 101 ALA A C   1 
ATOM 796  O O   . ALA A 1 101 ? 18.635  44.314  -22.197 1.00 48.85  ? 101 ALA A O   1 
ATOM 797  C CB  . ALA A 1 101 ? 18.329  47.455  -22.780 1.00 34.02  ? 101 ALA A CB  1 
ATOM 798  N N   . ALA A 1 102 ? 20.627  45.332  -22.049 1.00 40.73  ? 102 ALA A N   1 
ATOM 799  C CA  . ALA A 1 102 ? 21.371  44.128  -22.397 1.00 37.42  ? 102 ALA A CA  1 
ATOM 800  C C   . ALA A 1 102 ? 21.305  43.079  -21.301 1.00 40.32  ? 102 ALA A C   1 
ATOM 801  O O   . ALA A 1 102 ? 21.382  41.878  -21.582 1.00 47.40  ? 102 ALA A O   1 
ATOM 802  C CB  . ALA A 1 102 ? 22.817  44.489  -22.685 1.00 34.70  ? 102 ALA A CB  1 
ATOM 803  N N   . ALA A 1 103 ? 21.164  43.509  -20.052 1.00 36.77  ? 103 ALA A N   1 
ATOM 804  C CA  . ALA A 1 103 ? 20.918  42.585  -18.955 1.00 37.57  ? 103 ALA A CA  1 
ATOM 805  C C   . ALA A 1 103 ? 19.544  41.933  -19.033 1.00 41.45  ? 103 ALA A C   1 
ATOM 806  O O   . ALA A 1 103 ? 19.410  40.732  -18.773 1.00 46.39  ? 103 ALA A O   1 
ATOM 807  C CB  . ALA A 1 103 ? 21.064  43.323  -17.632 1.00 38.65  ? 103 ALA A CB  1 
ATOM 808  N N   . TYR A 1 104 ? 18.512  42.696  -19.379 1.00 35.14  ? 104 TYR A N   1 
ATOM 809  C CA  . TYR A 1 104 ? 17.192  42.100  -19.558 1.00 36.58  ? 104 TYR A CA  1 
ATOM 810  C C   . TYR A 1 104 ? 17.149  41.082  -20.691 1.00 42.40  ? 104 TYR A C   1 
ATOM 811  O O   . TYR A 1 104 ? 16.461  40.061  -20.581 1.00 49.30  ? 104 TYR A O   1 
ATOM 812  C CB  . TYR A 1 104 ? 16.161  43.192  -19.816 1.00 41.09  ? 104 TYR A CB  1 
ATOM 813  C CG  . TYR A 1 104 ? 15.890  44.110  -18.655 1.00 41.08  ? 104 TYR A CG  1 
ATOM 814  C CD1 . TYR A 1 104 ? 15.583  43.609  -17.408 1.00 41.65  ? 104 TYR A CD1 1 
ATOM 815  C CD2 . TYR A 1 104 ? 15.897  45.480  -18.815 1.00 31.48  ? 104 TYR A CD2 1 
ATOM 816  C CE1 . TYR A 1 104 ? 15.327  44.440  -16.352 1.00 42.24  ? 104 TYR A CE1 1 
ATOM 817  C CE2 . TYR A 1 104 ? 15.633  46.318  -17.768 1.00 29.91  ? 104 TYR A CE2 1 
ATOM 818  C CZ  . TYR A 1 104 ? 15.344  45.795  -16.540 1.00 40.05  ? 104 TYR A CZ  1 
ATOM 819  O OH  . TYR A 1 104 ? 15.067  46.644  -15.502 1.00 44.48  ? 104 TYR A OH  1 
ATOM 820  N N   . GLN A 1 105 ? 17.863  41.325  -21.787 1.00 38.90  ? 105 GLN A N   1 
ATOM 821  C CA  . GLN A 1 105 ? 17.938  40.316  -22.838 1.00 37.92  ? 105 GLN A CA  1 
ATOM 822  C C   . GLN A 1 105 ? 18.566  39.019  -22.352 1.00 43.26  ? 105 GLN A C   1 
ATOM 823  O O   . GLN A 1 105 ? 18.088  37.928  -22.680 1.00 50.46  ? 105 GLN A O   1 
ATOM 824  C CB  . GLN A 1 105 ? 18.719  40.859  -24.025 1.00 39.77  ? 105 GLN A CB  1 
ATOM 825  C CG  . GLN A 1 105 ? 17.937  41.823  -24.861 1.00 48.13  ? 105 GLN A CG  1 
ATOM 826  C CD  . GLN A 1 105 ? 16.939  41.128  -25.754 1.00 49.99  ? 105 GLN A CD  1 
ATOM 827  O OE1 . GLN A 1 105 ? 16.568  39.979  -25.513 1.00 43.89  ? 105 GLN A OE1 1 
ATOM 828  N NE2 . GLN A 1 105 ? 16.491  41.822  -26.788 1.00 47.35  ? 105 GLN A NE2 1 
ATOM 829  N N   . THR A 1 106 ? 19.634  39.115  -21.572 1.00 40.78  ? 106 THR A N   1 
ATOM 830  C CA  . THR A 1 106 ? 20.301  37.921  -21.066 1.00 39.86  ? 106 THR A CA  1 
ATOM 831  C C   . THR A 1 106 ? 19.434  37.174  -20.066 1.00 43.47  ? 106 THR A C   1 
ATOM 832  O O   . THR A 1 106 ? 19.294  35.947  -20.133 1.00 51.20  ? 106 THR A O   1 
ATOM 833  C CB  . THR A 1 106 ? 21.625  38.317  -20.423 1.00 44.31  ? 106 THR A CB  1 
ATOM 834  O OG1 . THR A 1 106 ? 22.454  38.964  -21.394 1.00 46.40  ? 106 THR A OG1 1 
ATOM 835  C CG2 . THR A 1 106 ? 22.332  37.114  -19.866 1.00 46.84  ? 106 THR A CG2 1 
ATOM 836  N N   . GLN A 1 107 ? 18.843  37.907  -19.135 1.00 43.28  ? 107 GLN A N   1 
ATOM 837  C CA  . GLN A 1 107 ? 17.911  37.337  -18.170 1.00 40.06  ? 107 GLN A CA  1 
ATOM 838  C C   . GLN A 1 107 ? 16.740  36.638  -18.851 1.00 39.73  ? 107 GLN A C   1 
ATOM 839  O O   . GLN A 1 107 ? 16.389  35.507  -18.500 1.00 50.43  ? 107 GLN A O   1 
ATOM 840  C CB  . GLN A 1 107 ? 17.431  38.461  -17.257 1.00 38.23  ? 107 GLN A CB  1 
ATOM 841  C CG  . GLN A 1 107 ? 16.452  38.090  -16.193 1.00 39.13  ? 107 GLN A CG  1 
ATOM 842  C CD  . GLN A 1 107 ? 17.136  37.516  -14.978 1.00 51.00  ? 107 GLN A CD  1 
ATOM 843  O OE1 . GLN A 1 107 ? 18.305  37.137  -15.033 1.00 55.64  ? 107 GLN A OE1 1 
ATOM 844  N NE2 . GLN A 1 107 ? 16.424  37.480  -13.863 1.00 52.89  ? 107 GLN A NE2 1 
ATOM 845  N N   . LEU A 1 108 ? 16.122  37.296  -19.827 1.00 40.00  ? 108 LEU A N   1 
ATOM 846  C CA  . LEU A 1 108 ? 14.896  36.782  -20.429 1.00 41.97  ? 108 LEU A CA  1 
ATOM 847  C C   . LEU A 1 108 ? 15.105  35.502  -21.232 1.00 47.04  ? 108 LEU A C   1 
ATOM 848  O O   . LEU A 1 108 ? 14.277  34.587  -21.168 1.00 56.98  ? 108 LEU A O   1 
ATOM 849  C CB  . LEU A 1 108 ? 14.313  37.853  -21.338 1.00 41.51  ? 108 LEU A CB  1 
ATOM 850  C CG  . LEU A 1 108 ? 13.020  37.536  -22.069 1.00 45.80  ? 108 LEU A CG  1 
ATOM 851  C CD1 . LEU A 1 108 ? 11.920  37.238  -21.088 1.00 51.01  ? 108 LEU A CD1 1 
ATOM 852  C CD2 . LEU A 1 108 ? 12.651  38.681  -22.961 1.00 37.85  ? 108 LEU A CD2 1 
ATOM 853  N N   . ALA A 1 109 ? 16.195  35.410  -21.985 1.00 42.57  ? 109 ALA A N   1 
ATOM 854  C CA  . ALA A 1 109 ? 16.485  34.187  -22.729 1.00 41.05  ? 109 ALA A CA  1 
ATOM 855  C C   . ALA A 1 109 ? 16.753  33.004  -21.812 1.00 44.78  ? 109 ALA A C   1 
ATOM 856  O O   . ALA A 1 109 ? 16.373  31.868  -22.116 1.00 48.71  ? 109 ALA A O   1 
ATOM 857  C CB  . ALA A 1 109 ? 17.681  34.423  -23.642 1.00 40.53  ? 109 ALA A CB  1 
ATOM 858  N N   . GLN A 1 110 ? 17.407  33.257  -20.692 1.00 48.89  ? 110 GLN A N   1 
ATOM 859  C CA  . GLN A 1 110 ? 17.627  32.245  -19.667 1.00 48.99  ? 110 GLN A CA  1 
ATOM 860  C C   . GLN A 1 110 ? 16.337  31.803  -18.985 1.00 48.55  ? 110 GLN A C   1 
ATOM 861  O O   . GLN A 1 110 ? 16.161  30.616  -18.695 1.00 54.48  ? 110 GLN A O   1 
ATOM 862  C CB  . GLN A 1 110 ? 18.611  32.803  -18.649 1.00 51.76  ? 110 GLN A CB  1 
ATOM 863  C CG  . GLN A 1 110 ? 18.817  31.994  -17.404 1.00 56.53  ? 110 GLN A CG  1 
ATOM 864  C CD  . GLN A 1 110 ? 19.498  32.810  -16.336 1.00 61.52  ? 110 GLN A CD  1 
ATOM 865  O OE1 . GLN A 1 110 ? 18.947  33.034  -15.260 1.00 64.63  ? 110 GLN A OE1 1 
ATOM 866  N NE2 . GLN A 1 110 ? 20.691  33.299  -16.648 1.00 58.44  ? 110 GLN A NE2 1 
ATOM 867  N N   . GLN A 1 111 ? 15.429  32.735  -18.722 1.00 44.13  ? 111 GLN A N   1 
ATOM 868  C CA  . GLN A 1 111 ? 14.158  32.392  -18.090 1.00 39.73  ? 111 GLN A CA  1 
ATOM 869  C C   . GLN A 1 111 ? 13.261  31.540  -18.976 1.00 42.49  ? 111 GLN A C   1 
ATOM 870  O O   . GLN A 1 111 ? 12.753  30.502  -18.541 1.00 56.24  ? 111 GLN A O   1 
ATOM 871  C CB  . GLN A 1 111 ? 13.437  33.682  -17.732 1.00 45.79  ? 111 GLN A CB  1 
ATOM 872  C CG  . GLN A 1 111 ? 13.974  34.382  -16.525 1.00 48.50  ? 111 GLN A CG  1 
ATOM 873  C CD  . GLN A 1 111 ? 13.188  35.620  -16.187 1.00 47.66  ? 111 GLN A CD  1 
ATOM 874  O OE1 . GLN A 1 111 ? 12.664  36.294  -17.069 1.00 54.22  ? 111 GLN A OE1 1 
ATOM 875  N NE2 . GLN A 1 111 ? 13.100  35.933  -14.907 1.00 44.22  ? 111 GLN A NE2 1 
ATOM 876  N N   . ARG A 1 112 ? 13.044  31.955  -20.217 1.00 41.51  ? 112 ARG A N   1 
ATOM 877  C CA  . ARG A 1 112 ? 12.066  31.294  -21.070 1.00 46.17  ? 112 ARG A CA  1 
ATOM 878  C C   . ARG A 1 112 ? 12.547  29.993  -21.703 1.00 51.08  ? 112 ARG A C   1 
ATOM 879  O O   . ARG A 1 112 ? 11.731  29.290  -22.305 1.00 55.66  ? 112 ARG A O   1 
ATOM 880  C CB  . ARG A 1 112 ? 11.582  32.266  -22.140 1.00 45.93  ? 112 ARG A CB  1 
ATOM 881  C CG  . ARG A 1 112 ? 12.542  32.578  -23.229 1.00 49.20  ? 112 ARG A CG  1 
ATOM 882  C CD  . ARG A 1 112 ? 11.953  33.691  -24.060 1.00 52.93  ? 112 ARG A CD  1 
ATOM 883  N NE  . ARG A 1 112 ? 12.907  34.278  -24.988 1.00 57.40  ? 112 ARG A NE  1 
ATOM 884  C CZ  . ARG A 1 112 ? 12.692  35.405  -25.650 1.00 54.95  ? 112 ARG A CZ  1 
ATOM 885  N NH1 . ARG A 1 112 ? 11.547  36.059  -25.545 1.00 50.88  ? 112 ARG A NH1 1 
ATOM 886  N NH2 . ARG A 1 112 ? 13.644  35.878  -26.447 1.00 54.69  ? 112 ARG A NH2 1 
ATOM 887  N N   . THR A 1 113 ? 13.825  29.652  -21.594 1.00 52.20  ? 113 THR A N   1 
ATOM 888  C CA  . THR A 1 113 ? 14.246  28.278  -21.844 1.00 49.20  ? 113 THR A CA  1 
ATOM 889  C C   . THR A 1 113 ? 14.066  27.367  -20.643 1.00 48.81  ? 113 THR A C   1 
ATOM 890  O O   . THR A 1 113 ? 13.988  26.148  -20.811 1.00 57.64  ? 113 THR A O   1 
ATOM 891  C CB  . THR A 1 113 ? 15.714  28.246  -22.250 1.00 51.58  ? 113 THR A CB  1 
ATOM 892  O OG1 . THR A 1 113 ? 16.501  28.871  -21.233 1.00 57.05  ? 113 THR A OG1 1 
ATOM 893  C CG2 . THR A 1 113 ? 15.913  28.978  -23.554 1.00 54.67  ? 113 THR A CG2 1 
ATOM 894  N N   . MET A 1 114 ? 14.004  27.931  -19.445 1.00 45.93  ? 114 MET A N   1 
ATOM 895  C CA  . MET A 1 114 ? 13.720  27.162  -18.243 1.00 43.30  ? 114 MET A CA  1 
ATOM 896  C C   . MET A 1 114 ? 12.245  26.815  -18.089 1.00 46.10  ? 114 MET A C   1 
ATOM 897  O O   . MET A 1 114 ? 11.908  25.700  -17.679 1.00 59.40  ? 114 MET A O   1 
ATOM 898  C CB  . MET A 1 114 ? 14.199  27.959  -17.041 1.00 49.34  ? 114 MET A CB  1 
ATOM 899  C CG  . MET A 1 114 ? 14.040  27.292  -15.715 1.00 51.36  ? 114 MET A CG  1 
ATOM 900  S SD  . MET A 1 114 ? 14.822  28.302  -14.452 1.00 74.04  ? 114 MET A SD  1 
ATOM 901  C CE  . MET A 1 114 ? 13.704  29.699  -14.455 1.00 54.35  ? 114 MET A CE  1 
ATOM 902  N N   . SER A 1 115 ? 11.351  27.749  -18.406 1.00 47.58  ? 115 SER A N   1 
ATOM 903  C CA  . SER A 1 115 ? 9.926   27.505  -18.227 1.00 50.39  ? 115 SER A CA  1 
ATOM 904  C C   . SER A 1 115 ? 9.390   26.414  -19.147 1.00 52.49  ? 115 SER A C   1 
ATOM 905  O O   . SER A 1 115 ? 8.423   25.733  -18.791 1.00 59.78  ? 115 SER A O   1 
ATOM 906  C CB  . SER A 1 115 ? 9.155   28.798  -18.451 1.00 48.10  ? 115 SER A CB  1 
ATOM 907  O OG  . SER A 1 115 ? 9.468   29.357  -19.711 1.00 54.77  ? 115 SER A OG  1 
ATOM 908  N N   . GLU A 1 116 ? 9.984   26.235  -20.323 1.00 50.62  ? 116 GLU A N   1 
ATOM 909  C CA  . GLU A 1 116 ? 9.677   25.064  -21.137 1.00 48.14  ? 116 GLU A CA  1 
ATOM 910  C C   . GLU A 1 116 ? 10.065  23.761  -20.451 1.00 49.23  ? 116 GLU A C   1 
ATOM 911  O O   . GLU A 1 116 ? 9.292   22.797  -20.452 1.00 57.10  ? 116 GLU A O   1 
ATOM 912  C CB  . GLU A 1 116 ? 10.382  25.170  -22.481 1.00 50.97  ? 116 GLU A CB  1 
ATOM 913  C CG  . GLU A 1 116 ? 9.588   25.905  -23.522 1.00 57.90  ? 116 GLU A CG  1 
ATOM 914  C CD  . GLU A 1 116 ? 8.390   25.111  -23.999 1.00 62.78  ? 116 GLU A CD  1 
ATOM 915  O OE1 . GLU A 1 116 ? 8.591   24.052  -24.628 1.00 63.08  ? 116 GLU A OE1 1 
ATOM 916  O OE2 . GLU A 1 116 ? 7.246   25.542  -23.741 1.00 62.10  ? 116 GLU A OE2 1 
ATOM 917  N N   . ASN A 1 117 ? 11.251  23.713  -19.857 1.00 49.28  ? 117 ASN A N   1 
ATOM 918  C CA  . ASN A 1 117 ? 11.679  22.520  -19.139 1.00 47.89  ? 117 ASN A CA  1 
ATOM 919  C C   . ASN A 1 117 ? 10.757  22.203  -17.969 1.00 48.56  ? 117 ASN A C   1 
ATOM 920  O O   . ASN A 1 117 ? 10.342  21.054  -17.785 1.00 54.15  ? 117 ASN A O   1 
ATOM 921  C CB  . ASN A 1 117 ? 13.116  22.708  -18.662 1.00 49.13  ? 117 ASN A CB  1 
ATOM 922  C CG  . ASN A 1 117 ? 13.621  21.537  -17.857 1.00 60.62  ? 117 ASN A CG  1 
ATOM 923  O OD1 . ASN A 1 117 ? 13.774  20.432  -18.374 1.00 64.87  ? 117 ASN A OD1 1 
ATOM 924  N ND2 . ASN A 1 117 ? 13.900  21.777  -16.583 1.00 56.87  ? 117 ASN A ND2 1 
ATOM 925  N N   . LEU A 1 118 ? 10.421  23.207  -17.168 1.00 42.63  ? 118 LEU A N   1 
ATOM 926  C CA  . LEU A 1 118 ? 9.524   22.991  -16.039 1.00 41.29  ? 118 LEU A CA  1 
ATOM 927  C C   . LEU A 1 118 ? 8.131   22.586  -16.487 1.00 41.41  ? 118 LEU A C   1 
ATOM 928  O O   . LEU A 1 118 ? 7.478   21.754  -15.850 1.00 51.52  ? 118 LEU A O   1 
ATOM 929  C CB  . LEU A 1 118 ? 9.436   24.263  -15.209 1.00 43.15  ? 118 LEU A CB  1 
ATOM 930  C CG  . LEU A 1 118 ? 10.677  24.653  -14.424 1.00 46.88  ? 118 LEU A CG  1 
ATOM 931  C CD1 . LEU A 1 118 ? 10.436  25.960  -13.734 1.00 43.19  ? 118 LEU A CD1 1 
ATOM 932  C CD2 . LEU A 1 118 ? 11.025  23.592  -13.422 1.00 44.90  ? 118 LEU A CD2 1 
ATOM 933  N N   . ARG A 1 119 ? 7.656   23.175  -17.576 1.00 42.25  ? 119 ARG A N   1 
ATOM 934  C CA  . ARG A 1 119 ? 6.322   22.889  -18.078 1.00 39.62  ? 119 ARG A CA  1 
ATOM 935  C C   . ARG A 1 119 ? 6.183   21.478  -18.639 1.00 43.91  ? 119 ARG A C   1 
ATOM 936  O O   . ARG A 1 119 ? 5.094   20.900  -18.576 1.00 47.16  ? 119 ARG A O   1 
ATOM 937  C CB  . ARG A 1 119 ? 5.975   23.936  -19.127 1.00 43.51  ? 119 ARG A CB  1 
ATOM 938  C CG  . ARG A 1 119 ? 4.554   23.943  -19.578 1.00 47.24  ? 119 ARG A CG  1 
ATOM 939  C CD  . ARG A 1 119 ? 4.189   25.317  -20.095 1.00 43.79  ? 119 ARG A CD  1 
ATOM 940  N NE  . ARG A 1 119 ? 5.107   25.781  -21.126 1.00 50.29  ? 119 ARG A NE  1 
ATOM 941  C CZ  . ARG A 1 119 ? 5.569   27.019  -21.222 1.00 50.90  ? 119 ARG A CZ  1 
ATOM 942  N NH1 . ARG A 1 119 ? 5.164   27.979  -20.408 1.00 46.22  ? 119 ARG A NH1 1 
ATOM 943  N NH2 . ARG A 1 119 ? 6.446   27.312  -22.176 1.00 48.88  ? 119 ARG A NH2 1 
ATOM 944  N N   . ARG A 1 120 ? 7.254   20.906  -19.188 1.00 45.76  ? 120 ARG A N   1 
ATOM 945  C CA  . ARG A 1 120 ? 7.237   19.485  -19.525 1.00 45.34  ? 120 ARG A CA  1 
ATOM 946  C C   . ARG A 1 120 ? 7.342   18.582  -18.301 1.00 45.33  ? 120 ARG A C   1 
ATOM 947  O O   . ARG A 1 120 ? 6.642   17.569  -18.211 1.00 52.64  ? 120 ARG A O   1 
ATOM 948  C CB  . ARG A 1 120 ? 8.375   19.168  -20.486 1.00 43.78  ? 120 ARG A CB  1 
ATOM 949  C CG  . ARG A 1 120 ? 8.067   19.420  -21.937 1.00 47.90  ? 120 ARG A CG  1 
ATOM 950  C CD  . ARG A 1 120 ? 9.132   18.808  -22.812 1.00 50.10  ? 120 ARG A CD  1 
ATOM 951  N NE  . ARG A 1 120 ? 10.328  19.634  -22.900 1.00 52.44  ? 120 ARG A NE  1 
ATOM 952  C CZ  . ARG A 1 120 ? 10.416  20.734  -23.631 1.00 55.31  ? 120 ARG A CZ  1 
ATOM 953  N NH1 . ARG A 1 120 ? 9.385   21.188  -24.321 1.00 52.62  ? 120 ARG A NH1 1 
ATOM 954  N NH2 . ARG A 1 120 ? 11.547  21.432  -23.615 1.00 51.83  ? 120 ARG A NH2 1 
ATOM 955  N N   . ASN A 1 121 ? 8.205   18.930  -17.351 1.00 41.18  ? 121 ASN A N   1 
ATOM 956  C CA  . ASN A 1 121 ? 8.347   18.131  -16.139 1.00 39.60  ? 121 ASN A CA  1 
ATOM 957  C C   . ASN A 1 121 ? 7.069   18.082  -15.318 1.00 37.42  ? 121 ASN A C   1 
ATOM 958  O O   . ASN A 1 121 ? 6.795   17.083  -14.648 1.00 46.75  ? 121 ASN A O   1 
ATOM 959  C CB  . ASN A 1 121 ? 9.483   18.686  -15.287 1.00 43.04  ? 121 ASN A CB  1 
ATOM 960  C CG  . ASN A 1 121 ? 10.838  18.183  -15.728 1.00 52.57  ? 121 ASN A CG  1 
ATOM 961  O OD1 . ASN A 1 121 ? 11.359  17.207  -15.191 1.00 56.52  ? 121 ASN A OD1 1 
ATOM 962  N ND2 . ASN A 1 121 ? 11.416  18.845  -16.723 1.00 49.28  ? 121 ASN A ND2 1 
ATOM 963  N N   . LEU A 1 122 ? 6.288   19.151  -15.352 1.00 37.31  ? 122 LEU A N   1 
ATOM 964  C CA  . LEU A 1 122 ? 5.012   19.188  -14.653 1.00 35.55  ? 122 LEU A CA  1 
ATOM 965  C C   . LEU A 1 122 ? 3.981   18.241  -15.255 1.00 37.30  ? 122 LEU A C   1 
ATOM 966  O O   . LEU A 1 122 ? 3.177   17.652  -14.525 1.00 47.88  ? 122 LEU A O   1 
ATOM 967  C CB  . LEU A 1 122 ? 4.497   20.619  -14.667 1.00 38.33  ? 122 LEU A CB  1 
ATOM 968  C CG  . LEU A 1 122 ? 3.298   20.971  -13.813 1.00 39.83  ? 122 LEU A CG  1 
ATOM 969  C CD1 . LEU A 1 122 ? 3.681   20.906  -12.375 1.00 40.87  ? 122 LEU A CD1 1 
ATOM 970  C CD2 . LEU A 1 122 ? 2.858   22.356  -14.155 1.00 39.91  ? 122 LEU A CD2 1 
ATOM 971  N N   . ALA A 1 123 ? 3.974   18.086  -16.574 1.00 43.47  ? 123 ALA A N   1 
ATOM 972  C CA  . ALA A 1 123 ? 3.056   17.150  -17.216 1.00 36.84  ? 123 ALA A CA  1 
ATOM 973  C C   . ALA A 1 123 ? 3.478   15.692  -17.077 1.00 37.60  ? 123 ALA A C   1 
ATOM 974  O O   . ALA A 1 123 ? 2.626   14.808  -16.949 1.00 47.34  ? 123 ALA A O   1 
ATOM 975  C CB  . ALA A 1 123 ? 2.927   17.495  -18.693 1.00 35.95  ? 123 ALA A CB  1 
ATOM 976  N N   . ALA A 1 124 ? 4.778   15.423  -17.095 1.00 37.28  ? 124 ALA A N   1 
ATOM 977  C CA  . ALA A 1 124 ? 5.271   14.069  -16.865 1.00 37.33  ? 124 ALA A CA  1 
ATOM 978  C C   . ALA A 1 124 ? 4.941   13.544  -15.477 1.00 39.47  ? 124 ALA A C   1 
ATOM 979  O O   . ALA A 1 124 ? 4.801   12.332  -15.291 1.00 48.26  ? 124 ALA A O   1 
ATOM 980  C CB  . ALA A 1 124 ? 6.777   14.029  -17.076 1.00 37.90  ? 124 ALA A CB  1 
ATOM 981  N N   . LEU A 1 125 ? 4.809   14.425  -14.496 1.00 36.32  ? 125 LEU A N   1 
ATOM 982  C CA  . LEU A 1 125 ? 4.417   13.997  -13.158 1.00 33.55  ? 125 LEU A CA  1 
ATOM 983  C C   . LEU A 1 125 ? 2.977   13.504  -13.098 1.00 37.96  ? 125 LEU A C   1 
ATOM 984  O O   . LEU A 1 125 ? 2.716   12.391  -12.633 1.00 52.37  ? 125 LEU A O   1 
ATOM 985  C CB  . LEU A 1 125 ? 4.622   15.154  -12.189 1.00 36.11  ? 125 LEU A CB  1 
ATOM 986  C CG  . LEU A 1 125 ? 4.189   14.944  -10.748 1.00 42.08  ? 125 LEU A CG  1 
ATOM 987  C CD1 . LEU A 1 125 ? 4.803   13.706  -10.165 1.00 42.70  ? 125 LEU A CD1 1 
ATOM 988  C CD2 . LEU A 1 125 ? 4.572   16.148  -9.938  1.00 39.31  ? 125 LEU A CD2 1 
ATOM 989  N N   . GLU A 1 126 ? 2.031   14.310  -13.565 1.00 39.38  ? 126 GLU A N   1 
ATOM 990  C CA  . GLU A 1 126 ? 0.627   13.920  -13.498 1.00 41.70  ? 126 GLU A CA  1 
ATOM 991  C C   . GLU A 1 126 ? 0.307   12.685  -14.331 1.00 45.24  ? 126 GLU A C   1 
ATOM 992  O O   . GLU A 1 126 ? -0.628  11.947  -14.009 1.00 53.01  ? 126 GLU A O   1 
ATOM 993  C CB  . GLU A 1 126 ? -0.246  15.090  -13.938 1.00 43.90  ? 126 GLU A CB  1 
ATOM 994  C CG  . GLU A 1 126 ? -0.153  15.421  -15.409 1.00 51.32  ? 126 GLU A CG  1 
ATOM 995  C CD  . GLU A 1 126 ? -1.344  16.219  -15.897 1.00 59.83  ? 126 GLU A CD  1 
ATOM 996  O OE1 . GLU A 1 126 ? -1.923  16.976  -15.090 1.00 55.72  ? 126 GLU A OE1 1 
ATOM 997  O OE2 . GLU A 1 126 ? -1.703  16.091  -17.086 1.00 58.79  ? 126 GLU A OE2 1 
ATOM 998  N N   . ALA A 1 127 ? 1.061   12.446  -15.399 1.00 38.39  ? 127 ALA A N   1 
ATOM 999  C CA  . ALA A 1 127 ? 0.927   11.198  -16.144 1.00 35.66  ? 127 ALA A CA  1 
ATOM 1000 C C   . ALA A 1 127 ? 1.194   9.964   -15.295 1.00 42.88  ? 127 ALA A C   1 
ATOM 1001 O O   . ALA A 1 127 ? 0.489   8.955   -15.421 1.00 49.28  ? 127 ALA A O   1 
ATOM 1002 C CB  . ALA A 1 127 ? 1.868   11.215  -17.339 1.00 36.97  ? 127 ALA A CB  1 
ATOM 1003 N N   . LYS A 1 128 ? 2.196   10.014  -14.427 1.00 44.95  ? 128 LYS A N   1 
ATOM 1004 C CA  . LYS A 1 128 ? 2.506   8.875   -13.571 1.00 45.26  ? 128 LYS A CA  1 
ATOM 1005 C C   . LYS A 1 128 ? 1.680   8.802   -12.297 1.00 41.21  ? 128 LYS A C   1 
ATOM 1006 O O   . LYS A 1 128 ? 1.598   7.728   -11.696 1.00 47.79  ? 128 LYS A O   1 
ATOM 1007 C CB  . LYS A 1 128 ? 3.997   8.859   -13.248 1.00 40.54  ? 128 LYS A CB  1 
ATOM 1008 C CG  . LYS A 1 128 ? 4.532   10.027  -12.501 1.00 41.73  ? 128 LYS A CG  1 
ATOM 1009 C CD  . LYS A 1 128 ? 5.940   9.698   -12.054 1.00 42.40  ? 128 LYS A CD  1 
ATOM 1010 C CE  . LYS A 1 128 ? 6.717   10.911  -11.612 1.00 48.25  ? 128 LYS A CE  1 
ATOM 1011 N NZ  . LYS A 1 128 ? 7.425   11.558  -12.749 1.00 51.77  ? 128 LYS A NZ  1 
ATOM 1012 N N   . ILE A 1 129 ? 1.077   9.901   -11.858 1.00 29.80  ? 129 ILE A N   1 
ATOM 1013 C CA  . ILE A 1 129 ? 0.056   9.801   -10.820 1.00 31.24  ? 129 ILE A CA  1 
ATOM 1014 C C   . ILE A 1 129 ? -1.141  9.006   -11.317 1.00 38.23  ? 129 ILE A C   1 
ATOM 1015 O O   . ILE A 1 129 ? -1.684  8.158   -10.601 1.00 55.08  ? 129 ILE A O   1 
ATOM 1016 C CB  . ILE A 1 129 ? -0.373  11.199  -10.351 1.00 35.02  ? 129 ILE A CB  1 
ATOM 1017 C CG1 . ILE A 1 129 ? 0.842   12.000  -9.903  1.00 37.61  ? 129 ILE A CG1 1 
ATOM 1018 C CG2 . ILE A 1 129 ? -1.385  11.095  -9.241  1.00 37.82  ? 129 ILE A CG2 1 
ATOM 1019 C CD1 . ILE A 1 129 ? 0.499   13.320  -9.304  1.00 35.55  ? 129 ILE A CD1 1 
ATOM 1020 N N   . SER A 1 130 ? -1.576  9.271   -12.541 1.00 35.29  ? 130 SER A N   1 
ATOM 1021 C CA  . SER A 1 130 ? -2.725  8.567   -13.095 1.00 32.59  ? 130 SER A CA  1 
ATOM 1022 C C   . SER A 1 130 ? -2.479  7.067   -13.191 1.00 39.95  ? 130 SER A C   1 
ATOM 1023 O O   . SER A 1 130 ? -3.353  6.263   -12.847 1.00 49.82  ? 130 SER A O   1 
ATOM 1024 C CB  . SER A 1 130 ? -3.053  9.140   -14.469 1.00 36.91  ? 130 SER A CB  1 
ATOM 1025 O OG  . SER A 1 130 ? -4.266  8.624   -14.972 1.00 46.15  ? 130 SER A OG  1 
ATOM 1026 N N   . GLU A 1 131 ? -1.298  6.673   -13.658 1.00 39.04  ? 131 GLU A N   1 
ATOM 1027 C CA  . GLU A 1 131 ? -0.915  5.265   -13.668 1.00 37.26  ? 131 GLU A CA  1 
ATOM 1028 C C   . GLU A 1 131 ? -0.868  4.662   -12.270 1.00 36.11  ? 131 GLU A C   1 
ATOM 1029 O O   . GLU A 1 131 ? -1.385  3.563   -12.040 1.00 47.22  ? 131 GLU A O   1 
ATOM 1030 C CB  . GLU A 1 131 ? 0.444   5.128   -14.342 1.00 38.20  ? 131 GLU A CB  1 
ATOM 1031 C CG  . GLU A 1 131 ? 0.921   3.710   -14.495 1.00 47.87  ? 131 GLU A CG  1 
ATOM 1032 C CD  . GLU A 1 131 ? 2.344   3.635   -14.998 1.00 55.10  ? 131 GLU A CD  1 
ATOM 1033 O OE1 . GLU A 1 131 ? 2.818   4.629   -15.588 1.00 53.93  ? 131 GLU A OE1 1 
ATOM 1034 O OE2 . GLU A 1 131 ? 2.990   2.584   -14.810 1.00 52.02  ? 131 GLU A OE2 1 
ATOM 1035 N N   . ALA A 1 132 ? -0.244  5.353   -11.327 1.00 31.39  ? 132 ALA A N   1 
ATOM 1036 C CA  . ALA A 1 132 ? -0.187  4.856   -9.957  1.00 29.94  ? 132 ALA A CA  1 
ATOM 1037 C C   . ALA A 1 132 ? -1.568  4.617   -9.366  1.00 31.64  ? 132 ALA A C   1 
ATOM 1038 O O   . ALA A 1 132 ? -1.798  3.610   -8.689  1.00 47.25  ? 132 ALA A O   1 
ATOM 1039 C CB  . ALA A 1 132 ? 0.578   5.840   -9.086  1.00 33.45  ? 132 ALA A CB  1 
ATOM 1040 N N   . LYS A 1 133 ? -2.496  5.531   -9.610  1.00 27.91  ? 133 LYS A N   1 
ATOM 1041 C CA  . LYS A 1 133 ? -3.831  5.419   -9.041  1.00 29.21  ? 133 LYS A CA  1 
ATOM 1042 C C   . LYS A 1 133 ? -4.641  4.272   -9.627  1.00 33.48  ? 133 LYS A C   1 
ATOM 1043 O O   . LYS A 1 133 ? -5.475  3.690   -8.925  1.00 42.15  ? 133 LYS A O   1 
ATOM 1044 C CB  . LYS A 1 133 ? -4.550  6.741   -9.239  1.00 32.56  ? 133 LYS A CB  1 
ATOM 1045 C CG  . LYS A 1 133 ? -5.818  6.888   -8.467  1.00 42.44  ? 133 LYS A CG  1 
ATOM 1046 C CD  . LYS A 1 133 ? -6.097  8.348   -8.206  1.00 38.14  ? 133 LYS A CD  1 
ATOM 1047 C CE  . LYS A 1 133 ? -6.034  9.164   -9.472  1.00 37.85  ? 133 LYS A CE  1 
ATOM 1048 N NZ  . LYS A 1 133 ? -6.435  10.564  -9.235  1.00 42.88  ? 133 LYS A NZ  1 
ATOM 1049 N N   . THR A 1 134 ? -4.428  3.937   -10.893 1.00 31.25  ? 134 THR A N   1 
ATOM 1050 C CA  . THR A 1 134 ? -5.082  2.764   -11.465 1.00 32.46  ? 134 THR A CA  1 
ATOM 1051 C C   . THR A 1 134 ? -4.519  1.463   -10.898 1.00 37.57  ? 134 THR A C   1 
ATOM 1052 O O   . THR A 1 134 ? -5.273  0.514   -10.655 1.00 49.01  ? 134 THR A O   1 
ATOM 1053 C CB  . THR A 1 134 ? -4.968  2.811   -12.989 1.00 27.86  ? 134 THR A CB  1 
ATOM 1054 O OG1 . THR A 1 134 ? -5.781  1.782   -13.560 1.00 39.71  ? 134 THR A OG1 1 
ATOM 1055 C CG2 . THR A 1 134 ? -3.566  2.598   -13.452 1.00 36.93  ? 134 THR A CG2 1 
ATOM 1056 N N   . LYS A 1 135 ? -3.207  1.391   -10.689 1.00 30.30  ? 135 LYS A N   1 
ATOM 1057 C CA  . LYS A 1 135 ? -2.600  0.193   -10.115 1.00 28.50  ? 135 LYS A CA  1 
ATOM 1058 C C   . LYS A 1 135 ? -2.975  -0.010  -8.654  1.00 32.16  ? 135 LYS A C   1 
ATOM 1059 O O   . LYS A 1 135 ? -3.161  -1.145  -8.209  1.00 43.79  ? 135 LYS A O   1 
ATOM 1060 C CB  . LYS A 1 135 ? -1.088  0.273   -10.237 1.00 29.46  ? 135 LYS A CB  1 
ATOM 1061 C CG  . LYS A 1 135 ? -0.571  -0.017  -11.605 1.00 36.76  ? 135 LYS A CG  1 
ATOM 1062 C CD  . LYS A 1 135 ? 0.925   0.138   -11.644 1.00 40.32  ? 135 LYS A CD  1 
ATOM 1063 C CE  . LYS A 1 135 ? 1.479   -0.279  -12.984 1.00 46.36  ? 135 LYS A CE  1 
ATOM 1064 N NZ  . LYS A 1 135 ? 2.927   0.020   -13.095 1.00 43.63  ? 135 LYS A NZ  1 
ATOM 1065 N N   . LYS A 1 136 ? -3.082  1.075   -7.898  1.00 30.40  ? 136 LYS A N   1 
ATOM 1066 C CA  . LYS A 1 136 ? -3.497  0.986   -6.504  1.00 28.22  ? 136 LYS A CA  1 
ATOM 1067 C C   . LYS A 1 136 ? -4.769  0.171   -6.339  1.00 31.72  ? 136 LYS A C   1 
ATOM 1068 O O   . LYS A 1 136 ? -4.876  -0.651  -5.423  1.00 47.87  ? 136 LYS A O   1 
ATOM 1069 C CB  . LYS A 1 136 ? -3.669  2.396   -5.954  1.00 32.73  ? 136 LYS A CB  1 
ATOM 1070 C CG  . LYS A 1 136 ? -4.034  2.479   -4.507  1.00 27.78  ? 136 LYS A CG  1 
ATOM 1071 C CD  . LYS A 1 136 ? -4.499  3.870   -4.140  1.00 27.15  ? 136 LYS A CD  1 
ATOM 1072 C CE  . LYS A 1 136 ? -5.878  4.191   -4.658  1.00 35.82  ? 136 LYS A CE  1 
ATOM 1073 N NZ  . LYS A 1 136 ? -6.934  3.578   -3.825  1.00 47.08  ? 136 LYS A NZ  1 
ATOM 1074 N N   . ASN A 1 137 ? -5.751  0.395   -7.203  1.00 32.90  ? 137 ASN A N   1 
ATOM 1075 C CA  . ASN A 1 137 ? -7.012  -0.330  -7.114  1.00 36.86  ? 137 ASN A CA  1 
ATOM 1076 C C   . ASN A 1 137 ? -6.814  -1.832  -7.287  1.00 41.10  ? 137 ASN A C   1 
ATOM 1077 O O   . ASN A 1 137 ? -7.366  -2.636  -6.529  1.00 51.76  ? 137 ASN A O   1 
ATOM 1078 C CB  . ASN A 1 137 ? -7.961  0.206   -8.177  1.00 40.03  ? 137 ASN A CB  1 
ATOM 1079 C CG  . ASN A 1 137 ? -8.424  1.607   -7.880  1.00 47.57  ? 137 ASN A CG  1 
ATOM 1080 O OD1 . ASN A 1 137 ? -8.258  2.109   -6.770  1.00 49.16  ? 137 ASN A OD1 1 
ATOM 1081 N ND2 . ASN A 1 137 ? -8.981  2.263   -8.884  1.00 46.46  ? 137 ASN A ND2 1 
ATOM 1082 N N   . MET A 1 138 ? -6.026  -2.225  -8.283  1.00 35.16  ? 138 MET A N   1 
ATOM 1083 C CA  . MET A 1 138 ? -5.768  -3.636  -8.554  1.00 34.53  ? 138 MET A CA  1 
ATOM 1084 C C   . MET A 1 138 ? -4.973  -4.312  -7.445  1.00 35.98  ? 138 MET A C   1 
ATOM 1085 O O   . MET A 1 138 ? -5.199  -5.489  -7.146  1.00 47.79  ? 138 MET A O   1 
ATOM 1086 C CB  . MET A 1 138 ? -5.020  -3.769  -9.873  1.00 36.68  ? 138 MET A CB  1 
ATOM 1087 C CG  . MET A 1 138 ? -4.611  -5.180  -10.207 1.00 38.17  ? 138 MET A CG  1 
ATOM 1088 S SD  . MET A 1 138 ? -2.990  -5.650  -9.583  1.00 65.77  ? 138 MET A SD  1 
ATOM 1089 C CE  . MET A 1 138 ? -1.942  -4.549  -10.515 1.00 36.70  ? 138 MET A CE  1 
ATOM 1090 N N   . LEU A 1 139 ? -4.040  -3.597  -6.831  1.00 26.25  ? 139 LEU A N   1 
ATOM 1091 C CA  . LEU A 1 139 ? -3.259  -4.166  -5.740  1.00 22.54  ? 139 LEU A CA  1 
ATOM 1092 C C   . LEU A 1 139 ? -4.062  -4.316  -4.457  1.00 29.37  ? 139 LEU A C   1 
ATOM 1093 O O   . LEU A 1 139 ? -3.953  -5.336  -3.771  1.00 42.83  ? 139 LEU A O   1 
ATOM 1094 C CB  . LEU A 1 139 ? -2.039  -3.297  -5.483  1.00 30.34  ? 139 LEU A CB  1 
ATOM 1095 C CG  . LEU A 1 139 ? -0.986  -3.274  -6.580  1.00 29.10  ? 139 LEU A CG  1 
ATOM 1096 C CD1 . LEU A 1 139 ? 0.037   -2.235  -6.249  1.00 29.11  ? 139 LEU A CD1 1 
ATOM 1097 C CD2 . LEU A 1 139 ? -0.332  -4.613  -6.763  1.00 25.70  ? 139 LEU A CD2 1 
ATOM 1098 N N   . GLN A 1 140 ? -4.866  -3.320  -4.111  1.00 28.35  ? 140 GLN A N   1 
ATOM 1099 C CA  . GLN A 1 140 ? -5.709  -3.431  -2.928  1.00 31.09  ? 140 GLN A CA  1 
ATOM 1100 C C   . GLN A 1 140 ? -6.724  -4.556  -3.049  1.00 34.98  ? 140 GLN A C   1 
ATOM 1101 O O   . GLN A 1 140 ? -7.139  -5.125  -2.035  1.00 43.09  ? 140 GLN A O   1 
ATOM 1102 C CB  . GLN A 1 140 ? -6.425  -2.108  -2.705  1.00 29.32  ? 140 GLN A CB  1 
ATOM 1103 C CG  . GLN A 1 140 ? -5.538  -1.019  -2.181  1.00 33.11  ? 140 GLN A CG  1 
ATOM 1104 C CD  . GLN A 1 140 ? -6.285  0.257   -1.904  1.00 45.21  ? 140 GLN A CD  1 
ATOM 1105 O OE1 . GLN A 1 140 ? -7.134  0.676   -2.688  1.00 49.56  ? 140 GLN A OE1 1 
ATOM 1106 N NE2 . GLN A 1 140 ? -5.970  0.890   -0.788  1.00 46.35  ? 140 GLN A NE2 1 
ATOM 1107 N N   . ALA A 1 141 ? -7.135  -4.889  -4.266  1.00 30.25  ? 141 ALA A N   1 
ATOM 1108 C CA  . ALA A 1 141 ? -7.973  -6.061  -4.485  1.00 27.00  ? 141 ALA A CA  1 
ATOM 1109 C C   . ALA A 1 141 ? -7.243  -7.364  -4.194  1.00 34.53  ? 141 ALA A C   1 
ATOM 1110 O O   . ALA A 1 141 ? -7.732  -8.211  -3.439  1.00 45.14  ? 141 ALA A O   1 
ATOM 1111 C CB  . ALA A 1 141 ? -8.475  -6.056  -5.921  1.00 24.57  ? 141 ALA A CB  1 
ATOM 1112 N N   . ARG A 1 142 ? -6.063  -7.536  -4.782  1.00 31.94  ? 142 ARG A N   1 
ATOM 1113 C CA  . ARG A 1 142 ? -5.241  -8.714  -4.548  1.00 24.03  ? 142 ARG A CA  1 
ATOM 1114 C C   . ARG A 1 142 ? -4.859  -8.916  -3.091  1.00 30.38  ? 142 ARG A C   1 
ATOM 1115 O O   . ARG A 1 142 ? -4.750  -10.058 -2.634  1.00 43.10  ? 142 ARG A O   1 
ATOM 1116 C CB  . ARG A 1 142 ? -3.981  -8.602  -5.389  1.00 29.24  ? 142 ARG A CB  1 
ATOM 1117 C CG  . ARG A 1 142 ? -4.191  -8.836  -6.848  1.00 32.14  ? 142 ARG A CG  1 
ATOM 1118 C CD  . ARG A 1 142 ? -2.910  -8.613  -7.599  1.00 37.67  ? 142 ARG A CD  1 
ATOM 1119 N NE  . ARG A 1 142 ? -2.990  -9.100  -8.967  1.00 43.94  ? 142 ARG A NE  1 
ATOM 1120 C CZ  . ARG A 1 142 ? -1.957  -9.558  -9.657  1.00 43.77  ? 142 ARG A CZ  1 
ATOM 1121 N NH1 . ARG A 1 142 ? -0.747  -9.612  -9.133  1.00 36.84  ? 142 ARG A NH1 1 
ATOM 1122 N NH2 . ARG A 1 142 ? -2.148  -10.003 -10.894 1.00 47.60  ? 142 ARG A NH2 1 
ATOM 1123 N N   . ALA A 1 143 ? -4.645  -7.840  -2.345  1.00 28.01  ? 143 ALA A N   1 
ATOM 1124 C CA  . ALA A 1 143 ? -4.305  -7.980  -0.936  1.00 29.23  ? 143 ALA A CA  1 
ATOM 1125 C C   . ALA A 1 143 ? -5.478  -8.424  -0.075  1.00 38.46  ? 143 ALA A C   1 
ATOM 1126 O O   . ALA A 1 143 ? -5.272  -9.064  0.960   1.00 42.71  ? 143 ALA A O   1 
ATOM 1127 C CB  . ALA A 1 143 ? -3.761  -6.660  -0.410  1.00 27.75  ? 143 ALA A CB  1 
ATOM 1128 N N   . LYS A 1 144 ? -6.701  -8.091  -0.466  1.00 38.51  ? 144 LYS A N   1 
ATOM 1129 C CA  . LYS A 1 144 ? -7.870  -8.616  0.229   1.00 35.73  ? 144 LYS A CA  1 
ATOM 1130 C C   . LYS A 1 144 ? -8.127  -10.083 -0.089  1.00 33.28  ? 144 LYS A C   1 
ATOM 1131 O O   . LYS A 1 144 ? -8.450  -10.868 0.808   1.00 44.48  ? 144 LYS A O   1 
ATOM 1132 C CB  . LYS A 1 144 ? -9.085  -7.781  -0.132  1.00 39.72  ? 144 LYS A CB  1 
ATOM 1133 C CG  . LYS A 1 144 ? -9.129  -6.451  0.582   1.00 40.57  ? 144 LYS A CG  1 
ATOM 1134 C CD  . LYS A 1 144 ? -10.209 -5.537  0.031   1.00 42.74  ? 144 LYS A CD  1 
ATOM 1135 C CE  . LYS A 1 144 ? -11.584 -6.187  0.058   1.00 48.72  ? 144 LYS A CE  1 
ATOM 1136 N NZ  . LYS A 1 144 ? -12.054 -6.426  1.448   1.00 46.66  ? 144 LYS A NZ  1 
ATOM 1137 N N   . ALA A 1 145 ? -7.995  -10.469 -1.352  1.00 23.83  ? 145 ALA A N   1 
ATOM 1138 C CA  . ALA A 1 145 ? -8.138  -11.870 -1.729  1.00 24.53  ? 145 ALA A CA  1 
ATOM 1139 C C   . ALA A 1 145 ? -7.120  -12.766 -1.044  1.00 33.73  ? 145 ALA A C   1 
ATOM 1140 O O   . ALA A 1 145 ? -7.466  -13.822 -0.508  1.00 46.00  ? 145 ALA A O   1 
ATOM 1141 C CB  . ALA A 1 145 ? -8.028  -12.003 -3.241  1.00 21.45  ? 145 ALA A CB  1 
ATOM 1142 N N   . ALA A 1 146 ? -5.855  -12.364 -1.047  1.00 31.56  ? 146 ALA A N   1 
ATOM 1143 C CA  . ALA A 1 146 ? -4.817  -13.181 -0.437  1.00 27.42  ? 146 ALA A CA  1 
ATOM 1144 C C   . ALA A 1 146 ? -5.010  -13.354 1.060   1.00 28.61  ? 146 ALA A C   1 
ATOM 1145 O O   . ALA A 1 146 ? -4.680  -14.408 1.611   1.00 44.49  ? 146 ALA A O   1 
ATOM 1146 C CB  . ALA A 1 146 ? -3.459  -12.552 -0.704  1.00 28.42  ? 146 ALA A CB  1 
ATOM 1147 N N   . LYS A 1 147 ? -5.535  -12.340 1.729   1.00 29.35  ? 147 LYS A N   1 
ATOM 1148 C CA  . LYS A 1 147 ? -5.752  -12.403 3.166   1.00 36.27  ? 147 LYS A CA  1 
ATOM 1149 C C   . LYS A 1 147 ? -6.949  -13.264 3.547   1.00 36.74  ? 147 LYS A C   1 
ATOM 1150 O O   . LYS A 1 147 ? -6.932  -13.931 4.586   1.00 43.73  ? 147 LYS A O   1 
ATOM 1151 C CB  . LYS A 1 147 ? -5.913  -10.986 3.690   1.00 38.15  ? 147 LYS A CB  1 
ATOM 1152 C CG  . LYS A 1 147 ? -6.047  -10.864 5.169   1.00 40.41  ? 147 LYS A CG  1 
ATOM 1153 C CD  . LYS A 1 147 ? -5.575  -9.494  5.627   1.00 46.10  ? 147 LYS A CD  1 
ATOM 1154 C CE  . LYS A 1 147 ? -6.212  -8.362  4.836   1.00 48.78  ? 147 LYS A CE  1 
ATOM 1155 N NZ  . LYS A 1 147 ? -5.672  -7.035  5.233   1.00 46.13  ? 147 LYS A NZ  1 
ATOM 1156 N N   . ALA A 1 148 ? -7.994  -13.252 2.730   1.00 35.55  ? 148 ALA A N   1 
ATOM 1157 C CA  . ALA A 1 148 ? -9.115  -14.165 2.918   1.00 32.89  ? 148 ALA A CA  1 
ATOM 1158 C C   . ALA A 1 148 ? -8.723  -15.627 2.748   1.00 39.95  ? 148 ALA A C   1 
ATOM 1159 O O   . ALA A 1 148 ? -9.146  -16.484 3.532   1.00 48.81  ? 148 ALA A O   1 
ATOM 1160 C CB  . ALA A 1 148 ? -10.223 -13.813 1.937   1.00 29.24  ? 148 ALA A CB  1 
ATOM 1161 N N   . ASN A 1 149 ? -7.921  -15.934 1.733   1.00 34.65  ? 149 ASN A N   1 
ATOM 1162 C CA  . ASN A 1 149 ? -7.416  -17.289 1.550   1.00 24.46  ? 149 ASN A CA  1 
ATOM 1163 C C   . ASN A 1 149 ? -6.459  -17.739 2.643   1.00 27.46  ? 149 ASN A C   1 
ATOM 1164 O O   . ASN A 1 149 ? -6.413  -18.930 2.963   1.00 43.76  ? 149 ASN A O   1 
ATOM 1165 C CB  . ASN A 1 149 ? -6.727  -17.388 0.201   1.00 29.41  ? 149 ASN A CB  1 
ATOM 1166 C CG  . ASN A 1 149 ? -7.701  -17.477 -0.931  1.00 40.61  ? 149 ASN A CG  1 
ATOM 1167 O OD1 . ASN A 1 149 ? -8.027  -16.483 -1.575  1.00 41.05  ? 149 ASN A OD1 1 
ATOM 1168 N ND2 . ASN A 1 149 ? -8.184  -18.679 -1.180  1.00 40.84  ? 149 ASN A ND2 1 
ATOM 1169 N N   . ALA A 1 150 ? -5.692  -16.829 3.222   1.00 29.86  ? 150 ALA A N   1 
ATOM 1170 C CA  . ALA A 1 150 ? -4.833  -17.205 4.337   1.00 34.67  ? 150 ALA A CA  1 
ATOM 1171 C C   . ALA A 1 150 ? -5.625  -17.644 5.560   1.00 41.40  ? 150 ALA A C   1 
ATOM 1172 O O   . ALA A 1 150 ? -5.247  -18.608 6.236   1.00 46.72  ? 150 ALA A O   1 
ATOM 1173 C CB  . ALA A 1 150 ? -3.926  -16.037 4.699   1.00 36.72  ? 150 ALA A CB  1 
ATOM 1174 N N   . GLU A 1 151 ? -6.722  -16.958 5.861   1.00 43.46  ? 151 GLU A N   1 
ATOM 1175 C CA  . GLU A 1 151 ? -7.581  -17.362 6.971   1.00 43.81  ? 151 GLU A CA  1 
ATOM 1176 C C   . GLU A 1 151 ? -8.283  -18.687 6.717   1.00 41.84  ? 151 GLU A C   1 
ATOM 1177 O O   . GLU A 1 151 ? -8.451  -19.493 7.637   1.00 46.48  ? 151 GLU A O   1 
ATOM 1178 C CB  . GLU A 1 151 ? -8.607  -16.272 7.235   1.00 44.14  ? 151 GLU A CB  1 
ATOM 1179 C CG  . GLU A 1 151 ? -8.027  -15.042 7.886   1.00 48.53  ? 151 GLU A CG  1 
ATOM 1180 C CD  . GLU A 1 151 ? -9.072  -13.993 8.187   1.00 55.16  ? 151 GLU A CD  1 
ATOM 1181 O OE1 . GLU A 1 151 ? -9.969  -13.783 7.342   1.00 53.87  ? 151 GLU A OE1 1 
ATOM 1182 O OE2 . GLU A 1 151 ? -9.000  -13.374 9.270   1.00 56.62  ? 151 GLU A OE2 1 
ATOM 1183 N N   . LEU A 1 152 ? -8.708  -18.930 5.482   1.00 35.42  ? 152 LEU A N   1 
ATOM 1184 C CA  . LEU A 1 152 ? -9.287  -20.220 5.131   1.00 35.85  ? 152 LEU A CA  1 
ATOM 1185 C C   . LEU A 1 152 ? -8.307  -21.371 5.308   1.00 36.24  ? 152 LEU A C   1 
ATOM 1186 O O   . LEU A 1 152 ? -8.632  -22.383 5.937   1.00 44.98  ? 152 LEU A O   1 
ATOM 1187 C CB  . LEU A 1 152 ? -9.777  -20.176 3.692   1.00 34.84  ? 152 LEU A CB  1 
ATOM 1188 C CG  . LEU A 1 152 ? -10.365 -21.471 3.164   1.00 31.92  ? 152 LEU A CG  1 
ATOM 1189 C CD1 . LEU A 1 152 ? -11.506 -21.186 2.265   1.00 34.58  ? 152 LEU A CD1 1 
ATOM 1190 C CD2 . LEU A 1 152 ? -9.327  -22.230 2.404   1.00 42.05  ? 152 LEU A CD2 1 
ATOM 1191 N N   . GLN A 1 153 ? -7.100  -21.236 4.769   1.00 42.91  ? 153 GLN A N   1 
ATOM 1192 C CA  . GLN A 1 153 ? -6.127  -22.314 4.874   1.00 38.96  ? 153 GLN A CA  1 
ATOM 1193 C C   . GLN A 1 153 ? -5.693  -22.564 6.310   1.00 41.18  ? 153 GLN A C   1 
ATOM 1194 O O   . GLN A 1 153 ? -5.329  -23.690 6.659   1.00 47.22  ? 153 GLN A O   1 
ATOM 1195 C CB  . GLN A 1 153 ? -4.914  -21.990 4.010   1.00 46.28  ? 153 GLN A CB  1 
ATOM 1196 C CG  . GLN A 1 153 ? -5.202  -21.989 2.525   1.00 45.83  ? 153 GLN A CG  1 
ATOM 1197 C CD  . GLN A 1 153 ? -5.642  -23.339 2.008   1.00 54.15  ? 153 GLN A CD  1 
ATOM 1198 O OE1 . GLN A 1 153 ? -5.325  -24.373 2.591   1.00 51.15  ? 153 GLN A OE1 1 
ATOM 1199 N NE2 . GLN A 1 153 ? -6.385  -23.333 0.908   1.00 49.98  ? 153 GLN A NE2 1 
ATOM 1200 N N   . GLN A 1 154 ? -5.727  -21.538 7.152   1.00 44.71  ? 154 GLN A N   1 
ATOM 1201 C CA  . GLN A 1 154 ? -5.479  -21.728 8.575   1.00 49.93  ? 154 GLN A CA  1 
ATOM 1202 C C   . GLN A 1 154 ? -6.609  -22.473 9.271   1.00 47.80  ? 154 GLN A C   1 
ATOM 1203 O O   . GLN A 1 154 ? -6.363  -23.220 10.224  1.00 52.12  ? 154 GLN A O   1 
ATOM 1204 C CB  . GLN A 1 154 ? -5.271  -20.372 9.228   1.00 49.29  ? 154 GLN A CB  1 
ATOM 1205 C CG  . GLN A 1 154 ? -4.984  -20.424 10.693  1.00 52.78  ? 154 GLN A CG  1 
ATOM 1206 C CD  . GLN A 1 154 ? -4.677  -19.055 11.257  1.00 58.62  ? 154 GLN A CD  1 
ATOM 1207 O OE1 . GLN A 1 154 ? -4.804  -18.048 10.565  1.00 59.65  ? 154 GLN A OE1 1 
ATOM 1208 N NE2 . GLN A 1 154 ? -4.272  -19.012 12.517  1.00 56.88  ? 154 GLN A NE2 1 
ATOM 1209 N N   . THR A 1 155 ? -7.843  -22.275 8.822   1.00 46.87  ? 155 THR A N   1 
ATOM 1210 C CA  . THR A 1 155 ? -8.982  -22.970 9.408   1.00 41.61  ? 155 THR A CA  1 
ATOM 1211 C C   . THR A 1 155 ? -8.971  -24.461 9.095   1.00 42.84  ? 155 THR A C   1 
ATOM 1212 O O   . THR A 1 155 ? -9.233  -25.289 9.975   1.00 51.07  ? 155 THR A O   1 
ATOM 1213 C CB  . THR A 1 155 ? -10.274 -22.328 8.909   1.00 41.92  ? 155 THR A CB  1 
ATOM 1214 O OG1 . THR A 1 155 ? -10.324 -20.966 9.341   1.00 48.29  ? 155 THR A OG1 1 
ATOM 1215 C CG2 . THR A 1 155 ? -11.475 -23.051 9.437   1.00 42.18  ? 155 THR A CG2 1 
ATOM 1216 N N   . LEU A 1 156 ? -8.672  -24.820 7.850   1.00 42.82  ? 156 LEU A N   1 
ATOM 1217 C CA  . LEU A 1 156 ? -8.571  -26.221 7.459   1.00 42.19  ? 156 LEU A CA  1 
ATOM 1218 C C   . LEU A 1 156 ? -7.453  -26.964 8.173   1.00 46.74  ? 156 LEU A C   1 
ATOM 1219 O O   . LEU A 1 156 ? -7.579  -28.163 8.438   1.00 47.93  ? 156 LEU A O   1 
ATOM 1220 C CB  . LEU A 1 156 ? -8.353  -26.307 5.957   1.00 44.65  ? 156 LEU A CB  1 
ATOM 1221 C CG  . LEU A 1 156 ? -9.608  -26.347 5.105   1.00 40.70  ? 156 LEU A CG  1 
ATOM 1222 C CD1 . LEU A 1 156 ? -10.416 -25.147 5.398   1.00 50.72  ? 156 LEU A CD1 1 
ATOM 1223 C CD2 . LEU A 1 156 ? -9.266  -26.370 3.649   1.00 42.41  ? 156 LEU A CD2 1 
ATOM 1224 N N   . ALA A 1 157 ? -6.357  -26.284 8.488   1.00 42.62  ? 157 ALA A N   1 
ATOM 1225 C CA  . ALA A 1 157 ? -5.283  -26.923 9.236   1.00 47.35  ? 157 ALA A CA  1 
ATOM 1226 C C   . ALA A 1 157 ? -5.686  -27.245 10.671  1.00 49.36  ? 157 ALA A C   1 
ATOM 1227 O O   . ALA A 1 157 ? -5.452  -28.358 11.154  1.00 50.88  ? 157 ALA A O   1 
ATOM 1228 C CB  . ALA A 1 157 ? -4.057  -26.021 9.226   1.00 44.48  ? 157 ALA A CB  1 
ATOM 1229 N N   . ALA A 1 158 ? -6.294  -26.290 11.367  1.00 47.62  ? 158 ALA A N   1 
ATOM 1230 C CA  . ALA A 1 158 ? -6.712  -26.531 12.743  1.00 47.63  ? 158 ALA A CA  1 
ATOM 1231 C C   . ALA A 1 158 ? -7.771  -27.624 12.845  1.00 50.53  ? 158 ALA A C   1 
ATOM 1232 O O   . ALA A 1 158 ? -7.779  -28.399 13.808  1.00 52.21  ? 158 ALA A O   1 
ATOM 1233 C CB  . ALA A 1 158 ? -7.232  -25.237 13.357  1.00 47.79  ? 158 ALA A CB  1 
ATOM 1234 N N   . ALA A 1 159 ? -8.674  -27.705 11.869  1.00 51.51  ? 159 ALA A N   1 
ATOM 1235 C CA  . ALA A 1 159 ? -9.640  -28.796 11.838  1.00 50.01  ? 159 ALA A CA  1 
ATOM 1236 C C   . ALA A 1 159 ? -8.960  -30.150 11.698  1.00 51.01  ? 159 ALA A C   1 
ATOM 1237 O O   . ALA A 1 159 ? -9.280  -31.099 12.423  1.00 53.84  ? 159 ALA A O   1 
ATOM 1238 C CB  . ALA A 1 159 ? -10.626 -28.578 10.694  1.00 49.80  ? 159 ALA A CB  1 
ATOM 1239 N N   . ALA A 1 160 ? -8.018  -30.258 10.767  1.00 48.36  ? 160 ALA A N   1 
ATOM 1240 C CA  . ALA A 1 160 ? -7.271  -31.496 10.589  1.00 49.33  ? 160 ALA A CA  1 
ATOM 1241 C C   . ALA A 1 160 ? -6.387  -31.817 11.785  1.00 54.41  ? 160 ALA A C   1 
ATOM 1242 O O   . ALA A 1 160 ? -6.069  -32.987 12.021  1.00 55.88  ? 160 ALA A O   1 
ATOM 1243 C CB  . ALA A 1 160 ? -6.427  -31.413 9.322   1.00 49.94  ? 160 ALA A CB  1 
ATOM 1244 N N   . ALA A 1 161 ? -5.981  -30.805 12.543  1.00 55.08  ? 161 ALA A N   1 
ATOM 1245 C CA  . ALA A 1 161 ? -5.210  -31.043 13.756  1.00 51.84  ? 161 ALA A CA  1 
ATOM 1246 C C   . ALA A 1 161 ? -6.059  -31.552 14.912  1.00 52.36  ? 161 ALA A C   1 
ATOM 1247 O O   . ALA A 1 161 ? -5.551  -32.290 15.762  1.00 58.10  ? 161 ALA A O   1 
ATOM 1248 C CB  . ALA A 1 161 ? -4.497  -29.762 14.178  1.00 50.77  ? 161 ALA A CB  1 
ATOM 1249 N N   . ALA A 1 162 ? -7.336  -31.176 14.978  1.00 51.33  ? 162 ALA A N   1 
ATOM 1250 C CA  . ALA A 1 162 ? -8.204  -31.737 16.007  1.00 51.57  ? 162 ALA A CA  1 
ATOM 1251 C C   . ALA A 1 162 ? -8.568  -33.188 15.712  1.00 53.21  ? 162 ALA A C   1 
ATOM 1252 O O   . ALA A 1 162 ? -8.631  -34.013 16.630  1.00 55.42  ? 162 ALA A O   1 
ATOM 1253 C CB  . ALA A 1 162 ? -9.464  -30.888 16.139  1.00 51.67  ? 162 ALA A CB  1 
ATOM 1254 N N   . ALA A 1 163 ? -8.801  -33.522 14.445  1.00 47.17  ? 163 ALA A N   1 
ATOM 1255 C CA  . ALA A 1 163 ? -9.006  -34.908 14.026  1.00 39.31  ? 163 ALA A CA  1 
ATOM 1256 C C   . ALA A 1 163 ? -10.057 -35.591 14.895  1.00 44.77  ? 163 ALA A C   1 
ATOM 1257 O O   . ALA A 1 163 ? -9.849  -36.678 15.439  1.00 53.00  ? 163 ALA A O   1 
ATOM 1258 C CB  . ALA A 1 163 ? -7.691  -35.675 14.054  1.00 45.35  ? 163 ALA A CB  1 
ATOM 1259 N N   . ALA A 1 164 ? -11.201 -34.927 15.025  1.00 43.21  ? 164 ALA A N   1 
ATOM 1260 C CA  . ALA A 1 164 ? -12.324 -35.479 15.769  1.00 34.31  ? 164 ALA A CA  1 
ATOM 1261 C C   . ALA A 1 164 ? -12.822 -36.791 15.179  1.00 36.59  ? 164 ALA A C   1 
ATOM 1262 O O   . ALA A 1 164 ? -13.298 -37.662 15.914  1.00 49.77  ? 164 ALA A O   1 
ATOM 1263 C CB  . ALA A 1 164 ? -13.454 -34.462 15.812  1.00 32.77  ? 164 ALA A CB  1 
ATOM 1264 N N   . ALA A 1 165 ? -12.718 -36.952 13.863  1.00 30.67  ? 165 ALA A N   1 
ATOM 1265 C CA  . ALA A 1 165 ? -13.153 -38.179 13.210  1.00 30.25  ? 165 ALA A CA  1 
ATOM 1266 C C   . ALA A 1 165 ? -12.234 -39.358 13.485  1.00 36.87  ? 165 ALA A C   1 
ATOM 1267 O O   . ALA A 1 165 ? -12.650 -40.506 13.296  1.00 45.31  ? 165 ALA A O   1 
ATOM 1268 C CB  . ALA A 1 165 ? -13.250 -37.960 11.708  1.00 31.14  ? 165 ALA A CB  1 
ATOM 1269 N N   . ALA A 1 166 ? -10.999 -39.111 13.907  1.00 32.80  ? 166 ALA A N   1 
ATOM 1270 C CA  . ALA A 1 166 ? -10.139 -40.200 14.351  1.00 31.06  ? 166 ALA A CA  1 
ATOM 1271 C C   . ALA A 1 166 ? -10.452 -40.632 15.777  1.00 37.96  ? 166 ALA A C   1 
ATOM 1272 O O   . ALA A 1 166 ? -10.380 -41.824 16.095  1.00 52.31  ? 166 ALA A O   1 
ATOM 1273 C CB  . ALA A 1 166 ? -8.682  -39.770 14.252  1.00 34.61  ? 166 ALA A CB  1 
ATOM 1274 N N   . ALA A 1 167 ? -10.803 -39.686 16.641  1.00 32.96  ? 167 ALA A N   1 
ATOM 1275 C CA  . ALA A 1 167 ? -11.217 -40.033 17.995  1.00 34.22  ? 167 ALA A CA  1 
ATOM 1276 C C   . ALA A 1 167 ? -12.506 -40.835 17.997  1.00 35.30  ? 167 ALA A C   1 
ATOM 1277 O O   . ALA A 1 167 ? -12.680 -41.748 18.811  1.00 48.15  ? 167 ALA A O   1 
ATOM 1278 C CB  . ALA A 1 167 ? -11.386 -38.767 18.822  1.00 34.69  ? 167 ALA A CB  1 
ATOM 1279 N N   . PHE A 1 168 ? -13.425 -40.501 17.098  1.00 30.27  ? 168 PHE A N   1 
ATOM 1280 C CA  . PHE A 1 168 ? -14.665 -41.255 16.976  1.00 29.33  ? 168 PHE A CA  1 
ATOM 1281 C C   . PHE A 1 168 ? -14.400 -42.719 16.650  1.00 30.99  ? 168 PHE A C   1 
ATOM 1282 O O   . PHE A 1 168 ? -14.923 -43.622 17.311  1.00 46.84  ? 168 PHE A O   1 
ATOM 1283 C CB  . PHE A 1 168 ? -15.522 -40.605 15.895  1.00 30.50  ? 168 PHE A CB  1 
ATOM 1284 C CG  . PHE A 1 168 ? -16.876 -41.209 15.733  1.00 38.25  ? 168 PHE A CG  1 
ATOM 1285 C CD1 . PHE A 1 168 ? -17.062 -42.300 14.920  1.00 40.81  ? 168 PHE A CD1 1 
ATOM 1286 C CD2 . PHE A 1 168 ? -17.966 -40.664 16.369  1.00 37.04  ? 168 PHE A CD2 1 
ATOM 1287 C CE1 . PHE A 1 168 ? -18.306 -42.848 14.763  1.00 37.19  ? 168 PHE A CE1 1 
ATOM 1288 C CE2 . PHE A 1 168 ? -19.206 -41.211 16.220  1.00 36.01  ? 168 PHE A CE2 1 
ATOM 1289 C CZ  . PHE A 1 168 ? -19.376 -42.305 15.413  1.00 35.88  ? 168 PHE A CZ  1 
ATOM 1290 N N   . GLU A 1 169 ? -13.586 -42.973 15.630  1.00 30.57  ? 169 GLU A N   1 
ATOM 1291 C CA  . GLU A 1 169 ? -13.234 -44.340 15.270  1.00 40.08  ? 169 GLU A CA  1 
ATOM 1292 C C   . GLU A 1 169 ? -12.443 -45.046 16.364  1.00 37.95  ? 169 GLU A C   1 
ATOM 1293 O O   . GLU A 1 169 ? -12.628 -46.243 16.602  1.00 45.06  ? 169 GLU A O   1 
ATOM 1294 C CB  . GLU A 1 169 ? -12.434 -44.330 13.975  1.00 42.02  ? 169 GLU A CB  1 
ATOM 1295 C CG  . GLU A 1 169 ? -12.077 -45.696 13.462  1.00 47.28  ? 169 GLU A CG  1 
ATOM 1296 C CD  . GLU A 1 169 ? -11.267 -45.635 12.186  1.00 53.45  ? 169 GLU A CD  1 
ATOM 1297 O OE1 . GLU A 1 169 ? -10.198 -44.988 12.193  1.00 52.79  ? 169 GLU A OE1 1 
ATOM 1298 O OE2 . GLU A 1 169 ? -11.700 -46.228 11.174  1.00 52.91  ? 169 GLU A OE2 1 
ATOM 1299 N N   . ARG A 1 170 ? -11.551 -44.324 17.033  1.00 25.22  ? 170 ARG A N   1 
ATOM 1300 C CA  . ARG A 1 170 ? -10.832 -44.882 18.174  1.00 26.38  ? 170 ARG A CA  1 
ATOM 1301 C C   . ARG A 1 170 ? -11.744 -45.245 19.334  1.00 35.94  ? 170 ARG A C   1 
ATOM 1302 O O   . ARG A 1 170 ? -11.479 -46.213 20.054  1.00 42.56  ? 170 ARG A O   1 
ATOM 1303 C CB  . ARG A 1 170 ? -9.782  -43.878 18.627  1.00 25.90  ? 170 ARG A CB  1 
ATOM 1304 C CG  . ARG A 1 170 ? -8.914  -44.348 19.743  1.00 37.36  ? 170 ARG A CG  1 
ATOM 1305 C CD  . ARG A 1 170 ? -7.713  -43.451 19.910  1.00 37.64  ? 170 ARG A CD  1 
ATOM 1306 N NE  . ARG A 1 170 ? -8.059  -42.109 20.361  1.00 38.29  ? 170 ARG A NE  1 
ATOM 1307 C CZ  . ARG A 1 170 ? -7.896  -41.000 19.650  1.00 39.71  ? 170 ARG A CZ  1 
ATOM 1308 N NH1 . ARG A 1 170 ? -7.460  -41.030 18.403  1.00 34.25  ? 170 ARG A NH1 1 
ATOM 1309 N NH2 . ARG A 1 170 ? -8.166  -39.828 20.209  1.00 38.59  ? 170 ARG A NH2 1 
ATOM 1310 N N   . MET A 1 171 ? -12.811 -44.485 19.537  1.00 39.13  ? 171 MET A N   1 
ATOM 1311 C CA  . MET A 1 171 ? -13.772 -44.770 20.594  1.00 30.72  ? 171 MET A CA  1 
ATOM 1312 C C   . MET A 1 171 ? -14.770 -45.863 20.241  1.00 30.56  ? 171 MET A C   1 
ATOM 1313 O O   . MET A 1 171 ? -15.309 -46.513 21.141  1.00 42.56  ? 171 MET A O   1 
ATOM 1314 C CB  . MET A 1 171 ? -14.506 -43.495 20.967  1.00 31.80  ? 171 MET A CB  1 
ATOM 1315 C CG  . MET A 1 171 ? -14.676 -43.345 22.435  1.00 40.78  ? 171 MET A CG  1 
ATOM 1316 S SD  . MET A 1 171 ? -13.165 -43.342 23.399  1.00 57.97  ? 171 MET A SD  1 
ATOM 1317 C CE  . MET A 1 171 ? -12.360 -41.953 22.664  1.00 38.89  ? 171 MET A CE  1 
ATOM 1318 N N   . GLU A 1 172 ? -15.033 -46.074 18.960  1.00 32.91  ? 172 GLU A N   1 
ATOM 1319 C CA  . GLU A 1 172 ? -15.891 -47.177 18.555  1.00 26.86  ? 172 GLU A CA  1 
ATOM 1320 C C   . GLU A 1 172 ? -15.287 -48.533 18.892  1.00 34.61  ? 172 GLU A C   1 
ATOM 1321 O O   . GLU A 1 172 ? -16.001 -49.441 19.334  1.00 50.30  ? 172 GLU A O   1 
ATOM 1322 C CB  . GLU A 1 172 ? -16.154 -47.071 17.060  1.00 28.77  ? 172 GLU A CB  1 
ATOM 1323 C CG  . GLU A 1 172 ? -16.949 -48.200 16.483  1.00 40.94  ? 172 GLU A CG  1 
ATOM 1324 C CD  . GLU A 1 172 ? -17.287 -47.977 15.027  1.00 48.60  ? 172 GLU A CD  1 
ATOM 1325 O OE1 . GLU A 1 172 ? -17.055 -46.855 14.531  1.00 47.88  ? 172 GLU A OE1 1 
ATOM 1326 O OE2 . GLU A 1 172 ? -17.784 -48.919 14.376  1.00 49.15  ? 172 GLU A OE2 1 
ATOM 1327 N N   . ASN A 1 173 ? -13.986 -48.697 18.687  1.00 31.47  ? 173 ASN A N   1 
ATOM 1328 C CA  . ASN A 1 173 ? -13.335 -49.964 18.998  1.00 29.82  ? 173 ASN A CA  1 
ATOM 1329 C C   . ASN A 1 173 ? -13.392 -50.313 20.482  1.00 35.74  ? 173 ASN A C   1 
ATOM 1330 O O   . ASN A 1 173 ? -13.584 -51.478 20.843  1.00 50.74  ? 173 ASN A O   1 
ATOM 1331 C CB  . ASN A 1 173 ? -11.889 -49.912 18.527  1.00 33.39  ? 173 ASN A CB  1 
ATOM 1332 C CG  . ASN A 1 173 ? -11.775 -49.820 17.025  1.00 39.79  ? 173 ASN A CG  1 
ATOM 1333 O OD1 . ASN A 1 173 ? -12.629 -50.312 16.292  1.00 34.69  ? 173 ASN A OD1 1 
ATOM 1334 N ND2 . ASN A 1 173 ? -10.720 -49.174 16.558  1.00 42.10  ? 173 ASN A ND2 1 
ATOM 1335 N N   . LYS A 1 174 ? -13.230 -49.324 21.358  1.00 29.39  ? 174 LYS A N   1 
ATOM 1336 C CA  . LYS A 1 174 ? -13.440 -49.546 22.786  1.00 30.96  ? 174 LYS A CA  1 
ATOM 1337 C C   . LYS A 1 174 ? -14.824 -50.088 23.110  1.00 34.98  ? 174 LYS A C   1 
ATOM 1338 O O   . LYS A 1 174 ? -14.971 -50.945 23.987  1.00 46.78  ? 174 LYS A O   1 
ATOM 1339 C CB  . LYS A 1 174 ? -13.227 -48.252 23.550  1.00 29.94  ? 174 LYS A CB  1 
ATOM 1340 C CG  . LYS A 1 174 ? -11.802 -47.873 23.766  1.00 37.43  ? 174 LYS A CG  1 
ATOM 1341 C CD  . LYS A 1 174 ? -11.718 -46.824 24.841  1.00 39.15  ? 174 LYS A CD  1 
ATOM 1342 C CE  . LYS A 1 174 ? -10.299 -46.442 25.150  1.00 44.44  ? 174 LYS A CE  1 
ATOM 1343 N NZ  . LYS A 1 174 ? -10.241 -45.547 26.331  1.00 44.52  ? 174 LYS A NZ  1 
ATOM 1344 N N   . VAL A 1 175 ? -15.851 -49.600 22.426  1.00 25.25  ? 175 VAL A N   1 
ATOM 1345 C CA  . VAL A 1 175 ? -17.200 -50.100 22.658  1.00 19.61  ? 175 VAL A CA  1 
ATOM 1346 C C   . VAL A 1 175 ? -17.339 -51.547 22.213  1.00 30.36  ? 175 VAL A C   1 
ATOM 1347 O O   . VAL A 1 175 ? -17.955 -52.367 22.904  1.00 48.87  ? 175 VAL A O   1 
ATOM 1348 C CB  . VAL A 1 175 ? -18.207 -49.191 21.940  1.00 28.34  ? 175 VAL A CB  1 
ATOM 1349 C CG1 . VAL A 1 175 ? -19.585 -49.781 21.974  1.00 31.20  ? 175 VAL A CG1 1 
ATOM 1350 C CG2 . VAL A 1 175 ? -18.201 -47.834 22.571  1.00 31.15  ? 175 VAL A CG2 1 
ATOM 1351 N N   . LEU A 1 176 ? -16.776 -51.883 21.063  1.00 25.15  ? 176 LEU A N   1 
ATOM 1352 C CA  . LEU A 1 176 ? -16.853 -53.244 20.556  1.00 29.30  ? 176 LEU A CA  1 
ATOM 1353 C C   . LEU A 1 176 ? -16.045 -54.227 21.389  1.00 29.95  ? 176 LEU A C   1 
ATOM 1354 O O   . LEU A 1 176 ? -16.388 -55.412 21.446  1.00 43.39  ? 176 LEU A O   1 
ATOM 1355 C CB  . LEU A 1 176 ? -16.383 -53.255 19.113  1.00 38.56  ? 176 LEU A CB  1 
ATOM 1356 C CG  . LEU A 1 176 ? -17.477 -53.104 18.065  1.00 33.15  ? 176 LEU A CG  1 
ATOM 1357 C CD1 . LEU A 1 176 ? -18.364 -51.966 18.419  1.00 27.53  ? 176 LEU A CD1 1 
ATOM 1358 C CD2 . LEU A 1 176 ? -16.871 -52.851 16.726  1.00 31.30  ? 176 LEU A CD2 1 
ATOM 1359 N N   . ASP A 1 177 ? -14.977 -53.766 22.032  1.00 27.66  ? 177 ASP A N   1 
ATOM 1360 C CA  . ASP A 1 177 ? -14.252 -54.610 22.975  1.00 28.89  ? 177 ASP A CA  1 
ATOM 1361 C C   . ASP A 1 177 ? -15.063 -54.928 24.227  1.00 39.13  ? 177 ASP A C   1 
ATOM 1362 O O   . ASP A 1 177 ? -15.055 -56.068 24.699  1.00 51.15  ? 177 ASP A O   1 
ATOM 1363 C CB  . ASP A 1 177 ? -12.949 -53.925 23.361  1.00 33.89  ? 177 ASP A CB  1 
ATOM 1364 C CG  . ASP A 1 177 ? -11.978 -53.826 22.208  1.00 47.85  ? 177 ASP A CG  1 
ATOM 1365 O OD1 . ASP A 1 177 ? -12.172 -54.541 21.203  1.00 50.84  ? 177 ASP A OD1 1 
ATOM 1366 O OD2 . ASP A 1 177 ? -11.018 -53.035 22.304  1.00 48.04  ? 177 ASP A OD2 1 
ATOM 1367 N N   . MET A 1 178 ? -15.771 -53.942 24.770  1.00 30.62  ? 178 MET A N   1 
ATOM 1368 C CA  . MET A 1 178 ? -16.625 -54.183 25.930  1.00 30.19  ? 178 MET A CA  1 
ATOM 1369 C C   . MET A 1 178 ? -17.763 -55.143 25.613  1.00 35.92  ? 178 MET A C   1 
ATOM 1370 O O   . MET A 1 178 ? -18.044 -56.069 26.378  1.00 46.53  ? 178 MET A O   1 
ATOM 1371 C CB  . MET A 1 178 ? -17.194 -52.862 26.428  1.00 33.81  ? 178 MET A CB  1 
ATOM 1372 C CG  . MET A 1 178 ? -16.175 -51.912 26.988  1.00 42.63  ? 178 MET A CG  1 
ATOM 1373 S SD  . MET A 1 178 ? -16.890 -50.278 27.256  1.00 61.61  ? 178 MET A SD  1 
ATOM 1374 C CE  . MET A 1 178 ? -15.428 -49.322 27.635  1.00 44.37  ? 178 MET A CE  1 
ATOM 1375 N N   . GLU A 1 179 ? -18.431 -54.928 24.487  1.00 31.47  ? 179 GLU A N   1 
ATOM 1376 C CA  . GLU A 1 179 ? -19.554 -55.771 24.100  1.00 33.16  ? 179 GLU A CA  1 
ATOM 1377 C C   . GLU A 1 179 ? -19.163 -57.238 23.952  1.00 37.56  ? 179 GLU A C   1 
ATOM 1378 O O   . GLU A 1 179 ? -19.892 -58.128 24.402  1.00 50.61  ? 179 GLU A O   1 
ATOM 1379 C CB  . GLU A 1 179 ? -20.148 -55.239 22.801  1.00 35.67  ? 179 GLU A CB  1 
ATOM 1380 C CG  . GLU A 1 179 ? -21.226 -56.092 22.192  1.00 44.55  ? 179 GLU A CG  1 
ATOM 1381 C CD  . GLU A 1 179 ? -21.758 -55.515 20.901  1.00 52.05  ? 179 GLU A CD  1 
ATOM 1382 O OE1 . GLU A 1 179 ? -22.457 -54.484 20.959  1.00 48.47  ? 179 GLU A OE1 1 
ATOM 1383 O OE2 . GLU A 1 179 ? -21.479 -56.087 19.830  1.00 55.53  ? 179 GLU A OE2 1 
ATOM 1384 N N   . ALA A 1 180 ? -18.022 -57.512 23.328  1.00 33.62  ? 180 ALA A N   1 
ATOM 1385 C CA  . ALA A 1 180 ? -17.573 -58.890 23.165  1.00 32.32  ? 180 ALA A CA  1 
ATOM 1386 C C   . ALA A 1 180 ? -17.144 -59.527 24.480  1.00 32.09  ? 180 ALA A C   1 
ATOM 1387 O O   . ALA A 1 180 ? -17.386 -60.716 24.708  1.00 40.97  ? 180 ALA A O   1 
ATOM 1388 C CB  . ALA A 1 180 ? -16.427 -58.929 22.168  1.00 28.45  ? 180 ALA A CB  1 
ATOM 1389 N N   . THR A 1 181 ? -16.507 -58.757 25.356  1.00 25.17  ? 181 THR A N   1 
ATOM 1390 C CA  . THR A 1 181 ? -16.090 -59.280 26.651  1.00 25.30  ? 181 THR A CA  1 
ATOM 1391 C C   . THR A 1 181 ? -17.272 -59.687 27.524  1.00 35.98  ? 181 THR A C   1 
ATOM 1392 O O   . THR A 1 181 ? -17.231 -60.725 28.193  1.00 48.44  ? 181 THR A O   1 
ATOM 1393 C CB  . THR A 1 181 ? -15.246 -58.230 27.362  1.00 30.54  ? 181 THR A CB  1 
ATOM 1394 O OG1 . THR A 1 181 ? -14.055 -57.988 26.613  1.00 41.01  ? 181 THR A OG1 1 
ATOM 1395 C CG2 . THR A 1 181 ? -14.887 -58.677 28.741  1.00 37.71  ? 181 THR A CG2 1 
ATOM 1396 N N   . SER A 1 182 ? -18.325 -58.880 27.533  1.00 36.25  ? 182 SER A N   1 
ATOM 1397 C CA  . SER A 1 182 ? -19.548 -59.217 28.254  1.00 32.74  ? 182 SER A CA  1 
ATOM 1398 C C   . SER A 1 182 ? -20.252 -60.437 27.677  1.00 37.34  ? 182 SER A C   1 
ATOM 1399 O O   . SER A 1 182 ? -20.659 -61.339 28.416  1.00 47.47  ? 182 SER A O   1 
ATOM 1400 C CB  . SER A 1 182 ? -20.485 -58.015 28.243  1.00 37.32  ? 182 SER A CB  1 
ATOM 1401 O OG  . SER A 1 182 ? -21.712 -58.323 28.869  1.00 52.52  ? 182 SER A OG  1 
ATOM 1402 N N   . GLN A 1 183 ? -20.407 -60.485 26.359  1.00 36.74  ? 183 GLN A N   1 
ATOM 1403 C CA  . GLN A 1 183 ? -21.157 -61.563 25.726  1.00 38.51  ? 183 GLN A CA  1 
ATOM 1404 C C   . GLN A 1 183 ? -20.472 -62.915 25.859  1.00 43.08  ? 183 GLN A C   1 
ATOM 1405 O O   . GLN A 1 183 ? -21.145 -63.938 26.031  1.00 53.69  ? 183 GLN A O   1 
ATOM 1406 C CB  . GLN A 1 183 ? -21.367 -61.233 24.254  1.00 42.28  ? 183 GLN A CB  1 
ATOM 1407 C CG  . GLN A 1 183 ? -22.405 -60.167 24.008  1.00 50.03  ? 183 GLN A CG  1 
ATOM 1408 C CD  . GLN A 1 183 ? -22.582 -59.824 22.541  1.00 53.74  ? 183 GLN A CD  1 
ATOM 1409 O OE1 . GLN A 1 183 ? -23.305 -58.890 22.202  1.00 54.08  ? 183 GLN A OE1 1 
ATOM 1410 N NE2 . GLN A 1 183 ? -21.924 -60.574 21.662  1.00 54.11  ? 183 GLN A NE2 1 
ATOM 1411 N N   . ALA A 1 184 ? -19.149 -62.955 25.773  1.00 41.21  ? 184 ALA A N   1 
ATOM 1412 C CA  . ALA A 1 184 ? -18.447 -64.223 25.920  1.00 39.88  ? 184 ALA A CA  1 
ATOM 1413 C C   . ALA A 1 184 ? -18.544 -64.781 27.334  1.00 42.08  ? 184 ALA A C   1 
ATOM 1414 O O   . ALA A 1 184 ? -18.790 -65.979 27.515  1.00 49.62  ? 184 ALA A O   1 
ATOM 1415 C CB  . ALA A 1 184 ? -16.988 -64.043 25.537  1.00 36.90  ? 184 ALA A CB  1 
ATOM 1416 N N   . ALA A 1 185 ? -18.361 -63.939 28.344  1.00 37.99  ? 185 ALA A N   1 
ATOM 1417 C CA  . ALA A 1 185 ? -18.499 -64.401 29.720  1.00 40.12  ? 185 ALA A CA  1 
ATOM 1418 C C   . ALA A 1 185 ? -19.916 -64.854 30.038  1.00 45.63  ? 185 ALA A C   1 
ATOM 1419 O O   . ALA A 1 185 ? -20.113 -65.818 30.783  1.00 52.00  ? 185 ALA A O   1 
ATOM 1420 C CB  . ALA A 1 185 ? -18.080 -63.290 30.676  1.00 38.82  ? 185 ALA A CB  1 
ATOM 1421 N N   . GLY A 1 186 ? -20.916 -64.177 29.480  1.00 43.95  ? 186 GLY A N   1 
ATOM 1422 C CA  . GLY A 1 186 ? -22.285 -64.616 29.670  1.00 43.55  ? 186 GLY A CA  1 
ATOM 1423 C C   . GLY A 1 186 ? -22.632 -65.875 28.903  1.00 44.03  ? 186 GLY A C   1 
ATOM 1424 O O   . GLY A 1 186 ? -23.360 -66.736 29.399  1.00 53.26  ? 186 GLY A O   1 
ATOM 1425 N N   . GLU A 1 187 ? -22.115 -66.001 27.686  1.00 53.79  ? 187 GLU A N   1 
ATOM 1426 C CA  . GLU A 1 187 ? -22.371 -67.198 26.896  1.00 57.29  ? 187 GLU A CA  1 
ATOM 1427 C C   . GLU A 1 187 ? -21.774 -68.433 27.549  1.00 57.90  ? 187 GLU A C   1 
ATOM 1428 O O   . GLU A 1 187 ? -22.401 -69.496 27.581  1.00 61.04  ? 187 GLU A O   1 
ATOM 1429 C CB  . GLU A 1 187 ? -21.799 -67.012 25.495  1.00 58.77  ? 187 GLU A CB  1 
ATOM 1430 C CG  . GLU A 1 187 ? -21.891 -68.225 24.608  1.00 63.14  ? 187 GLU A CG  1 
ATOM 1431 C CD  . GLU A 1 187 ? -21.257 -67.991 23.254  1.00 66.57  ? 187 GLU A CD  1 
ATOM 1432 O OE1 . GLU A 1 187 ? -21.439 -66.889 22.697  1.00 60.73  ? 187 GLU A OE1 1 
ATOM 1433 O OE2 . GLU A 1 187 ? -20.572 -68.905 22.748  1.00 66.26  ? 187 GLU A OE2 1 
ATOM 1434 N N   . LEU A 1 188 ? -20.556 -68.313 28.066  1.00 55.98  ? 188 LEU A N   1 
ATOM 1435 C CA  . LEU A 1 188 ? -19.885 -69.469 28.643  1.00 56.12  ? 188 LEU A CA  1 
ATOM 1436 C C   . LEU A 1 188 ? -20.556 -69.923 29.930  1.00 55.85  ? 188 LEU A C   1 
ATOM 1437 O O   . LEU A 1 188 ? -20.632 -71.126 30.210  1.00 56.83  ? 188 LEU A O   1 
ATOM 1438 C CB  . LEU A 1 188 ? -18.426 -69.114 28.891  1.00 53.87  ? 188 LEU A CB  1 
ATOM 1439 C CG  . LEU A 1 188 ? -17.432 -70.241 29.049  1.00 56.20  ? 188 LEU A CG  1 
ATOM 1440 C CD1 . LEU A 1 188 ? -17.219 -70.900 27.720  1.00 54.14  ? 188 LEU A CD1 1 
ATOM 1441 C CD2 . LEU A 1 188 ? -16.153 -69.653 29.543  1.00 54.83  ? 188 LEU A CD2 1 
ATOM 1442 N N   . ALA A 1 189 ? -21.049 -68.977 30.728  1.00 55.92  ? 189 ALA A N   1 
ATOM 1443 C CA  . ALA A 1 189 ? -21.840 -69.313 31.903  1.00 53.79  ? 189 ALA A CA  1 
ATOM 1444 C C   . ALA A 1 189 ? -23.201 -69.894 31.545  1.00 55.97  ? 189 ALA A C   1 
ATOM 1445 O O   . ALA A 1 189 ? -23.854 -70.487 32.408  1.00 57.55  ? 189 ALA A O   1 
ATOM 1446 C CB  . ALA A 1 189 ? -22.023 -68.081 32.781  1.00 51.49  ? 189 ALA A CB  1 
ATOM 1447 N N   . GLY A 1 190 ? -23.634 -69.742 30.294  1.00 64.02  ? 190 GLY A N   1 
ATOM 1448 C CA  . GLY A 1 190 ? -24.865 -70.367 29.854  1.00 63.21  ? 190 GLY A CA  1 
ATOM 1449 C C   . GLY A 1 190 ? -24.746 -71.859 29.666  1.00 64.30  ? 190 GLY A C   1 
ATOM 1450 O O   . GLY A 1 190 ? -25.764 -72.553 29.610  1.00 65.92  ? 190 GLY A O   1 
ATOM 1451 N N   . PHE A 1 191 ? -23.525 -72.362 29.564  1.00 72.05  ? 191 PHE A N   1 
ATOM 1452 C CA  . PHE A 1 191 ? -23.273 -73.784 29.674  1.00 72.08  ? 191 PHE A CA  1 
ATOM 1453 C C   . PHE A 1 191 ? -23.299 -74.190 31.143  1.00 75.36  ? 191 PHE A C   1 
ATOM 1454 O O   . PHE A 1 191 ? -23.448 -73.362 32.045  1.00 78.33  ? 191 PHE A O   1 
ATOM 1455 C CB  . PHE A 1 191 ? -21.942 -74.150 29.028  1.00 70.51  ? 191 PHE A CB  1 
ATOM 1456 C CG  . PHE A 1 191 ? -21.837 -73.746 27.592  1.00 74.72  ? 191 PHE A CG  1 
ATOM 1457 C CD1 . PHE A 1 191 ? -22.723 -74.238 26.656  1.00 75.05  ? 191 PHE A CD1 1 
ATOM 1458 C CD2 . PHE A 1 191 ? -20.833 -72.895 27.173  1.00 74.56  ? 191 PHE A CD2 1 
ATOM 1459 C CE1 . PHE A 1 191 ? -22.621 -73.878 25.332  1.00 76.12  ? 191 PHE A CE1 1 
ATOM 1460 C CE2 . PHE A 1 191 ? -20.727 -72.531 25.850  1.00 74.02  ? 191 PHE A CE2 1 
ATOM 1461 C CZ  . PHE A 1 191 ? -21.622 -73.022 24.929  1.00 75.32  ? 191 PHE A CZ  1 
ATOM 1462 N N   . GLY A 1 192 ? -23.147 -75.482 31.382  1.00 80.70  ? 192 GLY A N   1 
ATOM 1463 C CA  . GLY A 1 192 ? -23.269 -76.037 32.711  1.00 80.80  ? 192 GLY A CA  1 
ATOM 1464 C C   . GLY A 1 192 ? -24.637 -76.620 32.990  1.00 82.54  ? 192 GLY A C   1 
ATOM 1465 O O   . GLY A 1 192 ? -25.679 -76.041 32.668  1.00 85.47  ? 192 GLY A O   1 
ATOM 1466 N N   . ILE A 1 193 ? -24.606 -77.802 33.601  1.00 86.34  ? 193 ILE A N   1 
ATOM 1467 C CA  . ILE A 1 193 ? -25.743 -78.714 33.592  1.00 88.62  ? 193 ILE A CA  1 
ATOM 1468 C C   . ILE A 1 193 ? -26.974 -78.083 34.225  1.00 89.51  ? 193 ILE A C   1 
ATOM 1469 O O   . ILE A 1 193 ? -28.087 -78.193 33.700  1.00 90.38  ? 193 ILE A O   1 
ATOM 1470 C CB  . ILE A 1 193 ? -25.351 -80.023 34.293  1.00 87.25  ? 193 ILE A CB  1 
ATOM 1471 C CG1 . ILE A 1 193 ? -24.267 -80.723 33.487  1.00 86.92  ? 193 ILE A CG1 1 
ATOM 1472 C CG2 . ILE A 1 193 ? -26.536 -80.945 34.414  1.00 87.41  ? 193 ILE A CG2 1 
ATOM 1473 C CD1 . ILE A 1 193 ? -23.554 -81.773 34.263  1.00 87.68  ? 193 ILE A CD1 1 
ATOM 1474 N N   . GLU A 1 194 ? -26.797 -77.418 35.362  1.00 92.58  ? 194 GLU A N   1 
ATOM 1475 C CA  . GLU A 1 194 ? -27.945 -76.907 36.103  1.00 92.95  ? 194 GLU A CA  1 
ATOM 1476 C C   . GLU A 1 194 ? -28.662 -75.808 35.335  1.00 93.11  ? 194 GLU A C   1 
ATOM 1477 O O   . GLU A 1 194 ? -29.893 -75.815 35.226  1.00 93.68  ? 194 GLU A O   1 
ATOM 1478 C CB  . GLU A 1 194 ? -27.487 -76.393 37.463  1.00 92.20  ? 194 GLU A CB  1 
ATOM 1479 C CG  . GLU A 1 194 ? -26.926 -77.473 38.367  1.00 93.59  ? 194 GLU A CG  1 
ATOM 1480 C CD  . GLU A 1 194 ? -27.931 -78.569 38.673  1.00 95.21  ? 194 GLU A CD  1 
ATOM 1481 O OE1 . GLU A 1 194 ? -29.139 -78.357 38.438  1.00 95.79  ? 194 GLU A OE1 1 
ATOM 1482 O OE2 . GLU A 1 194 ? -27.510 -79.642 39.148  1.00 94.49  ? 194 GLU A OE2 1 
ATOM 1483 N N   . ASN A 1 195 ? -27.911 -74.860 34.788  1.00 87.40  ? 195 ASN A N   1 
ATOM 1484 C CA  . ASN A 1 195 ? -28.532 -73.791 34.017  1.00 86.02  ? 195 ASN A CA  1 
ATOM 1485 C C   . ASN A 1 195 ? -29.224 -74.351 32.785  1.00 85.85  ? 195 ASN A C   1 
ATOM 1486 O O   . ASN A 1 195 ? -30.275 -73.853 32.368  1.00 88.32  ? 195 ASN A O   1 
ATOM 1487 C CB  . ASN A 1 195 ? -27.488 -72.754 33.616  1.00 84.84  ? 195 ASN A CB  1 
ATOM 1488 C CG  . ASN A 1 195 ? -28.111 -71.463 33.138  1.00 87.88  ? 195 ASN A CG  1 
ATOM 1489 O OD1 . ASN A 1 195 ? -29.331 -71.329 33.092  1.00 90.45  ? 195 ASN A OD1 1 
ATOM 1490 N ND2 . ASN A 1 195 ? -27.273 -70.498 32.790  1.00 86.55  ? 195 ASN A ND2 1 
ATOM 1491 N N   . GLN A 1 196 ? -28.648 -75.392 32.194  1.00 82.06  ? 196 GLN A N   1 
ATOM 1492 C CA  . GLN A 1 196 ? -29.198 -75.979 30.984  1.00 82.94  ? 196 GLN A CA  1 
ATOM 1493 C C   . GLN A 1 196 ? -30.433 -76.828 31.265  1.00 84.02  ? 196 GLN A C   1 
ATOM 1494 O O   . GLN A 1 196 ? -31.394 -76.799 30.491  1.00 86.30  ? 196 GLN A O   1 
ATOM 1495 C CB  . GLN A 1 196 ? -28.112 -76.810 30.308  1.00 80.82  ? 196 GLN A CB  1 
ATOM 1496 C CG  . GLN A 1 196 ? -28.421 -77.248 28.908  1.00 84.13  ? 196 GLN A CG  1 
ATOM 1497 C CD  . GLN A 1 196 ? -27.196 -77.785 28.200  1.00 84.18  ? 196 GLN A CD  1 
ATOM 1498 O OE1 . GLN A 1 196 ? -26.085 -77.713 28.723  1.00 81.06  ? 196 GLN A OE1 1 
ATOM 1499 N NE2 . GLN A 1 196 ? -27.392 -78.327 27.008  1.00 85.01  ? 196 GLN A NE2 1 
ATOM 1500 N N   . PHE A 1 197 ? -30.426 -77.594 32.356  1.00 83.88  ? 197 PHE A N   1 
ATOM 1501 C CA  . PHE A 1 197 ? -31.633 -78.303 32.771  1.00 83.59  ? 197 PHE A CA  1 
ATOM 1502 C C   . PHE A 1 197 ? -32.741 -77.360 33.220  1.00 85.86  ? 197 PHE A C   1 
ATOM 1503 O O   . PHE A 1 197 ? -33.923 -77.646 32.993  1.00 87.59  ? 197 PHE A O   1 
ATOM 1504 C CB  . PHE A 1 197 ? -31.310 -79.282 33.895  1.00 82.80  ? 197 PHE A CB  1 
ATOM 1505 C CG  . PHE A 1 197 ? -30.939 -80.645 33.411  1.00 83.85  ? 197 PHE A CG  1 
ATOM 1506 C CD1 . PHE A 1 197 ? -31.881 -81.461 32.822  1.00 81.68  ? 197 PHE A CD1 1 
ATOM 1507 C CD2 . PHE A 1 197 ? -29.654 -81.113 33.548  1.00 84.40  ? 197 PHE A CD2 1 
ATOM 1508 C CE1 . PHE A 1 197 ? -31.543 -82.712 32.379  1.00 81.89  ? 197 PHE A CE1 1 
ATOM 1509 C CE2 . PHE A 1 197 ? -29.311 -82.365 33.107  1.00 82.52  ? 197 PHE A CE2 1 
ATOM 1510 C CZ  . PHE A 1 197 ? -30.257 -83.163 32.520  1.00 82.69  ? 197 PHE A CZ  1 
ATOM 1511 N N   . ALA A 1 198 ? -32.393 -76.238 33.848  1.00 88.48  ? 198 ALA A N   1 
ATOM 1512 C CA  . ALA A 1 198 ? -33.405 -75.284 34.280  1.00 87.87  ? 198 ALA A CA  1 
ATOM 1513 C C   . ALA A 1 198 ? -34.232 -74.729 33.129  1.00 88.52  ? 198 ALA A C   1 
ATOM 1514 O O   . ALA A 1 198 ? -35.290 -74.141 33.373  1.00 87.00  ? 198 ALA A O   1 
ATOM 1515 C CB  . ALA A 1 198 ? -32.746 -74.136 35.035  1.00 87.29  ? 198 ALA A CB  1 
ATOM 1516 N N   . GLN A 1 199 ? -33.782 -74.895 31.894  1.00 91.03  ? 199 GLN A N   1 
ATOM 1517 C CA  . GLN A 1 199 ? -34.544 -74.444 30.740  1.00 90.10  ? 199 GLN A CA  1 
ATOM 1518 C C   . GLN A 1 199 ? -35.575 -75.455 30.266  1.00 91.32  ? 199 GLN A C   1 
ATOM 1519 O O   . GLN A 1 199 ? -36.410 -75.109 29.423  1.00 91.30  ? 199 GLN A O   1 
ATOM 1520 C CB  . GLN A 1 199 ? -33.603 -74.104 29.583  1.00 90.88  ? 199 GLN A CB  1 
ATOM 1521 C CG  . GLN A 1 199 ? -32.420 -73.253 29.984  1.00 89.70  ? 199 GLN A CG  1 
ATOM 1522 C CD  . GLN A 1 199 ? -32.830 -72.056 30.820  1.00 90.85  ? 199 GLN A CD  1 
ATOM 1523 O OE1 . GLN A 1 199 ? -33.838 -71.410 30.542  1.00 92.10  ? 199 GLN A OE1 1 
ATOM 1524 N NE2 . GLN A 1 199 ? -32.045 -71.749 31.842  1.00 87.51  ? 199 GLN A NE2 1 
ATOM 1525 N N   . LEU A 1 200 ? -35.543 -76.683 30.768  1.00 103.51 ? 200 LEU A N   1 
ATOM 1526 C CA  . LEU A 1 200 ? -36.556 -77.658 30.399  1.00 104.08 ? 200 LEU A CA  1 
ATOM 1527 C C   . LEU A 1 200 ? -37.834 -77.442 31.199  1.00 106.98 ? 200 LEU A C   1 
ATOM 1528 O O   . LEU A 1 200 ? -37.800 -77.173 32.403  1.00 106.07 ? 200 LEU A O   1 
ATOM 1529 C CB  . LEU A 1 200 ? -36.017 -79.069 30.612  1.00 103.39 ? 200 LEU A CB  1 
ATOM 1530 C CG  . LEU A 1 200 ? -35.159 -79.566 29.447  1.00 103.06 ? 200 LEU A CG  1 
ATOM 1531 C CD1 . LEU A 1 200 ? -33.975 -78.660 29.243  1.00 102.72 ? 200 LEU A CD1 1 
ATOM 1532 C CD2 . LEU A 1 200 ? -34.686 -80.977 29.684  1.00 104.49 ? 200 LEU A CD2 1 
ATOM 1533 N N   . GLU A 1 201 ? -38.970 -77.575 30.510  1.00 127.73 ? 201 GLU A N   1 
ATOM 1534 C CA  . GLU A 1 201 ? -40.258 -77.202 31.087  1.00 128.17 ? 201 GLU A CA  1 
ATOM 1535 C C   . GLU A 1 201 ? -40.643 -78.097 32.261  1.00 128.83 ? 201 GLU A C   1 
ATOM 1536 O O   . GLU A 1 201 ? -40.972 -77.608 33.349  1.00 127.49 ? 201 GLU A O   1 
ATOM 1537 C CB  . GLU A 1 201 ? -41.332 -77.250 30.003  1.00 127.54 ? 201 GLU A CB  1 
ATOM 1538 C CG  . GLU A 1 201 ? -42.712 -76.833 30.475  1.00 128.11 ? 201 GLU A CG  1 
ATOM 1539 C CD  . GLU A 1 201 ? -43.709 -76.743 29.338  1.00 128.96 ? 201 GLU A CD  1 
ATOM 1540 O OE1 . GLU A 1 201 ? -43.390 -77.218 28.228  1.00 129.19 ? 201 GLU A OE1 1 
ATOM 1541 O OE2 . GLU A 1 201 ? -44.810 -76.194 29.551  1.00 128.87 ? 201 GLU A OE2 1 
ATOM 1542 N N   . ALA A 1 202 ? -40.608 -79.413 32.060  1.00 128.22 ? 202 ALA A N   1 
ATOM 1543 C CA  . ALA A 1 202 ? -40.964 -80.381 33.093  1.00 126.97 ? 202 ALA A CA  1 
ATOM 1544 C C   . ALA A 1 202 ? -39.811 -80.697 34.035  1.00 128.31 ? 202 ALA A C   1 
ATOM 1545 O O   . ALA A 1 202 ? -39.755 -81.791 34.604  1.00 127.34 ? 202 ALA A O   1 
ATOM 1546 C CB  . ALA A 1 202 ? -41.471 -81.671 32.445  1.00 125.68 ? 202 ALA A CB  1 
ATOM 1547 N N   . SER A 1 203 ? -38.892 -79.752 34.211  1.00 125.88 ? 203 SER A N   1 
ATOM 1548 C CA  . SER A 1 203 ? -37.676 -80.013 34.963  1.00 124.32 ? 203 SER A CA  1 
ATOM 1549 C C   . SER A 1 203 ? -37.880 -80.034 36.474  1.00 125.18 ? 203 SER A C   1 
ATOM 1550 O O   . SER A 1 203 ? -36.949 -80.407 37.196  1.00 124.75 ? 203 SER A O   1 
ATOM 1551 C CB  . SER A 1 203 ? -36.628 -78.955 34.611  1.00 122.45 ? 203 SER A CB  1 
ATOM 1552 O OG  . SER A 1 203 ? -37.131 -77.652 34.844  1.00 121.95 ? 203 SER A OG  1 
ATOM 1553 N N   . SER A 1 204 ? -39.057 -79.650 36.977  1.00 128.24 ? 204 SER A N   1 
ATOM 1554 C CA  . SER A 1 204 ? -39.215 -79.462 38.416  1.00 127.23 ? 204 SER A CA  1 
ATOM 1555 C C   . SER A 1 204 ? -39.370 -80.767 39.191  1.00 127.38 ? 204 SER A C   1 
ATOM 1556 O O   . SER A 1 204 ? -39.053 -80.797 40.384  1.00 126.70 ? 204 SER A O   1 
ATOM 1557 C CB  . SER A 1 204 ? -40.426 -78.573 38.689  1.00 126.73 ? 204 SER A CB  1 
ATOM 1558 O OG  . SER A 1 204 ? -41.615 -79.197 38.241  1.00 126.75 ? 204 SER A OG  1 
ATOM 1559 N N   . GLY A 1 205 ? -39.838 -81.836 38.556  1.00 127.53 ? 205 GLY A N   1 
ATOM 1560 C CA  . GLY A 1 205 ? -39.852 -83.136 39.204  1.00 126.86 ? 205 GLY A CA  1 
ATOM 1561 C C   . GLY A 1 205 ? -40.985 -83.381 40.181  1.00 127.74 ? 205 GLY A C   1 
ATOM 1562 O O   . GLY A 1 205 ? -40.748 -83.924 41.268  1.00 126.50 ? 205 GLY A O   1 
ATOM 1563 N N   . VAL A 1 206 ? -42.212 -82.993 39.837  1.00 127.22 ? 206 VAL A N   1 
ATOM 1564 C CA  . VAL A 1 206 ? -43.388 -83.367 40.617  1.00 124.77 ? 206 VAL A CA  1 
ATOM 1565 C C   . VAL A 1 206 ? -44.481 -83.886 39.693  1.00 125.23 ? 206 VAL A C   1 
ATOM 1566 O O   . VAL A 1 206 ? -45.648 -83.985 40.083  1.00 126.24 ? 206 VAL A O   1 
ATOM 1567 C CB  . VAL A 1 206 ? -43.896 -82.185 41.458  1.00 123.90 ? 206 VAL A CB  1 
ATOM 1568 C CG1 . VAL A 1 206 ? -42.830 -81.745 42.426  1.00 123.74 ? 206 VAL A CG1 1 
ATOM 1569 C CG2 . VAL A 1 206 ? -44.300 -81.038 40.568  1.00 124.31 ? 206 VAL A CG2 1 
ATOM 1570 N N   . GLU A 1 207 ? -44.106 -84.216 38.462  1.00 127.01 ? 207 GLU A N   1 
ATOM 1571 C CA  . GLU A 1 207 ? -45.094 -84.544 37.441  1.00 127.30 ? 207 GLU A CA  1 
ATOM 1572 C C   . GLU A 1 207 ? -45.905 -85.784 37.796  1.00 127.05 ? 207 GLU A C   1 
ATOM 1573 O O   . GLU A 1 207 ? -47.039 -85.938 37.328  1.00 128.03 ? 207 GLU A O   1 
ATOM 1574 C CB  . GLU A 1 207 ? -44.396 -84.738 36.097  1.00 127.17 ? 207 GLU A CB  1 
ATOM 1575 C CG  . GLU A 1 207 ? -44.081 -83.441 35.369  1.00 127.69 ? 207 GLU A CG  1 
ATOM 1576 C CD  . GLU A 1 207 ? -43.259 -82.483 36.207  1.00 127.43 ? 207 GLU A CD  1 
ATOM 1577 O OE1 . GLU A 1 207 ? -42.372 -82.952 36.950  1.00 127.53 ? 207 GLU A OE1 1 
ATOM 1578 O OE2 . GLU A 1 207 ? -43.494 -81.258 36.120  1.00 125.84 ? 207 GLU A OE2 1 
ATOM 1579 N N   . ASP A 1 208 ? -45.353 -86.672 38.621  1.00 127.35 ? 208 ASP A N   1 
ATOM 1580 C CA  . ASP A 1 208 ? -46.099 -87.853 39.048  1.00 128.04 ? 208 ASP A CA  1 
ATOM 1581 C C   . ASP A 1 208 ? -47.239 -87.507 40.001  1.00 127.98 ? 208 ASP A C   1 
ATOM 1582 O O   . ASP A 1 208 ? -48.392 -87.884 39.765  1.00 128.01 ? 208 ASP A O   1 
ATOM 1583 C CB  . ASP A 1 208 ? -45.145 -88.841 39.715  1.00 127.52 ? 208 ASP A CB  1 
ATOM 1584 C CG  . ASP A 1 208 ? -44.019 -89.270 38.800  1.00 128.45 ? 208 ASP A CG  1 
ATOM 1585 O OD1 . ASP A 1 208 ? -44.234 -89.315 37.571  1.00 128.37 ? 208 ASP A OD1 1 
ATOM 1586 O OD2 . ASP A 1 208 ? -42.917 -89.557 39.311  1.00 128.22 ? 208 ASP A OD2 1 
ATOM 1587 N N   . GLU A 1 209 ? -46.944 -86.779 41.077  1.00 127.60 ? 209 GLU A N   1 
ATOM 1588 C CA  . GLU A 1 209 ? -48.004 -86.323 41.971  1.00 126.74 ? 209 GLU A CA  1 
ATOM 1589 C C   . GLU A 1 209 ? -48.905 -85.286 41.315  1.00 126.77 ? 209 GLU A C   1 
ATOM 1590 O O   . GLU A 1 209 ? -50.096 -85.213 41.638  1.00 126.69 ? 209 GLU A O   1 
ATOM 1591 C CB  . GLU A 1 209 ? -47.398 -85.761 43.254  1.00 125.50 ? 209 GLU A CB  1 
ATOM 1592 C CG  . GLU A 1 209 ? -46.367 -84.685 43.034  1.00 127.13 ? 209 GLU A CG  1 
ATOM 1593 C CD  . GLU A 1 209 ? -44.953 -85.229 43.003  1.00 128.70 ? 209 GLU A CD  1 
ATOM 1594 O OE1 . GLU A 1 209 ? -44.648 -86.035 42.100  1.00 129.71 ? 209 GLU A OE1 1 
ATOM 1595 O OE2 . GLU A 1 209 ? -44.149 -84.858 43.885  1.00 129.55 ? 209 GLU A OE2 1 
ATOM 1596 N N   . LEU A 1 210 ? -48.365 -84.487 40.399  1.00 121.48 ? 210 LEU A N   1 
ATOM 1597 C CA  . LEU A 1 210 ? -49.209 -83.639 39.568  1.00 120.19 ? 210 LEU A CA  1 
ATOM 1598 C C   . LEU A 1 210 ? -50.187 -84.471 38.750  1.00 120.36 ? 210 LEU A C   1 
ATOM 1599 O O   . LEU A 1 210 ? -51.380 -84.155 38.675  1.00 120.08 ? 210 LEU A O   1 
ATOM 1600 C CB  . LEU A 1 210 ? -48.330 -82.789 38.653  1.00 119.60 ? 210 LEU A CB  1 
ATOM 1601 C CG  . LEU A 1 210 ? -49.060 -81.882 37.669  1.00 119.26 ? 210 LEU A CG  1 
ATOM 1602 C CD1 . LEU A 1 210 ? -49.871 -80.858 38.417  1.00 118.72 ? 210 LEU A CD1 1 
ATOM 1603 C CD2 . LEU A 1 210 ? -48.070 -81.203 36.742  1.00 119.74 ? 210 LEU A CD2 1 
ATOM 1604 N N   . ALA A 1 211 ? -49.698 -85.546 38.137  1.00 121.06 ? 211 ALA A N   1 
ATOM 1605 C CA  . ALA A 1 211 ? -50.580 -86.444 37.401  1.00 120.07 ? 211 ALA A CA  1 
ATOM 1606 C C   . ALA A 1 211 ? -51.580 -87.128 38.323  1.00 120.40 ? 211 ALA A C   1 
ATOM 1607 O O   . ALA A 1 211 ? -52.760 -87.265 37.979  1.00 120.69 ? 211 ALA A O   1 
ATOM 1608 C CB  . ALA A 1 211 ? -49.748 -87.484 36.658  1.00 119.57 ? 211 ALA A CB  1 
ATOM 1609 N N   . ALA A 1 212 ? -51.130 -87.557 39.500  1.00 118.14 ? 212 ALA A N   1 
ATOM 1610 C CA  . ALA A 1 212 ? -52.045 -88.150 40.468  1.00 117.00 ? 212 ALA A CA  1 
ATOM 1611 C C   . ALA A 1 212 ? -53.097 -87.155 40.937  1.00 117.48 ? 212 ALA A C   1 
ATOM 1612 O O   . ALA A 1 212 ? -54.235 -87.543 41.219  1.00 118.35 ? 212 ALA A O   1 
ATOM 1613 C CB  . ALA A 1 212 ? -51.262 -88.682 41.662  1.00 116.61 ? 212 ALA A CB  1 
ATOM 1614 N N   . LEU A 1 213 ? -52.739 -85.878 41.022  1.00 116.31 ? 213 LEU A N   1 
ATOM 1615 C CA  . LEU A 1 213 ? -53.727 -84.851 41.328  1.00 116.17 ? 213 LEU A CA  1 
ATOM 1616 C C   . LEU A 1 213 ? -54.669 -84.631 40.153  1.00 116.19 ? 213 LEU A C   1 
ATOM 1617 O O   . LEU A 1 213 ? -55.884 -84.509 40.337  1.00 115.37 ? 213 LEU A O   1 
ATOM 1618 C CB  . LEU A 1 213 ? -53.025 -83.554 41.710  1.00 116.20 ? 213 LEU A CB  1 
ATOM 1619 C CG  . LEU A 1 213 ? -53.951 -82.405 42.096  1.00 115.63 ? 213 LEU A CG  1 
ATOM 1620 C CD1 . LEU A 1 213 ? -54.708 -82.751 43.355  1.00 114.98 ? 213 LEU A CD1 1 
ATOM 1621 C CD2 . LEU A 1 213 ? -53.160 -81.136 42.295  1.00 114.87 ? 213 LEU A CD2 1 
ATOM 1622 N N   . LYS A 1 214 ? -54.123 -84.574 38.939  1.00 116.40 ? 214 LYS A N   1 
ATOM 1623 C CA  . LYS A 1 214 ? -54.957 -84.446 37.751  1.00 115.16 ? 214 LYS A CA  1 
ATOM 1624 C C   . LYS A 1 214 ? -55.933 -85.603 37.622  1.00 116.27 ? 214 LYS A C   1 
ATOM 1625 O O   . LYS A 1 214 ? -57.041 -85.426 37.106  1.00 116.03 ? 214 LYS A O   1 
ATOM 1626 C CB  . LYS A 1 214 ? -54.082 -84.391 36.504  1.00 114.74 ? 214 LYS A CB  1 
ATOM 1627 C CG  . LYS A 1 214 ? -53.419 -83.065 36.248  1.00 114.58 ? 214 LYS A CG  1 
ATOM 1628 C CD  . LYS A 1 214 ? -52.606 -83.146 34.976  1.00 114.70 ? 214 LYS A CD  1 
ATOM 1629 C CE  . LYS A 1 214 ? -51.951 -81.833 34.631  1.00 114.71 ? 214 LYS A CE  1 
ATOM 1630 N NZ  . LYS A 1 214 ? -51.217 -81.948 33.346  1.00 114.32 ? 214 LYS A NZ  1 
ATOM 1631 N N   . ALA A 1 215 ? -55.547 -86.793 38.085  1.00 118.14 ? 215 ALA A N   1 
ATOM 1632 C CA  . ALA A 1 215 ? -56.474 -87.913 38.060  1.00 116.97 ? 215 ALA A CA  1 
ATOM 1633 C C   . ALA A 1 215 ? -57.695 -87.644 38.924  1.00 117.57 ? 215 ALA A C   1 
ATOM 1634 O O   . ALA A 1 215 ? -58.791 -88.128 38.620  1.00 117.73 ? 215 ALA A O   1 
ATOM 1635 C CB  . ALA A 1 215 ? -55.767 -89.183 38.526  1.00 116.07 ? 215 ALA A CB  1 
ATOM 1636 N N   . SER A 1 216 ? -57.535 -86.877 39.994  1.00 116.46 ? 216 SER A N   1 
ATOM 1637 C CA  . SER A 1 216 ? -58.644 -86.576 40.883  1.00 116.02 ? 216 SER A CA  1 
ATOM 1638 C C   . SER A 1 216 ? -59.619 -85.621 40.205  1.00 116.41 ? 216 SER A C   1 
ATOM 1639 O O   . SER A 1 216 ? -60.761 -85.979 39.915  1.00 114.97 ? 216 SER A O   1 
ATOM 1640 C CB  . SER A 1 216 ? -58.136 -85.975 42.189  1.00 115.13 ? 216 SER A CB  1 
ATOM 1641 O OG  . SER A 1 216 ? -59.171 -85.909 43.153  1.00 115.03 ? 216 SER A OG  1 
# 
